data_2YL9
#
_entry.id   2YL9
#
_cell.length_a   67.270
_cell.length_b   115.890
_cell.length_c   132.350
_cell.angle_alpha   90.00
_cell.angle_beta   99.46
_cell.angle_gamma   90.00
#
_symmetry.space_group_name_H-M   'P 1 21 1'
#
loop_
_entity.id
_entity.type
_entity.pdbx_description
1 polymer BETA-N-ACETYLHEXOSAMINIDASE
2 branched 2-acetamido-2-deoxy-beta-D-glucopyranose-(1-2)-alpha-D-mannopyranose-(1-3)-beta-D-mannopyranose-(1-4)-2-acetamido-2-deoxy-beta-D-glucopyranose
3 non-polymer 1,2-ETHANEDIOL
4 water water
#
_entity_poly.entity_id   1
_entity_poly.type   'polypeptide(L)'
_entity_poly.pdbx_seq_one_letter_code
;MGSSHHHHHHSSGLVPRGSHMEKLAKNKVISIDAGRKYFTLNQLKRIVDKASELGYSDVHLLLGNDGLRFLLDDMTITAN
GKTYASDDVKKAIIEGTKAYYDDPNGTALTQAEVTELIEYAKSKDIGLIPAINSPGHMDAMLVAMEKLGIKNPQAHFDKV
SKTTMDLKNEEAMNFVKALIGKYMDFFAGKTKIFNFGTDQYANDATSAQGWYYLKWYQLYGKFAEYANTLAAMAKERGLQ
PMAFNDGFYYEDKDDVQFDKDVLISYWSKGWWGYNLASPQYLASKGYKFLNTNGDWYYILGQKPEDGGGFLKKAIENTGK
TPFNQLASTKYPEVDLPTVGSMLSIWADRPSAEYKEEEIFELMTAFADHNKDYFRANYNALREELAKIPTNLEGYSKESL
EALDAAKTALNYNLNRNKQAELDTLVANLKAALQGLKPAVTHSGSLDENEVAANVET
;
_entity_poly.pdbx_strand_id   A,B,C,D
#
# COMPACT_ATOMS: atom_id res chain seq x y z
N GLY A 18 -34.61 -19.15 -3.60
CA GLY A 18 -35.30 -19.90 -4.68
C GLY A 18 -36.77 -20.12 -4.40
N SER A 19 -37.37 -19.19 -3.66
CA SER A 19 -38.76 -19.29 -3.24
C SER A 19 -39.74 -18.81 -4.29
N HIS A 20 -40.98 -18.60 -3.83
CA HIS A 20 -42.09 -18.05 -4.60
C HIS A 20 -41.85 -16.63 -5.15
N MET A 21 -41.26 -15.77 -4.32
CA MET A 21 -41.23 -14.31 -4.52
C MET A 21 -40.53 -13.81 -5.78
N GLU A 22 -39.50 -14.53 -6.21
CA GLU A 22 -38.59 -14.08 -7.28
C GLU A 22 -39.30 -13.58 -8.54
N LYS A 23 -40.23 -14.38 -9.06
CA LYS A 23 -40.95 -14.02 -10.29
C LYS A 23 -41.78 -12.75 -10.13
N LEU A 24 -42.57 -12.67 -9.06
CA LEU A 24 -43.42 -11.52 -8.79
C LEU A 24 -42.64 -10.24 -8.45
N ALA A 25 -41.45 -10.41 -7.89
CA ALA A 25 -40.58 -9.28 -7.54
C ALA A 25 -40.03 -8.57 -8.77
N LYS A 26 -40.06 -9.25 -9.92
CA LYS A 26 -39.57 -8.68 -11.18
C LYS A 26 -40.50 -7.61 -11.72
N ASN A 27 -39.95 -6.74 -12.57
CA ASN A 27 -40.73 -5.65 -13.16
C ASN A 27 -41.47 -6.07 -14.43
N LYS A 28 -42.75 -5.73 -14.49
CA LYS A 28 -43.58 -5.97 -15.67
C LYS A 28 -44.01 -4.61 -16.18
N VAL A 29 -43.42 -4.18 -17.29
CA VAL A 29 -43.57 -2.79 -17.74
C VAL A 29 -44.25 -2.68 -19.09
N ILE A 30 -45.21 -1.75 -19.17
CA ILE A 30 -45.78 -1.34 -20.44
C ILE A 30 -45.24 0.04 -20.82
N SER A 31 -44.67 0.14 -22.02
CA SER A 31 -44.11 1.38 -22.52
C SER A 31 -45.04 2.05 -23.53
N ILE A 32 -45.27 3.34 -23.32
CA ILE A 32 -46.13 4.14 -24.20
C ILE A 32 -45.31 5.30 -24.75
N ASP A 33 -45.31 5.43 -26.08
CA ASP A 33 -44.57 6.50 -26.75
C ASP A 33 -45.42 7.76 -26.77
N ALA A 34 -45.39 8.51 -25.67
CA ALA A 34 -46.12 9.76 -25.54
C ALA A 34 -45.22 10.98 -25.79
N GLY A 35 -44.11 10.74 -26.49
CA GLY A 35 -43.20 11.81 -26.91
C GLY A 35 -43.50 12.22 -28.34
N ARG A 36 -43.63 11.22 -29.22
CA ARG A 36 -43.99 11.45 -30.62
C ARG A 36 -45.45 11.87 -30.75
N LYS A 37 -46.31 11.20 -29.98
CA LYS A 37 -47.76 11.38 -30.05
C LYS A 37 -48.33 11.83 -28.71
N TYR A 38 -49.38 12.65 -28.75
CA TYR A 38 -50.04 13.12 -27.53
C TYR A 38 -51.01 12.08 -26.98
N PHE A 39 -50.97 11.90 -25.66
CA PHE A 39 -51.93 11.05 -24.96
C PHE A 39 -52.58 11.87 -23.86
N THR A 40 -53.90 11.80 -23.76
CA THR A 40 -54.63 12.53 -22.73
C THR A 40 -54.39 11.90 -21.37
N LEU A 41 -54.49 12.70 -20.31
CA LEU A 41 -54.35 12.21 -18.94
C LEU A 41 -55.22 10.99 -18.68
N ASN A 42 -56.46 11.05 -19.17
CA ASN A 42 -57.42 9.95 -19.01
C ASN A 42 -57.07 8.69 -19.80
N GLN A 43 -56.49 8.87 -20.99
CA GLN A 43 -55.99 7.74 -21.79
C GLN A 43 -54.90 6.98 -21.05
N LEU A 44 -53.98 7.72 -20.45
CA LEU A 44 -52.88 7.15 -19.68
C LEU A 44 -53.37 6.52 -18.38
N LYS A 45 -54.38 7.15 -17.77
CA LYS A 45 -55.02 6.61 -16.57
C LYS A 45 -55.62 5.23 -16.84
N ARG A 46 -56.23 5.07 -18.00
CA ARG A 46 -56.85 3.81 -18.38
C ARG A 46 -55.81 2.73 -18.72
N ILE A 47 -54.67 3.16 -19.25
CA ILE A 47 -53.53 2.27 -19.45
C ILE A 47 -52.99 1.80 -18.09
N VAL A 48 -52.86 2.74 -17.15
CA VAL A 48 -52.43 2.44 -15.78
C VAL A 48 -53.38 1.46 -15.07
N ASP A 49 -54.68 1.69 -15.25
CA ASP A 49 -55.71 0.84 -14.68
C ASP A 49 -55.65 -0.58 -15.26
N LYS A 50 -55.56 -0.67 -16.59
CA LYS A 50 -55.46 -1.95 -17.28
C LYS A 50 -54.16 -2.66 -16.91
N ALA A 51 -53.09 -1.89 -16.76
CA ALA A 51 -51.81 -2.43 -16.31
C ALA A 51 -51.92 -3.03 -14.90
N SER A 52 -52.62 -2.33 -14.01
CA SER A 52 -52.82 -2.82 -12.64
C SER A 52 -53.67 -4.08 -12.61
N GLU A 53 -54.71 -4.08 -13.45
CA GLU A 53 -55.64 -5.21 -13.57
C GLU A 53 -54.95 -6.45 -14.13
N LEU A 54 -54.13 -6.27 -15.16
CA LEU A 54 -53.43 -7.37 -15.80
C LEU A 54 -52.25 -7.91 -14.96
N GLY A 55 -51.74 -7.07 -14.06
CA GLY A 55 -50.69 -7.50 -13.14
C GLY A 55 -49.32 -6.91 -13.39
N TYR A 56 -49.26 -5.86 -14.20
CA TYR A 56 -48.03 -5.12 -14.46
C TYR A 56 -47.57 -4.37 -13.22
N SER A 57 -46.31 -3.96 -13.20
CA SER A 57 -45.73 -3.28 -12.04
C SER A 57 -45.48 -1.80 -12.31
N ASP A 58 -45.14 -1.47 -13.55
CA ASP A 58 -44.81 -0.10 -13.93
C ASP A 58 -45.36 0.29 -15.29
N VAL A 59 -45.51 1.60 -15.49
CA VAL A 59 -45.80 2.15 -16.81
C VAL A 59 -44.63 3.04 -17.20
N HIS A 60 -43.93 2.63 -18.25
CA HIS A 60 -42.86 3.43 -18.82
C HIS A 60 -43.48 4.46 -19.76
N LEU A 61 -43.30 5.73 -19.44
CA LEU A 61 -43.89 6.80 -20.21
C LEU A 61 -42.84 7.73 -20.81
N LEU A 62 -42.57 7.56 -22.10
CA LEU A 62 -41.72 8.50 -22.83
C LEU A 62 -42.47 9.83 -22.98
N LEU A 63 -41.87 10.89 -22.45
CA LEU A 63 -42.46 12.22 -22.53
C LEU A 63 -41.62 13.10 -23.44
N GLY A 64 -40.32 12.81 -23.48
CA GLY A 64 -39.39 13.42 -24.42
C GLY A 64 -38.90 12.35 -25.36
N ASN A 65 -39.48 12.30 -26.56
CA ASN A 65 -39.10 11.35 -27.60
C ASN A 65 -39.51 11.94 -28.94
N ASP A 66 -38.53 12.49 -29.66
CA ASP A 66 -38.77 13.34 -30.85
C ASP A 66 -39.46 14.65 -30.45
N GLY A 67 -40.74 14.58 -30.12
CA GLY A 67 -41.44 15.72 -29.53
C GLY A 67 -41.20 15.75 -28.04
N LEU A 68 -41.43 16.91 -27.43
CA LEU A 68 -41.34 17.04 -25.98
C LEU A 68 -42.71 17.41 -25.43
N ARG A 69 -43.40 16.42 -24.88
CA ARG A 69 -44.81 16.58 -24.54
C ARG A 69 -45.07 16.68 -23.04
N PHE A 70 -44.20 17.43 -22.37
CA PHE A 70 -44.33 17.65 -20.93
C PHE A 70 -43.73 19.00 -20.55
N LEU A 71 -44.57 19.84 -19.94
CA LEU A 71 -44.15 21.14 -19.44
C LEU A 71 -44.31 21.20 -17.93
N LEU A 72 -43.28 21.66 -17.24
CA LEU A 72 -43.37 21.94 -15.80
C LEU A 72 -44.01 23.32 -15.61
N ASP A 73 -44.46 23.60 -14.40
CA ASP A 73 -45.04 24.91 -14.09
C ASP A 73 -43.99 26.01 -14.20
N ASP A 74 -42.79 25.76 -13.67
CA ASP A 74 -41.66 26.68 -13.83
C ASP A 74 -40.59 26.06 -14.71
N MET A 75 -40.47 26.60 -15.93
CA MET A 75 -39.53 26.08 -16.91
C MET A 75 -38.32 26.98 -17.09
N THR A 76 -38.03 27.77 -16.06
CA THR A 76 -36.84 28.63 -16.06
C THR A 76 -35.59 27.77 -16.16
N ILE A 77 -34.72 28.10 -17.11
CA ILE A 77 -33.45 27.40 -17.31
C ILE A 77 -32.27 28.34 -17.11
N THR A 78 -31.26 27.86 -16.38
CA THR A 78 -30.04 28.62 -16.14
C THR A 78 -28.85 27.89 -16.76
N ALA A 79 -28.30 28.47 -17.84
CA ALA A 79 -27.21 27.86 -18.59
C ALA A 79 -26.44 28.89 -19.42
N ASN A 80 -25.13 28.66 -19.55
CA ASN A 80 -24.22 29.52 -20.34
C ASN A 80 -24.10 30.94 -19.79
N GLY A 81 -24.09 31.05 -18.46
CA GLY A 81 -23.95 32.34 -17.79
C GLY A 81 -25.12 33.29 -18.00
N LYS A 82 -26.23 32.75 -18.52
CA LYS A 82 -27.46 33.50 -18.72
C LYS A 82 -28.66 32.64 -18.34
N THR A 83 -29.83 33.26 -18.22
CA THR A 83 -31.06 32.54 -17.90
C THR A 83 -32.10 32.69 -19.00
N TYR A 84 -32.90 31.65 -19.18
CA TYR A 84 -33.97 31.65 -20.17
C TYR A 84 -35.29 31.63 -19.42
N ALA A 85 -36.07 32.70 -19.56
CA ALA A 85 -37.31 32.89 -18.82
C ALA A 85 -38.32 31.76 -19.06
N SER A 86 -39.04 31.39 -18.00
CA SER A 86 -39.99 30.28 -18.01
C SER A 86 -40.97 30.31 -19.19
N ASP A 87 -41.61 31.46 -19.40
CA ASP A 87 -42.58 31.63 -20.49
C ASP A 87 -41.92 31.53 -21.87
N ASP A 88 -40.70 32.02 -21.97
CA ASP A 88 -39.92 31.95 -23.22
C ASP A 88 -39.54 30.50 -23.55
N VAL A 89 -39.19 29.73 -22.53
CA VAL A 89 -38.85 28.31 -22.67
C VAL A 89 -40.06 27.47 -23.09
N LYS A 90 -41.20 27.70 -22.44
CA LYS A 90 -42.45 26.96 -22.72
C LYS A 90 -42.91 27.12 -24.17
N LYS A 91 -42.99 28.36 -24.64
CA LYS A 91 -43.45 28.69 -25.99
C LYS A 91 -42.55 28.05 -27.05
N ALA A 92 -41.23 28.11 -26.81
CA ALA A 92 -40.24 27.52 -27.71
C ALA A 92 -40.37 25.99 -27.82
N ILE A 93 -40.67 25.35 -26.69
CA ILE A 93 -40.87 23.90 -26.65
C ILE A 93 -42.16 23.51 -27.37
N ILE A 94 -43.24 24.23 -27.06
CA ILE A 94 -44.52 24.04 -27.75
C ILE A 94 -44.33 24.15 -29.26
N GLU A 95 -43.55 25.13 -29.69
CA GLU A 95 -43.26 25.34 -31.10
C GLU A 95 -42.41 24.22 -31.69
N GLY A 96 -41.48 23.69 -30.89
CA GLY A 96 -40.64 22.57 -31.30
C GLY A 96 -41.43 21.30 -31.53
N THR A 97 -42.27 20.96 -30.55
CA THR A 97 -43.15 19.79 -30.62
C THR A 97 -44.09 19.88 -31.83
N LYS A 98 -44.67 21.07 -32.02
CA LYS A 98 -45.53 21.34 -33.18
C LYS A 98 -44.76 21.28 -34.50
N ALA A 99 -43.50 21.70 -34.46
CA ALA A 99 -42.63 21.62 -35.64
C ALA A 99 -42.37 20.18 -36.05
N TYR A 100 -42.19 19.31 -35.04
CA TYR A 100 -42.07 17.88 -35.29
C TYR A 100 -43.40 17.27 -35.74
N TYR A 101 -44.46 17.57 -34.99
CA TYR A 101 -45.80 17.07 -35.29
C TYR A 101 -46.86 17.85 -34.51
N ASP A 102 -47.67 18.63 -35.22
CA ASP A 102 -48.75 19.37 -34.59
C ASP A 102 -49.96 18.47 -34.39
N ASP A 103 -49.94 17.74 -33.27
CA ASP A 103 -50.99 16.80 -32.91
C ASP A 103 -52.31 17.51 -32.63
N PRO A 104 -53.36 17.19 -33.41
CA PRO A 104 -54.69 17.80 -33.21
C PRO A 104 -55.35 17.41 -31.89
N ASN A 105 -54.82 16.38 -31.23
CA ASN A 105 -55.36 15.90 -29.96
C ASN A 105 -54.80 16.64 -28.74
N GLY A 106 -53.65 17.30 -28.93
CA GLY A 106 -53.00 18.05 -27.86
C GLY A 106 -51.51 18.18 -28.10
N THR A 107 -50.86 19.06 -27.33
CA THR A 107 -49.43 19.35 -27.52
C THR A 107 -48.56 18.74 -26.44
N ALA A 108 -48.80 19.12 -25.18
CA ALA A 108 -47.94 18.71 -24.06
C ALA A 108 -48.73 18.57 -22.77
N LEU A 109 -48.38 17.57 -21.98
CA LEU A 109 -48.98 17.37 -20.66
C LEU A 109 -48.47 18.40 -19.66
N THR A 110 -49.32 18.77 -18.71
CA THR A 110 -48.98 19.76 -17.69
C THR A 110 -48.37 19.08 -16.48
N GLN A 111 -47.79 19.88 -15.58
CA GLN A 111 -47.25 19.36 -14.32
C GLN A 111 -48.34 18.71 -13.47
N ALA A 112 -49.49 19.39 -13.38
CA ALA A 112 -50.63 18.91 -12.58
C ALA A 112 -51.19 17.58 -13.09
N GLU A 113 -51.14 17.37 -14.40
CA GLU A 113 -51.62 16.14 -15.03
C GLU A 113 -50.69 14.96 -14.76
N VAL A 114 -49.39 15.17 -14.97
CA VAL A 114 -48.37 14.16 -14.70
C VAL A 114 -48.26 13.84 -13.21
N THR A 115 -48.46 14.84 -12.36
CA THR A 115 -48.48 14.65 -10.91
C THR A 115 -49.64 13.73 -10.50
N GLU A 116 -50.85 14.02 -11.02
CA GLU A 116 -52.04 13.21 -10.75
C GLU A 116 -51.87 11.77 -11.26
N LEU A 117 -51.22 11.63 -12.42
CA LEU A 117 -50.94 10.31 -12.98
C LEU A 117 -50.09 9.46 -12.04
N ILE A 118 -49.04 10.07 -11.47
CA ILE A 118 -48.14 9.38 -10.54
C ILE A 118 -48.88 8.94 -9.27
N GLU A 119 -49.67 9.83 -8.68
CA GLU A 119 -50.43 9.51 -7.47
C GLU A 119 -51.52 8.47 -7.73
N TYR A 120 -52.18 8.58 -8.88
CA TYR A 120 -53.18 7.60 -9.31
C TYR A 120 -52.57 6.21 -9.48
N ALA A 121 -51.41 6.17 -10.12
CA ALA A 121 -50.68 4.92 -10.33
C ALA A 121 -50.22 4.31 -9.01
N LYS A 122 -49.75 5.16 -8.11
CA LYS A 122 -49.30 4.75 -6.77
C LYS A 122 -50.41 4.09 -5.95
N SER A 123 -51.65 4.54 -6.17
CA SER A 123 -52.81 3.99 -5.49
C SER A 123 -53.20 2.59 -6.00
N LYS A 124 -52.62 2.20 -7.13
CA LYS A 124 -52.90 0.90 -7.74
C LYS A 124 -51.67 -0.01 -7.80
N ASP A 125 -50.65 0.33 -7.01
CA ASP A 125 -49.36 -0.38 -6.99
C ASP A 125 -48.69 -0.40 -8.37
N ILE A 126 -48.71 0.76 -9.03
CA ILE A 126 -48.11 0.92 -10.36
C ILE A 126 -47.05 2.02 -10.31
N GLY A 127 -45.84 1.67 -10.70
CA GLY A 127 -44.76 2.66 -10.82
C GLY A 127 -44.87 3.42 -12.12
N LEU A 128 -44.27 4.60 -12.16
CA LEU A 128 -44.19 5.39 -13.38
C LEU A 128 -42.73 5.58 -13.72
N ILE A 129 -42.34 5.22 -14.95
CA ILE A 129 -40.96 5.41 -15.38
C ILE A 129 -40.91 6.40 -16.55
N PRO A 130 -40.55 7.66 -16.25
CA PRO A 130 -40.47 8.71 -17.27
C PRO A 130 -39.21 8.59 -18.13
N ALA A 131 -39.32 9.01 -19.39
CA ALA A 131 -38.19 9.02 -20.30
C ALA A 131 -38.11 10.34 -21.05
N ILE A 132 -37.00 11.06 -20.85
CA ILE A 132 -36.71 12.27 -21.61
C ILE A 132 -35.46 12.02 -22.45
N ASN A 133 -35.65 11.79 -23.74
CA ASN A 133 -34.59 11.32 -24.62
C ASN A 133 -33.60 12.41 -25.05
N SER A 134 -32.33 12.00 -25.14
CA SER A 134 -31.22 12.79 -25.67
C SER A 134 -29.99 11.87 -25.72
N PRO A 135 -28.98 12.17 -26.57
CA PRO A 135 -28.87 13.30 -27.49
C PRO A 135 -29.57 13.09 -28.84
N GLY A 136 -30.14 11.91 -29.06
CA GLY A 136 -30.98 11.67 -30.23
C GLY A 136 -32.44 11.89 -29.86
N HIS A 137 -33.33 11.69 -30.83
CA HIS A 137 -34.78 11.80 -30.62
C HIS A 137 -35.19 13.06 -29.86
N MET A 138 -34.69 14.20 -30.31
CA MET A 138 -34.96 15.47 -29.63
C MET A 138 -35.25 16.60 -30.62
N ASP A 139 -36.06 16.29 -31.63
CA ASP A 139 -36.46 17.27 -32.65
C ASP A 139 -37.00 18.55 -32.02
N ALA A 140 -37.87 18.38 -31.03
CA ALA A 140 -38.54 19.50 -30.36
C ALA A 140 -37.57 20.39 -29.61
N MET A 141 -36.61 19.76 -28.91
CA MET A 141 -35.61 20.50 -28.12
C MET A 141 -34.65 21.30 -29.00
N LEU A 142 -34.28 20.73 -30.14
CA LEU A 142 -33.37 21.37 -31.09
C LEU A 142 -33.94 22.68 -31.64
N VAL A 143 -35.19 22.61 -32.10
CA VAL A 143 -35.89 23.78 -32.63
C VAL A 143 -36.16 24.80 -31.53
N ALA A 144 -36.52 24.30 -30.35
CA ALA A 144 -36.72 25.14 -29.16
C ALA A 144 -35.48 25.97 -28.86
N MET A 145 -34.31 25.32 -28.91
CA MET A 145 -33.04 25.99 -28.71
C MET A 145 -32.75 27.06 -29.77
N GLU A 146 -33.13 26.77 -31.01
CA GLU A 146 -33.02 27.75 -32.10
C GLU A 146 -33.86 28.97 -31.75
N LYS A 147 -35.12 28.73 -31.40
CA LYS A 147 -36.05 29.77 -30.98
C LYS A 147 -35.59 30.51 -29.71
N LEU A 148 -34.75 29.85 -28.92
CA LEU A 148 -34.18 30.45 -27.71
C LEU A 148 -32.86 31.18 -27.94
N GLY A 149 -32.45 31.28 -29.21
CA GLY A 149 -31.23 32.01 -29.57
C GLY A 149 -29.98 31.16 -29.74
N ILE A 150 -30.02 29.92 -29.22
CA ILE A 150 -28.91 28.98 -29.35
C ILE A 150 -28.78 28.53 -30.81
N LYS A 151 -27.75 29.02 -31.49
CA LYS A 151 -27.57 28.84 -32.93
C LYS A 151 -26.96 27.48 -33.25
N ASN A 152 -27.53 26.82 -34.25
CA ASN A 152 -27.08 25.50 -34.76
C ASN A 152 -26.82 24.42 -33.69
N PRO A 153 -27.89 23.93 -33.03
CA PRO A 153 -27.71 22.88 -32.03
C PRO A 153 -27.60 21.47 -32.64
N GLN A 154 -27.97 21.33 -33.91
CA GLN A 154 -28.05 20.02 -34.56
C GLN A 154 -26.70 19.45 -35.00
N ALA A 155 -26.58 18.12 -34.90
CA ALA A 155 -25.41 17.40 -35.39
C ALA A 155 -25.32 17.52 -36.91
N HIS A 156 -24.13 17.29 -37.46
CA HIS A 156 -23.86 17.54 -38.87
C HIS A 156 -22.95 16.48 -39.47
N PHE A 157 -23.51 15.61 -40.31
CA PHE A 157 -22.75 14.56 -40.98
C PHE A 157 -22.99 14.50 -42.50
N ASP A 158 -23.76 13.51 -42.96
CA ASP A 158 -24.15 13.42 -44.38
C ASP A 158 -25.08 14.57 -44.75
N LYS A 159 -25.79 15.07 -43.73
CA LYS A 159 -26.56 16.30 -43.81
C LYS A 159 -26.73 16.82 -42.39
N VAL A 160 -27.33 18.00 -42.25
CA VAL A 160 -27.63 18.54 -40.93
C VAL A 160 -28.76 17.70 -40.34
N SER A 161 -28.55 17.23 -39.11
CA SER A 161 -29.54 16.40 -38.43
C SER A 161 -30.78 17.22 -38.05
N LYS A 162 -31.90 16.53 -37.86
CA LYS A 162 -33.12 17.15 -37.38
C LYS A 162 -33.55 16.52 -36.05
N THR A 163 -32.79 15.51 -35.61
CA THR A 163 -33.17 14.69 -34.47
C THR A 163 -32.12 14.69 -33.37
N THR A 164 -30.89 15.05 -33.71
CA THR A 164 -29.74 14.82 -32.83
C THR A 164 -28.90 16.07 -32.57
N MET A 165 -28.41 16.18 -31.35
CA MET A 165 -27.61 17.32 -30.91
C MET A 165 -26.12 17.13 -31.23
N ASP A 166 -25.47 18.22 -31.63
CA ASP A 166 -24.02 18.26 -31.82
C ASP A 166 -23.33 18.22 -30.46
N LEU A 167 -22.42 17.26 -30.28
CA LEU A 167 -21.74 17.07 -29.00
C LEU A 167 -20.63 18.08 -28.75
N LYS A 168 -20.20 18.76 -29.82
CA LYS A 168 -19.14 19.76 -29.75
C LYS A 168 -19.68 21.14 -29.34
N ASN A 169 -20.99 21.33 -29.49
CA ASN A 169 -21.64 22.59 -29.16
C ASN A 169 -21.98 22.71 -27.68
N GLU A 170 -21.14 23.43 -26.93
CA GLU A 170 -21.31 23.60 -25.49
C GLU A 170 -22.61 24.31 -25.10
N GLU A 171 -22.95 25.35 -25.85
CA GLU A 171 -24.16 26.13 -25.62
C GLU A 171 -25.42 25.25 -25.60
N ALA A 172 -25.51 24.34 -26.57
CA ALA A 172 -26.64 23.42 -26.67
C ALA A 172 -26.55 22.33 -25.60
N MET A 173 -25.34 21.82 -25.39
CA MET A 173 -25.09 20.76 -24.40
C MET A 173 -25.45 21.22 -23.00
N ASN A 174 -24.99 22.42 -22.63
CA ASN A 174 -25.26 23.00 -21.31
C ASN A 174 -26.75 23.22 -21.06
N PHE A 175 -27.44 23.79 -22.04
CA PHE A 175 -28.88 24.00 -21.93
C PHE A 175 -29.63 22.70 -21.70
N VAL A 176 -29.36 21.71 -22.56
CA VAL A 176 -30.02 20.41 -22.51
C VAL A 176 -29.79 19.69 -21.18
N LYS A 177 -28.57 19.77 -20.66
CA LYS A 177 -28.25 19.22 -19.34
C LYS A 177 -29.10 19.87 -18.25
N ALA A 178 -29.24 21.19 -18.32
CA ALA A 178 -30.03 21.94 -17.35
C ALA A 178 -31.52 21.64 -17.49
N LEU A 179 -31.96 21.44 -18.73
CA LEU A 179 -33.35 21.10 -19.02
C LEU A 179 -33.72 19.74 -18.45
N ILE A 180 -32.90 18.72 -18.75
CA ILE A 180 -33.10 17.38 -18.23
C ILE A 180 -32.98 17.38 -16.70
N GLY A 181 -32.09 18.22 -16.18
CA GLY A 181 -31.95 18.41 -14.74
C GLY A 181 -33.20 18.92 -14.07
N LYS A 182 -33.88 19.87 -14.71
CA LYS A 182 -35.14 20.40 -14.18
C LYS A 182 -36.26 19.36 -14.18
N TYR A 183 -36.30 18.50 -15.18
CA TYR A 183 -37.22 17.36 -15.20
C TYR A 183 -36.85 16.38 -14.08
N MET A 184 -35.55 16.10 -13.97
CA MET A 184 -35.03 15.21 -12.93
C MET A 184 -35.35 15.71 -11.52
N ASP A 185 -35.37 17.04 -11.35
CA ASP A 185 -35.77 17.65 -10.09
C ASP A 185 -37.22 17.35 -9.74
N PHE A 186 -38.06 17.31 -10.78
CA PHE A 186 -39.48 17.00 -10.62
C PHE A 186 -39.72 15.54 -10.24
N PHE A 187 -39.12 14.62 -10.99
CA PHE A 187 -39.35 13.19 -10.78
C PHE A 187 -38.62 12.60 -9.56
N ALA A 188 -37.72 13.38 -8.97
CA ALA A 188 -37.04 13.00 -7.73
C ALA A 188 -38.02 12.91 -6.56
N GLY A 189 -38.02 11.77 -5.88
CA GLY A 189 -38.94 11.53 -4.76
C GLY A 189 -40.32 11.10 -5.19
N LYS A 190 -40.58 11.15 -6.50
CA LYS A 190 -41.87 10.75 -7.06
C LYS A 190 -41.77 9.41 -7.77
N THR A 191 -40.64 9.20 -8.46
CA THR A 191 -40.41 7.97 -9.22
C THR A 191 -39.04 7.38 -8.89
N LYS A 192 -38.93 6.06 -8.99
CA LYS A 192 -37.68 5.36 -8.67
C LYS A 192 -36.65 5.50 -9.80
N ILE A 193 -37.12 5.39 -11.04
CA ILE A 193 -36.25 5.32 -12.22
C ILE A 193 -36.45 6.52 -13.13
N PHE A 194 -35.38 6.92 -13.82
CA PHE A 194 -35.43 7.97 -14.84
C PHE A 194 -34.64 7.56 -16.07
N ASN A 195 -35.34 7.41 -17.19
CA ASN A 195 -34.73 6.99 -18.45
C ASN A 195 -34.35 8.18 -19.33
N PHE A 196 -33.06 8.28 -19.66
CA PHE A 196 -32.58 9.36 -20.53
C PHE A 196 -32.28 8.90 -21.97
N GLY A 197 -32.51 7.60 -22.23
CA GLY A 197 -32.48 7.06 -23.58
C GLY A 197 -31.10 6.82 -24.16
N THR A 198 -30.60 7.82 -24.89
CA THR A 198 -29.32 7.78 -25.63
C THR A 198 -29.29 6.77 -26.80
N ASP A 199 -30.45 6.53 -27.40
CA ASP A 199 -30.55 5.56 -28.49
C ASP A 199 -30.52 6.22 -29.86
N GLN A 200 -29.99 5.49 -30.84
CA GLN A 200 -30.04 5.86 -32.27
C GLN A 200 -29.52 7.27 -32.55
N TYR A 201 -28.23 7.48 -32.28
CA TYR A 201 -27.58 8.77 -32.52
C TYR A 201 -27.61 9.09 -34.02
N ALA A 202 -28.07 10.31 -34.34
CA ALA A 202 -28.08 10.85 -35.71
C ALA A 202 -28.39 9.82 -36.80
N ASN A 203 -29.41 9.00 -36.58
CA ASN A 203 -29.80 7.99 -37.56
C ASN A 203 -30.24 8.60 -38.89
N ASP A 204 -30.92 9.73 -38.82
CA ASP A 204 -31.40 10.43 -40.02
C ASP A 204 -30.26 11.08 -40.81
N ALA A 205 -29.18 11.42 -40.13
CA ALA A 205 -28.07 12.14 -40.74
C ALA A 205 -26.92 11.23 -41.19
N THR A 206 -26.98 9.95 -40.85
CA THR A 206 -25.90 9.00 -41.14
C THR A 206 -26.37 7.66 -41.73
N SER A 207 -27.62 7.62 -42.19
CA SER A 207 -28.24 6.39 -42.70
C SER A 207 -28.21 5.25 -41.67
N ALA A 208 -28.64 5.55 -40.45
CA ALA A 208 -28.67 4.60 -39.33
C ALA A 208 -27.32 3.94 -39.01
N GLN A 209 -26.25 4.75 -39.03
CA GLN A 209 -24.91 4.28 -38.68
C GLN A 209 -24.24 5.28 -37.74
N GLY A 210 -25.02 5.85 -36.83
CA GLY A 210 -24.57 6.95 -35.98
C GLY A 210 -23.36 6.67 -35.11
N TRP A 211 -23.26 5.44 -34.61
CA TRP A 211 -22.16 5.06 -33.72
C TRP A 211 -20.86 4.86 -34.50
N TYR A 212 -20.99 4.40 -35.74
CA TYR A 212 -19.85 4.29 -36.65
C TYR A 212 -19.33 5.68 -36.99
N TYR A 213 -20.24 6.63 -37.19
CA TYR A 213 -19.87 8.02 -37.49
C TYR A 213 -19.20 8.72 -36.30
N LEU A 214 -19.64 8.38 -35.09
CA LEU A 214 -19.02 8.92 -33.87
C LEU A 214 -17.59 8.40 -33.70
N LYS A 215 -17.40 7.10 -33.91
CA LYS A 215 -16.08 6.48 -33.90
C LYS A 215 -15.15 7.18 -34.90
N TRP A 216 -15.65 7.35 -36.13
CA TRP A 216 -14.91 7.95 -37.23
C TRP A 216 -14.35 9.34 -36.90
N TYR A 217 -15.18 10.19 -36.30
CA TYR A 217 -14.78 11.57 -35.99
C TYR A 217 -14.27 11.72 -34.54
N GLN A 218 -13.92 10.60 -33.92
CA GLN A 218 -13.39 10.56 -32.56
C GLN A 218 -14.27 11.32 -31.57
N LEU A 219 -15.58 11.12 -31.68
CA LEU A 219 -16.57 11.80 -30.84
C LEU A 219 -17.35 10.82 -29.96
N TYR A 220 -16.96 9.55 -30.00
CA TYR A 220 -17.60 8.51 -29.20
C TYR A 220 -17.32 8.69 -27.71
N GLY A 221 -16.11 9.15 -27.40
CA GLY A 221 -15.75 9.49 -26.02
C GLY A 221 -16.57 10.66 -25.50
N LYS A 222 -16.85 11.62 -26.38
CA LYS A 222 -17.72 12.75 -26.06
C LYS A 222 -19.14 12.31 -25.70
N PHE A 223 -19.64 11.28 -26.38
CA PHE A 223 -20.96 10.73 -26.11
C PHE A 223 -21.00 10.05 -24.75
N ALA A 224 -19.93 9.31 -24.42
CA ALA A 224 -19.80 8.64 -23.14
C ALA A 224 -19.80 9.65 -22.00
N GLU A 225 -19.00 10.71 -22.15
CA GLU A 225 -18.93 11.80 -21.18
C GLU A 225 -20.32 12.36 -20.90
N TYR A 226 -21.10 12.56 -21.97
CA TYR A 226 -22.47 13.07 -21.86
C TYR A 226 -23.42 12.07 -21.17
N ALA A 227 -23.36 10.80 -21.59
CA ALA A 227 -24.16 9.74 -20.98
C ALA A 227 -23.82 9.53 -19.50
N ASN A 228 -22.52 9.52 -19.18
CA ASN A 228 -22.06 9.36 -17.79
C ASN A 228 -22.48 10.53 -16.90
N THR A 229 -22.50 11.73 -17.49
CA THR A 229 -22.97 12.94 -16.80
C THR A 229 -24.45 12.79 -16.44
N LEU A 230 -25.23 12.30 -17.41
CA LEU A 230 -26.67 12.07 -17.23
C LEU A 230 -26.98 11.00 -16.19
N ALA A 231 -26.11 10.00 -16.08
CA ALA A 231 -26.25 8.95 -15.08
C ALA A 231 -25.94 9.46 -13.68
N ALA A 232 -24.92 10.31 -13.56
CA ALA A 232 -24.56 10.94 -12.29
C ALA A 232 -25.63 11.92 -11.83
N MET A 233 -26.18 12.66 -12.79
CA MET A 233 -27.28 13.58 -12.53
C MET A 233 -28.49 12.87 -11.93
N ALA A 234 -28.78 11.68 -12.45
CA ALA A 234 -29.86 10.84 -11.94
C ALA A 234 -29.56 10.37 -10.50
N LYS A 235 -28.37 9.80 -10.31
CA LYS A 235 -27.98 9.21 -9.02
C LYS A 235 -27.98 10.22 -7.87
N GLU A 236 -27.38 11.39 -8.10
CA GLU A 236 -27.28 12.42 -7.06
C GLU A 236 -28.64 13.03 -6.70
N ARG A 237 -29.63 12.78 -7.55
CA ARG A 237 -31.01 13.20 -7.30
C ARG A 237 -31.87 12.05 -6.75
N GLY A 238 -31.25 10.91 -6.51
CA GLY A 238 -31.93 9.75 -5.95
C GLY A 238 -32.80 9.05 -6.97
N LEU A 239 -32.37 9.08 -8.23
CA LEU A 239 -33.05 8.37 -9.30
C LEU A 239 -32.14 7.30 -9.89
N GLN A 240 -32.69 6.09 -10.06
CA GLN A 240 -31.99 5.01 -10.75
C GLN A 240 -31.90 5.36 -12.23
N PRO A 241 -30.68 5.54 -12.76
CA PRO A 241 -30.55 5.87 -14.18
C PRO A 241 -30.86 4.70 -15.10
N MET A 242 -31.71 4.96 -16.09
CA MET A 242 -31.95 4.00 -17.16
C MET A 242 -31.59 4.63 -18.51
N ALA A 243 -31.09 3.79 -19.41
CA ALA A 243 -30.80 4.19 -20.78
C ALA A 243 -30.93 2.98 -21.69
N PHE A 244 -31.13 3.23 -22.98
CA PHE A 244 -31.15 2.16 -23.97
C PHE A 244 -29.74 1.68 -24.25
N ASN A 245 -29.63 0.47 -24.81
CA ASN A 245 -28.34 -0.21 -24.97
C ASN A 245 -27.44 0.35 -26.07
N ASP A 246 -28.06 0.83 -27.14
CA ASP A 246 -27.35 1.21 -28.38
C ASP A 246 -25.91 1.68 -28.18
N GLY A 247 -25.74 2.81 -27.50
CA GLY A 247 -24.42 3.45 -27.38
C GLY A 247 -23.53 2.98 -26.25
N PHE A 248 -23.92 1.91 -25.57
CA PHE A 248 -23.12 1.37 -24.47
C PHE A 248 -22.18 0.27 -24.96
N TYR A 249 -20.88 0.57 -24.91
CA TYR A 249 -19.81 -0.34 -25.34
C TYR A 249 -20.03 -0.91 -26.75
N TYR A 250 -20.24 -0.01 -27.70
CA TYR A 250 -20.48 -0.35 -29.10
C TYR A 250 -19.40 -1.26 -29.66
N GLU A 251 -19.85 -2.35 -30.31
CA GLU A 251 -18.97 -3.34 -30.94
C GLU A 251 -18.06 -4.09 -29.94
N ASP A 252 -18.50 -4.15 -28.69
CA ASP A 252 -17.79 -4.83 -27.60
C ASP A 252 -16.40 -4.28 -27.30
N LYS A 253 -16.17 -3.03 -27.70
CA LYS A 253 -14.93 -2.33 -27.41
C LYS A 253 -15.05 -1.61 -26.06
N ASP A 254 -14.03 -1.73 -25.23
CA ASP A 254 -14.00 -1.06 -23.92
C ASP A 254 -12.87 -0.01 -23.83
N ASP A 255 -12.52 0.56 -24.98
CA ASP A 255 -11.56 1.66 -25.03
C ASP A 255 -12.16 2.91 -24.38
N VAL A 256 -13.46 3.08 -24.55
CA VAL A 256 -14.22 4.15 -23.91
C VAL A 256 -15.16 3.54 -22.88
N GLN A 257 -14.98 3.92 -21.60
CA GLN A 257 -15.76 3.35 -20.50
C GLN A 257 -17.09 4.06 -20.23
N PHE A 258 -18.03 3.32 -19.65
CA PHE A 258 -19.35 3.85 -19.31
C PHE A 258 -19.72 3.56 -17.86
N ASP A 259 -20.63 4.37 -17.32
CA ASP A 259 -21.14 4.21 -15.96
C ASP A 259 -21.81 2.84 -15.80
N LYS A 260 -21.45 2.11 -14.75
CA LYS A 260 -21.95 0.75 -14.51
C LYS A 260 -23.28 0.72 -13.75
N ASP A 261 -23.64 1.86 -13.14
CA ASP A 261 -24.86 1.96 -12.36
C ASP A 261 -26.12 2.17 -13.21
N VAL A 262 -25.96 2.10 -14.54
CA VAL A 262 -27.06 2.35 -15.44
C VAL A 262 -27.86 1.08 -15.71
N LEU A 263 -29.17 1.15 -15.43
CA LEU A 263 -30.10 0.09 -15.81
C LEU A 263 -30.28 0.11 -17.32
N ILE A 264 -29.83 -0.95 -17.98
CA ILE A 264 -29.85 -1.02 -19.44
C ILE A 264 -31.16 -1.62 -19.97
N SER A 265 -31.93 -0.79 -20.66
CA SER A 265 -33.10 -1.26 -21.39
C SER A 265 -32.63 -1.85 -22.73
N TYR A 266 -32.54 -3.17 -22.79
CA TYR A 266 -31.98 -3.84 -23.96
C TYR A 266 -33.06 -4.26 -24.94
N TRP A 267 -33.02 -3.68 -26.14
CA TRP A 267 -34.07 -3.90 -27.14
C TRP A 267 -33.62 -4.67 -28.37
N SER A 268 -32.34 -4.51 -28.75
CA SER A 268 -31.78 -5.15 -29.93
C SER A 268 -30.24 -5.14 -29.92
N LYS A 269 -29.65 -6.05 -30.68
CA LYS A 269 -28.20 -6.02 -30.92
C LYS A 269 -27.92 -5.29 -32.25
N GLY A 270 -28.97 -4.80 -32.89
CA GLY A 270 -28.85 -4.09 -34.14
C GLY A 270 -28.93 -4.99 -35.36
N TRP A 271 -28.20 -4.59 -36.40
CA TRP A 271 -28.22 -5.25 -37.70
C TRP A 271 -26.90 -4.97 -38.39
N TRP A 272 -26.82 -5.26 -39.69
CA TRP A 272 -25.61 -5.01 -40.46
C TRP A 272 -25.24 -3.52 -40.47
N GLY A 273 -24.02 -3.22 -40.05
CA GLY A 273 -23.53 -1.84 -39.99
C GLY A 273 -23.96 -1.07 -38.75
N TYR A 274 -24.71 -1.75 -37.88
CA TYR A 274 -25.19 -1.18 -36.64
C TYR A 274 -24.83 -2.16 -35.51
N ASN A 275 -23.53 -2.22 -35.22
CA ASN A 275 -22.99 -3.30 -34.40
C ASN A 275 -23.02 -3.02 -32.90
N LEU A 276 -24.21 -3.20 -32.32
CA LEU A 276 -24.42 -2.94 -30.90
C LEU A 276 -23.79 -4.04 -30.06
N ALA A 277 -23.46 -3.70 -28.81
CA ALA A 277 -22.91 -4.65 -27.86
C ALA A 277 -23.90 -5.76 -27.56
N SER A 278 -23.39 -6.98 -27.43
CA SER A 278 -24.20 -8.13 -27.06
C SER A 278 -24.68 -8.02 -25.61
N PRO A 279 -25.82 -8.66 -25.28
CA PRO A 279 -26.21 -8.74 -23.88
C PRO A 279 -25.11 -9.42 -23.05
N GLN A 280 -24.48 -10.45 -23.62
CA GLN A 280 -23.38 -11.17 -22.96
C GLN A 280 -22.22 -10.26 -22.58
N TYR A 281 -21.89 -9.31 -23.45
CA TYR A 281 -20.79 -8.38 -23.17
C TYR A 281 -21.15 -7.36 -22.09
N LEU A 282 -22.37 -6.81 -22.16
CA LEU A 282 -22.83 -5.85 -21.17
C LEU A 282 -22.96 -6.50 -19.79
N ALA A 283 -23.38 -7.76 -19.76
CA ALA A 283 -23.43 -8.52 -18.51
C ALA A 283 -22.04 -8.72 -17.91
N SER A 284 -21.03 -8.88 -18.78
CA SER A 284 -19.65 -9.04 -18.33
C SER A 284 -19.06 -7.74 -17.80
N LYS A 285 -19.73 -6.63 -18.08
CA LYS A 285 -19.36 -5.32 -17.53
C LYS A 285 -20.17 -4.98 -16.28
N GLY A 286 -20.98 -5.93 -15.82
CA GLY A 286 -21.72 -5.80 -14.56
C GLY A 286 -23.10 -5.17 -14.68
N TYR A 287 -23.59 -5.04 -15.92
CA TYR A 287 -24.88 -4.41 -16.16
C TYR A 287 -26.07 -5.33 -15.83
N LYS A 288 -27.14 -4.72 -15.34
CA LYS A 288 -28.43 -5.39 -15.19
C LYS A 288 -29.35 -4.91 -16.31
N PHE A 289 -30.26 -5.78 -16.76
CA PHE A 289 -31.11 -5.47 -17.90
C PHE A 289 -32.58 -5.33 -17.54
N LEU A 290 -33.24 -4.33 -18.13
CA LEU A 290 -34.67 -4.38 -18.29
C LEU A 290 -34.92 -4.96 -19.67
N ASN A 291 -35.41 -6.20 -19.70
CA ASN A 291 -35.65 -6.91 -20.95
C ASN A 291 -36.74 -6.23 -21.78
N THR A 292 -36.30 -5.33 -22.67
CA THR A 292 -37.19 -4.60 -23.55
C THR A 292 -37.09 -5.17 -24.96
N ASN A 293 -37.30 -6.49 -25.06
CA ASN A 293 -37.15 -7.22 -26.32
C ASN A 293 -37.95 -6.61 -27.48
N GLY A 294 -37.26 -6.37 -28.59
CA GLY A 294 -37.86 -5.80 -29.78
C GLY A 294 -39.01 -6.60 -30.33
N ASP A 295 -38.99 -7.91 -30.10
CA ASP A 295 -40.04 -8.83 -30.56
C ASP A 295 -41.45 -8.41 -30.14
N TRP A 296 -41.55 -7.76 -28.98
CA TRP A 296 -42.84 -7.37 -28.40
C TRP A 296 -43.30 -5.96 -28.82
N TYR A 297 -42.58 -5.35 -29.76
CA TYR A 297 -42.86 -3.98 -30.20
C TYR A 297 -44.14 -3.89 -31.01
N TYR A 298 -44.91 -2.82 -30.80
CA TYR A 298 -46.02 -2.47 -31.68
C TYR A 298 -46.00 -0.99 -32.04
N ILE A 299 -45.88 -0.72 -33.35
CA ILE A 299 -45.94 0.63 -33.89
C ILE A 299 -47.38 0.91 -34.32
N LEU A 300 -47.97 1.96 -33.74
CA LEU A 300 -49.36 2.31 -34.02
C LEU A 300 -49.62 2.40 -35.52
N GLY A 301 -50.66 1.70 -35.98
CA GLY A 301 -51.09 1.73 -37.37
C GLY A 301 -50.35 0.78 -38.30
N GLN A 302 -49.31 0.14 -37.79
CA GLN A 302 -48.50 -0.79 -38.59
C GLN A 302 -49.34 -1.99 -39.04
N LYS A 303 -49.20 -2.35 -40.31
CA LYS A 303 -49.92 -3.47 -40.90
C LYS A 303 -48.96 -4.59 -41.30
N PRO A 304 -49.45 -5.85 -41.37
CA PRO A 304 -48.63 -7.00 -41.77
C PRO A 304 -47.80 -6.80 -43.04
N GLU A 305 -48.34 -6.05 -44.00
CA GLU A 305 -47.67 -5.79 -45.28
C GLU A 305 -46.38 -4.97 -45.13
N ASP A 306 -46.29 -4.20 -44.05
CA ASP A 306 -45.14 -3.33 -43.80
C ASP A 306 -43.98 -4.06 -43.12
N GLY A 307 -44.23 -5.29 -42.68
CA GLY A 307 -43.24 -6.06 -41.92
C GLY A 307 -43.05 -5.45 -40.55
N GLY A 308 -41.87 -5.62 -39.98
CA GLY A 308 -41.53 -5.02 -38.68
C GLY A 308 -42.50 -5.37 -37.56
N GLY A 309 -42.80 -4.39 -36.72
CA GLY A 309 -43.62 -4.64 -35.53
C GLY A 309 -45.10 -4.31 -35.65
N PHE A 310 -45.83 -5.11 -36.43
CA PHE A 310 -47.28 -4.99 -36.50
C PHE A 310 -47.95 -5.82 -35.39
N LEU A 311 -49.23 -5.55 -35.15
CA LEU A 311 -49.95 -6.10 -33.98
C LEU A 311 -49.95 -7.63 -33.89
N LYS A 312 -50.27 -8.28 -35.01
CA LYS A 312 -50.36 -9.74 -35.07
C LYS A 312 -49.03 -10.41 -34.68
N LYS A 313 -47.92 -9.84 -35.15
CA LYS A 313 -46.60 -10.38 -34.87
C LYS A 313 -46.22 -10.23 -33.39
N ALA A 314 -46.54 -9.07 -32.82
CA ALA A 314 -46.24 -8.79 -31.42
C ALA A 314 -47.03 -9.68 -30.46
N ILE A 315 -48.29 -9.97 -30.82
CA ILE A 315 -49.13 -10.91 -30.06
C ILE A 315 -48.60 -12.33 -30.22
N GLU A 316 -48.23 -12.68 -31.45
CA GLU A 316 -47.65 -13.98 -31.77
C GLU A 316 -46.33 -14.19 -31.02
N ASN A 317 -45.48 -13.15 -31.01
CA ASN A 317 -44.18 -13.20 -30.34
C ASN A 317 -44.26 -13.09 -28.81
N THR A 318 -45.43 -12.69 -28.32
CA THR A 318 -45.64 -12.54 -26.88
C THR A 318 -45.65 -13.91 -26.19
N GLY A 319 -45.94 -14.96 -26.96
CA GLY A 319 -45.85 -16.34 -26.51
C GLY A 319 -44.61 -17.04 -27.02
N LYS A 320 -44.19 -16.67 -28.24
CA LYS A 320 -42.97 -17.21 -28.85
C LYS A 320 -41.70 -16.86 -28.07
N THR A 321 -41.51 -15.57 -27.82
CA THR A 321 -40.33 -15.08 -27.14
C THR A 321 -40.52 -15.09 -25.61
N PRO A 322 -39.70 -15.90 -24.90
CA PRO A 322 -39.82 -16.07 -23.44
C PRO A 322 -39.66 -14.75 -22.68
N PHE A 323 -40.20 -14.72 -21.46
CA PHE A 323 -40.15 -13.53 -20.60
C PHE A 323 -38.71 -13.07 -20.32
N ASN A 324 -37.82 -14.01 -20.03
CA ASN A 324 -36.44 -13.69 -19.69
C ASN A 324 -35.47 -13.60 -20.85
N GLN A 325 -35.95 -13.89 -22.07
CA GLN A 325 -35.07 -13.94 -23.24
C GLN A 325 -34.79 -12.55 -23.82
N LEU A 326 -33.51 -12.17 -23.79
CA LEU A 326 -33.06 -10.90 -24.33
C LEU A 326 -32.82 -11.00 -25.84
N ALA A 327 -33.07 -9.90 -26.55
CA ALA A 327 -32.86 -9.84 -28.00
C ALA A 327 -31.51 -10.41 -28.43
N SER A 328 -31.53 -11.14 -29.54
CA SER A 328 -30.36 -11.81 -30.12
C SER A 328 -29.81 -12.97 -29.29
N THR A 329 -30.49 -13.33 -28.20
CA THR A 329 -30.11 -14.49 -27.40
C THR A 329 -31.21 -15.56 -27.37
N LYS A 330 -30.85 -16.75 -26.89
CA LYS A 330 -31.78 -17.87 -26.76
C LYS A 330 -31.88 -18.30 -25.30
N TYR A 331 -33.11 -18.37 -24.79
CA TYR A 331 -33.38 -18.79 -23.42
C TYR A 331 -33.83 -20.24 -23.40
N PRO A 332 -33.35 -21.04 -22.42
CA PRO A 332 -32.47 -20.68 -21.30
C PRO A 332 -30.98 -20.93 -21.52
N GLU A 333 -30.58 -21.30 -22.73
CA GLU A 333 -29.17 -21.54 -23.06
C GLU A 333 -28.30 -20.38 -22.61
N VAL A 334 -28.72 -19.17 -22.98
CA VAL A 334 -28.13 -17.94 -22.43
C VAL A 334 -29.09 -17.37 -21.39
N ASP A 335 -28.63 -17.33 -20.14
CA ASP A 335 -29.45 -16.88 -19.03
C ASP A 335 -28.74 -15.74 -18.29
N LEU A 336 -29.18 -14.52 -18.57
CA LEU A 336 -28.54 -13.32 -18.03
C LEU A 336 -29.44 -12.57 -17.03
N PRO A 337 -28.83 -11.83 -16.09
CA PRO A 337 -29.60 -11.19 -15.01
C PRO A 337 -30.49 -10.05 -15.51
N THR A 338 -31.80 -10.22 -15.35
CA THR A 338 -32.75 -9.18 -15.69
C THR A 338 -33.59 -8.80 -14.47
N VAL A 339 -33.93 -7.52 -14.38
CA VAL A 339 -34.78 -7.04 -13.31
C VAL A 339 -36.26 -7.20 -13.68
N GLY A 340 -36.51 -7.59 -14.92
CA GLY A 340 -37.86 -7.74 -15.44
C GLY A 340 -37.93 -7.44 -16.93
N SER A 341 -39.16 -7.36 -17.45
CA SER A 341 -39.39 -7.19 -18.88
C SER A 341 -40.28 -6.00 -19.20
N MET A 342 -40.04 -5.41 -20.38
CA MET A 342 -40.83 -4.27 -20.85
C MET A 342 -41.39 -4.53 -22.24
N LEU A 343 -42.72 -4.41 -22.38
CA LEU A 343 -43.38 -4.45 -23.67
C LEU A 343 -43.62 -3.01 -24.12
N SER A 344 -43.38 -2.74 -25.40
CA SER A 344 -43.34 -1.35 -25.87
C SER A 344 -44.32 -1.01 -27.00
N ILE A 345 -45.01 0.11 -26.83
CA ILE A 345 -45.88 0.66 -27.86
C ILE A 345 -45.26 1.94 -28.39
N TRP A 346 -45.03 1.99 -29.70
CA TRP A 346 -44.38 3.15 -30.32
C TRP A 346 -45.31 3.85 -31.30
N ALA A 347 -44.97 5.10 -31.62
CA ALA A 347 -45.77 5.93 -32.51
C ALA A 347 -44.93 6.59 -33.59
N ASP A 348 -44.14 5.77 -34.30
CA ASP A 348 -43.23 6.24 -35.36
C ASP A 348 -43.91 7.20 -36.33
N ARG A 349 -45.14 6.87 -36.70
CA ARG A 349 -46.02 7.77 -37.42
C ARG A 349 -47.10 8.24 -36.44
N PRO A 350 -46.86 9.38 -35.75
CA PRO A 350 -47.74 9.79 -34.67
C PRO A 350 -49.15 10.20 -35.12
N SER A 351 -49.36 10.31 -36.43
CA SER A 351 -50.69 10.62 -36.98
C SER A 351 -51.60 9.39 -37.04
N ALA A 352 -51.02 8.21 -36.88
CA ALA A 352 -51.79 6.96 -36.84
C ALA A 352 -52.73 6.97 -35.65
N GLU A 353 -53.93 6.40 -35.84
CA GLU A 353 -54.94 6.39 -34.80
C GLU A 353 -54.55 5.47 -33.65
N TYR A 354 -54.56 6.01 -32.43
CA TYR A 354 -54.38 5.19 -31.24
C TYR A 354 -55.69 4.51 -30.89
N LYS A 355 -55.71 3.19 -31.07
CA LYS A 355 -56.86 2.36 -30.73
C LYS A 355 -56.56 1.60 -29.44
N GLU A 356 -57.25 1.99 -28.37
CA GLU A 356 -57.04 1.43 -27.03
C GLU A 356 -57.15 -0.10 -26.99
N GLU A 357 -58.07 -0.65 -27.79
CA GLU A 357 -58.36 -2.08 -27.83
C GLU A 357 -57.16 -2.91 -28.26
N GLU A 358 -56.37 -2.36 -29.18
CA GLU A 358 -55.17 -3.05 -29.71
C GLU A 358 -54.12 -3.22 -28.63
N ILE A 359 -53.85 -2.14 -27.91
CA ILE A 359 -52.83 -2.11 -26.86
C ILE A 359 -53.26 -3.02 -25.71
N PHE A 360 -54.53 -2.93 -25.34
CA PHE A 360 -55.10 -3.77 -24.29
C PHE A 360 -55.02 -5.26 -24.62
N GLU A 361 -55.17 -5.60 -25.90
CA GLU A 361 -55.07 -7.00 -26.34
C GLU A 361 -53.63 -7.50 -26.24
N LEU A 362 -52.68 -6.69 -26.70
CA LEU A 362 -51.26 -7.03 -26.64
C LEU A 362 -50.78 -7.10 -25.19
N MET A 363 -51.27 -6.19 -24.35
CA MET A 363 -50.95 -6.19 -22.93
C MET A 363 -51.46 -7.46 -22.26
N THR A 364 -52.72 -7.81 -22.55
CA THR A 364 -53.36 -9.00 -21.99
C THR A 364 -52.60 -10.26 -22.37
N ALA A 365 -52.28 -10.38 -23.66
CA ALA A 365 -51.59 -11.56 -24.19
C ALA A 365 -50.28 -11.83 -23.46
N PHE A 366 -49.47 -10.78 -23.29
CA PHE A 366 -48.19 -10.85 -22.59
C PHE A 366 -48.34 -11.31 -21.14
N ALA A 367 -49.42 -10.87 -20.49
CA ALA A 367 -49.72 -11.28 -19.12
C ALA A 367 -50.22 -12.72 -19.05
N ASP A 368 -51.05 -13.11 -20.02
CA ASP A 368 -51.65 -14.45 -20.07
C ASP A 368 -50.64 -15.56 -20.31
N HIS A 369 -49.57 -15.27 -21.05
CA HIS A 369 -48.50 -16.23 -21.31
C HIS A 369 -47.51 -16.33 -20.15
N ASN A 370 -47.52 -15.34 -19.26
CA ASN A 370 -46.61 -15.31 -18.11
C ASN A 370 -47.34 -15.06 -16.79
N LYS A 371 -48.40 -15.83 -16.54
CA LYS A 371 -49.26 -15.64 -15.37
C LYS A 371 -48.54 -15.81 -14.02
N ASP A 372 -47.34 -16.40 -14.06
CA ASP A 372 -46.51 -16.57 -12.86
C ASP A 372 -45.67 -15.34 -12.53
N TYR A 373 -45.43 -14.49 -13.52
CA TYR A 373 -44.68 -13.25 -13.33
C TYR A 373 -45.60 -12.09 -12.96
N PHE A 374 -46.82 -12.12 -13.49
CA PHE A 374 -47.78 -11.03 -13.31
C PHE A 374 -48.64 -11.22 -12.07
N ARG A 375 -49.00 -10.11 -11.42
CA ARG A 375 -49.90 -10.11 -10.27
C ARG A 375 -51.33 -10.49 -10.65
N ALA A 376 -52.13 -10.84 -9.64
CA ALA A 376 -53.56 -11.02 -9.79
C ALA A 376 -54.25 -9.66 -9.83
N ASN A 377 -55.56 -9.65 -10.06
CA ASN A 377 -56.33 -8.42 -10.15
C ASN A 377 -56.81 -7.96 -8.77
N TYR A 378 -56.27 -6.84 -8.30
CA TYR A 378 -56.61 -6.34 -6.97
C TYR A 378 -57.55 -5.13 -6.95
N ASN A 379 -58.09 -4.77 -8.11
CA ASN A 379 -59.05 -3.67 -8.22
C ASN A 379 -60.34 -3.91 -7.43
N ALA A 380 -60.83 -5.15 -7.44
CA ALA A 380 -62.02 -5.53 -6.68
C ALA A 380 -61.77 -5.50 -5.18
N LEU A 381 -60.58 -5.93 -4.76
CA LEU A 381 -60.19 -5.94 -3.35
C LEU A 381 -60.11 -4.53 -2.77
N ARG A 382 -59.51 -3.61 -3.53
CA ARG A 382 -59.32 -2.24 -3.09
C ARG A 382 -60.63 -1.45 -2.99
N GLU A 383 -61.59 -1.79 -3.86
CA GLU A 383 -62.93 -1.21 -3.80
C GLU A 383 -63.70 -1.72 -2.58
N GLU A 384 -63.52 -3.00 -2.26
CA GLU A 384 -64.18 -3.62 -1.12
C GLU A 384 -63.53 -3.22 0.22
N LEU A 385 -62.24 -2.90 0.19
CA LEU A 385 -61.53 -2.39 1.37
C LEU A 385 -61.86 -0.92 1.64
N ALA A 386 -62.31 -0.22 0.60
CA ALA A 386 -62.69 1.19 0.73
C ALA A 386 -64.10 1.35 1.31
N LYS A 387 -64.85 0.26 1.34
CA LYS A 387 -66.21 0.24 1.89
C LYS A 387 -66.23 0.00 3.41
N ILE A 388 -65.07 -0.34 3.97
CA ILE A 388 -64.92 -0.55 5.41
C ILE A 388 -65.00 0.78 6.16
N PRO A 389 -65.94 0.88 7.14
CA PRO A 389 -66.07 2.07 7.97
C PRO A 389 -64.82 2.33 8.81
N SER A 396 -71.52 -4.06 17.59
CA SER A 396 -71.49 -5.52 17.64
C SER A 396 -70.06 -6.03 17.45
N LYS A 397 -69.63 -6.93 18.34
CA LYS A 397 -68.26 -7.49 18.27
C LYS A 397 -68.20 -8.84 17.57
N GLU A 398 -69.35 -9.52 17.49
CA GLU A 398 -69.47 -10.81 16.79
C GLU A 398 -69.44 -10.63 15.27
N SER A 399 -70.07 -9.56 14.78
CA SER A 399 -70.03 -9.20 13.36
C SER A 399 -68.68 -8.57 13.00
N LEU A 400 -68.04 -7.93 13.97
CA LEU A 400 -66.69 -7.39 13.80
C LEU A 400 -65.63 -8.50 13.76
N GLU A 401 -65.91 -9.61 14.44
CA GLU A 401 -65.03 -10.77 14.44
C GLU A 401 -64.89 -11.35 13.03
N ALA A 402 -65.99 -11.33 12.27
CA ALA A 402 -66.01 -11.80 10.89
C ALA A 402 -65.28 -10.85 9.94
N LEU A 403 -65.56 -9.56 10.08
CA LEU A 403 -64.91 -8.52 9.28
C LEU A 403 -63.40 -8.47 9.50
N ASP A 404 -62.98 -8.71 10.74
CA ASP A 404 -61.56 -8.76 11.10
C ASP A 404 -60.90 -10.05 10.59
N ALA A 405 -61.67 -11.14 10.54
CA ALA A 405 -61.17 -12.45 10.11
C ALA A 405 -60.93 -12.53 8.60
N ALA A 406 -61.83 -11.93 7.83
CA ALA A 406 -61.72 -11.88 6.37
C ALA A 406 -60.53 -11.02 5.95
N LYS A 407 -60.28 -9.96 6.72
CA LYS A 407 -59.16 -9.05 6.49
C LYS A 407 -57.82 -9.76 6.72
N THR A 408 -57.77 -10.59 7.75
CA THR A 408 -56.58 -11.38 8.07
C THR A 408 -56.35 -12.48 7.02
N ALA A 409 -57.42 -12.88 6.34
CA ALA A 409 -57.36 -13.96 5.35
C ALA A 409 -56.99 -13.48 3.95
N LEU A 410 -56.87 -12.16 3.78
CA LEU A 410 -56.48 -11.58 2.49
C LEU A 410 -55.03 -11.91 2.13
N ASN A 411 -54.80 -12.18 0.84
CA ASN A 411 -53.47 -12.46 0.32
C ASN A 411 -53.12 -11.47 -0.80
N TYR A 412 -52.11 -10.64 -0.54
CA TYR A 412 -51.67 -9.62 -1.49
C TYR A 412 -50.56 -10.14 -2.41
N ASN A 413 -50.16 -11.39 -2.20
CA ASN A 413 -49.04 -11.99 -2.91
C ASN A 413 -49.43 -12.90 -4.08
N LEU A 414 -50.72 -12.96 -4.42
CA LEU A 414 -51.19 -13.83 -5.51
C LEU A 414 -50.78 -13.38 -6.91
N ASN A 415 -50.54 -14.34 -7.78
CA ASN A 415 -50.29 -14.07 -9.20
C ASN A 415 -51.50 -14.35 -10.09
N ARG A 416 -51.37 -14.09 -11.38
CA ARG A 416 -52.48 -14.19 -12.35
C ARG A 416 -53.07 -15.60 -12.51
N ASN A 417 -52.32 -16.62 -12.10
CA ASN A 417 -52.81 -18.00 -12.12
C ASN A 417 -53.91 -18.25 -11.09
N LYS A 418 -53.91 -17.44 -10.03
CA LYS A 418 -54.79 -17.66 -8.89
C LYS A 418 -55.80 -16.52 -8.70
N GLN A 419 -56.51 -16.17 -9.77
CA GLN A 419 -57.55 -15.14 -9.71
C GLN A 419 -58.77 -15.63 -8.95
N ALA A 420 -59.11 -16.91 -9.15
CA ALA A 420 -60.24 -17.54 -8.46
C ALA A 420 -59.99 -17.59 -6.96
N GLU A 421 -58.76 -17.93 -6.57
CA GLU A 421 -58.34 -17.96 -5.17
C GLU A 421 -58.60 -16.60 -4.50
N LEU A 422 -58.26 -15.53 -5.21
CA LEU A 422 -58.47 -14.17 -4.72
C LEU A 422 -59.94 -13.74 -4.78
N ASP A 423 -60.67 -14.27 -5.77
CA ASP A 423 -62.07 -13.90 -5.99
C ASP A 423 -62.99 -14.31 -4.85
N THR A 424 -62.69 -15.44 -4.21
CA THR A 424 -63.48 -15.90 -3.06
C THR A 424 -63.07 -15.23 -1.75
N LEU A 425 -61.79 -14.85 -1.64
CA LEU A 425 -61.30 -14.11 -0.47
C LEU A 425 -61.94 -12.72 -0.38
N VAL A 426 -62.13 -12.07 -1.52
CA VAL A 426 -62.80 -10.77 -1.56
C VAL A 426 -64.32 -10.93 -1.42
N ALA A 427 -64.84 -12.08 -1.84
CA ALA A 427 -66.25 -12.42 -1.68
C ALA A 427 -66.60 -12.63 -0.21
N ASN A 428 -65.67 -13.23 0.54
CA ASN A 428 -65.81 -13.42 1.98
C ASN A 428 -65.72 -12.12 2.76
N LEU A 429 -64.96 -11.17 2.23
CA LEU A 429 -64.89 -9.81 2.78
C LEU A 429 -66.22 -9.08 2.55
N LYS A 430 -66.77 -9.23 1.35
CA LYS A 430 -68.05 -8.63 0.99
C LYS A 430 -69.19 -9.21 1.83
N ALA A 431 -69.12 -10.51 2.11
CA ALA A 431 -70.13 -11.18 2.94
C ALA A 431 -70.04 -10.74 4.40
N ALA A 432 -68.82 -10.55 4.89
CA ALA A 432 -68.58 -10.12 6.27
C ALA A 432 -68.99 -8.68 6.53
N LEU A 433 -68.83 -7.82 5.51
CA LEU A 433 -69.18 -6.41 5.61
C LEU A 433 -70.69 -6.15 5.73
N GLN A 434 -71.50 -7.03 5.15
CA GLN A 434 -72.96 -6.88 5.15
C GLN A 434 -73.59 -7.25 6.50
N SER B 19 22.14 -17.42 29.70
CA SER B 19 21.48 -17.37 31.04
C SER B 19 20.08 -16.78 30.94
N HIS B 20 19.59 -16.67 29.70
CA HIS B 20 18.26 -16.15 29.34
C HIS B 20 18.15 -14.62 29.19
N MET B 21 19.25 -13.91 29.41
CA MET B 21 19.25 -12.44 29.33
C MET B 21 19.95 -11.89 28.08
N GLU B 22 20.86 -12.68 27.50
CA GLU B 22 21.67 -12.26 26.35
C GLU B 22 20.87 -11.78 25.13
N LYS B 23 19.87 -12.56 24.73
CA LYS B 23 19.02 -12.24 23.59
C LYS B 23 18.28 -10.92 23.75
N LEU B 24 17.61 -10.75 24.89
CA LEU B 24 16.78 -9.56 25.16
C LEU B 24 17.60 -8.30 25.44
N ALA B 25 18.80 -8.48 25.98
CA ALA B 25 19.67 -7.36 26.34
C ALA B 25 20.22 -6.64 25.12
N LYS B 26 20.24 -7.34 23.99
CA LYS B 26 20.72 -6.79 22.73
C LYS B 26 19.76 -5.75 22.17
N ASN B 27 20.30 -4.82 21.38
CA ASN B 27 19.50 -3.76 20.78
C ASN B 27 18.75 -4.23 19.54
N LYS B 28 17.48 -3.87 19.47
CA LYS B 28 16.66 -4.09 18.28
C LYS B 28 16.21 -2.72 17.82
N VAL B 29 16.80 -2.24 16.73
CA VAL B 29 16.65 -0.85 16.33
C VAL B 29 15.97 -0.70 14.97
N ILE B 30 15.05 0.27 14.90
CA ILE B 30 14.45 0.68 13.63
C ILE B 30 14.96 2.07 13.23
N SER B 31 15.64 2.14 12.09
CA SER B 31 16.21 3.39 11.59
C SER B 31 15.26 4.09 10.62
N ILE B 32 15.00 5.37 10.89
CA ILE B 32 14.13 6.18 10.03
C ILE B 32 14.91 7.37 9.45
N ASP B 33 14.97 7.41 8.12
CA ASP B 33 15.67 8.47 7.41
C ASP B 33 14.80 9.72 7.36
N ALA B 34 14.87 10.53 8.40
CA ALA B 34 14.09 11.76 8.49
C ALA B 34 14.92 12.99 8.14
N GLY B 35 16.07 12.74 7.51
CA GLY B 35 16.96 13.82 7.06
C GLY B 35 16.67 14.20 5.62
N ARG B 36 16.57 13.18 4.75
CA ARG B 36 16.21 13.39 3.35
C ARG B 36 14.76 13.83 3.21
N LYS B 37 13.90 13.23 4.02
CA LYS B 37 12.46 13.39 3.88
C LYS B 37 11.84 13.75 5.23
N TYR B 38 10.81 14.60 5.19
CA TYR B 38 10.15 15.07 6.40
C TYR B 38 9.23 14.00 7.00
N PHE B 39 9.25 13.90 8.32
CA PHE B 39 8.34 13.05 9.06
C PHE B 39 7.73 13.87 10.19
N THR B 40 6.41 13.83 10.32
CA THR B 40 5.73 14.54 11.39
C THR B 40 5.99 13.87 12.73
N LEU B 41 5.77 14.61 13.81
CA LEU B 41 5.85 14.07 15.16
C LEU B 41 4.98 12.82 15.28
N ASN B 42 3.73 12.93 14.85
CA ASN B 42 2.76 11.82 14.92
C ASN B 42 3.16 10.59 14.10
N GLN B 43 3.76 10.81 12.93
CA GLN B 43 4.27 9.71 12.10
C GLN B 43 5.36 8.95 12.82
N LEU B 44 6.22 9.68 13.54
CA LEU B 44 7.33 9.09 14.30
C LEU B 44 6.86 8.47 15.61
N LYS B 45 5.92 9.15 16.28
CA LYS B 45 5.26 8.61 17.47
C LYS B 45 4.62 7.27 17.14
N ARG B 46 4.03 7.21 15.95
CA ARG B 46 3.39 6.00 15.44
C ARG B 46 4.41 4.89 15.19
N ILE B 47 5.59 5.27 14.69
CA ILE B 47 6.71 4.34 14.52
C ILE B 47 7.21 3.82 15.89
N VAL B 48 7.14 4.67 16.91
CA VAL B 48 7.53 4.29 18.28
C VAL B 48 6.56 3.26 18.87
N ASP B 49 5.27 3.43 18.61
CA ASP B 49 4.22 2.50 19.08
C ASP B 49 4.46 1.08 18.54
N LYS B 50 4.67 0.98 17.23
CA LYS B 50 4.92 -0.28 16.57
C LYS B 50 6.23 -0.93 17.05
N ALA B 51 7.24 -0.10 17.29
CA ALA B 51 8.50 -0.56 17.86
C ALA B 51 8.27 -1.17 19.24
N SER B 52 7.48 -0.50 20.06
CA SER B 52 7.16 -0.98 21.41
C SER B 52 6.31 -2.25 21.34
N GLU B 53 5.34 -2.26 20.43
CA GLU B 53 4.47 -3.40 20.21
C GLU B 53 5.24 -4.66 19.79
N LEU B 54 6.13 -4.49 18.81
CA LEU B 54 6.84 -5.62 18.21
C LEU B 54 8.07 -6.09 19.00
N GLY B 55 8.47 -5.30 19.99
CA GLY B 55 9.54 -5.71 20.91
C GLY B 55 10.90 -5.10 20.64
N TYR B 56 10.92 -4.01 19.87
CA TYR B 56 12.15 -3.26 19.62
C TYR B 56 12.59 -2.54 20.89
N SER B 57 13.83 -2.04 20.88
CA SER B 57 14.35 -1.29 22.03
C SER B 57 14.63 0.17 21.70
N ASP B 58 15.01 0.45 20.45
CA ASP B 58 15.40 1.80 20.05
C ASP B 58 14.80 2.24 18.71
N VAL B 59 14.75 3.55 18.52
CA VAL B 59 14.44 4.14 17.21
C VAL B 59 15.61 5.03 16.79
N HIS B 60 16.34 4.58 15.77
CA HIS B 60 17.43 5.36 15.19
C HIS B 60 16.86 6.39 14.22
N LEU B 61 17.05 7.67 14.55
CA LEU B 61 16.44 8.73 13.78
C LEU B 61 17.47 9.65 13.15
N LEU B 62 17.66 9.48 11.84
CA LEU B 62 18.50 10.37 11.06
C LEU B 62 17.80 11.70 10.89
N LEU B 63 18.37 12.76 11.46
CA LEU B 63 17.78 14.10 11.37
C LEU B 63 18.57 14.96 10.39
N GLY B 64 19.88 14.77 10.38
CA GLY B 64 20.76 15.36 9.39
C GLY B 64 21.27 14.26 8.49
N ASN B 65 20.66 14.11 7.31
CA ASN B 65 21.08 13.14 6.30
C ASN B 65 20.67 13.67 4.94
N ASP B 66 21.64 14.29 4.25
CA ASP B 66 21.40 15.10 3.04
C ASP B 66 20.71 16.42 3.42
N GLY B 67 19.48 16.33 3.91
CA GLY B 67 18.79 17.48 4.49
C GLY B 67 19.04 17.56 5.98
N LEU B 68 18.77 18.72 6.55
CA LEU B 68 18.86 18.91 8.00
C LEU B 68 17.50 19.34 8.53
N ARG B 69 16.79 18.39 9.13
CA ARG B 69 15.38 18.57 9.48
C ARG B 69 15.14 18.62 10.98
N PHE B 70 15.99 19.35 11.69
CA PHE B 70 15.85 19.55 13.12
C PHE B 70 16.47 20.88 13.54
N LEU B 71 15.64 21.76 14.09
CA LEU B 71 16.11 23.05 14.57
C LEU B 71 15.91 23.18 16.07
N LEU B 72 16.95 23.66 16.76
CA LEU B 72 16.87 23.95 18.19
C LEU B 72 16.16 25.28 18.40
N ASP B 73 15.73 25.55 19.63
CA ASP B 73 15.15 26.85 19.97
C ASP B 73 16.19 27.96 19.87
N ASP B 74 17.42 27.64 20.28
CA ASP B 74 18.56 28.54 20.10
C ASP B 74 19.59 27.92 19.16
N MET B 75 19.85 28.61 18.04
CA MET B 75 20.79 28.14 17.05
C MET B 75 22.00 29.06 16.89
N THR B 76 22.39 29.73 17.97
CA THR B 76 23.58 30.60 17.91
C THR B 76 24.84 29.74 17.88
N ILE B 77 25.68 30.01 16.87
CA ILE B 77 26.91 29.26 16.69
C ILE B 77 28.13 30.19 16.82
N THR B 78 29.13 29.74 17.55
CA THR B 78 30.38 30.47 17.71
C THR B 78 31.52 29.69 17.04
N ALA B 79 32.11 30.29 16.01
CA ALA B 79 33.23 29.69 15.27
C ALA B 79 34.00 30.76 14.50
N ASN B 80 35.31 30.54 14.36
CA ASN B 80 36.19 31.42 13.60
C ASN B 80 36.26 32.86 14.15
N GLY B 81 36.21 32.99 15.47
CA GLY B 81 36.26 34.29 16.13
C GLY B 81 35.09 35.19 15.75
N LYS B 82 33.96 34.55 15.48
CA LYS B 82 32.75 35.21 14.99
C LYS B 82 31.53 34.40 15.45
N THR B 83 30.45 35.09 15.76
CA THR B 83 29.20 34.41 16.10
C THR B 83 28.14 34.62 15.03
N TYR B 84 27.37 33.56 14.77
CA TYR B 84 26.29 33.60 13.81
C TYR B 84 24.98 33.56 14.59
N ALA B 85 24.14 34.57 14.37
CA ALA B 85 22.88 34.75 15.10
C ALA B 85 21.92 33.58 14.88
N SER B 86 21.17 33.24 15.92
CA SER B 86 20.23 32.12 15.90
C SER B 86 19.28 32.16 14.70
N ASP B 87 18.68 33.32 14.45
CA ASP B 87 17.73 33.50 13.36
C ASP B 87 18.38 33.30 11.98
N ASP B 88 19.61 33.79 11.83
CA ASP B 88 20.36 33.64 10.58
C ASP B 88 20.69 32.18 10.25
N VAL B 89 21.09 31.43 11.28
CA VAL B 89 21.41 30.02 11.14
C VAL B 89 20.14 29.23 10.80
N LYS B 90 19.06 29.49 11.51
CA LYS B 90 17.76 28.87 11.23
C LYS B 90 17.30 29.14 9.80
N LYS B 91 17.44 30.39 9.38
CA LYS B 91 17.05 30.84 8.04
C LYS B 91 17.87 30.13 6.97
N ALA B 92 19.18 30.04 7.19
CA ALA B 92 20.11 29.42 6.24
C ALA B 92 19.94 27.90 6.14
N ILE B 93 19.70 27.24 7.26
CA ILE B 93 19.47 25.78 7.29
C ILE B 93 18.19 25.43 6.53
N ILE B 94 17.12 26.17 6.79
CA ILE B 94 15.84 25.95 6.12
C ILE B 94 16.01 26.05 4.61
N GLU B 95 16.70 27.08 4.15
CA GLU B 95 17.00 27.26 2.72
C GLU B 95 17.87 26.12 2.18
N GLY B 96 18.84 25.69 2.97
CA GLY B 96 19.70 24.55 2.62
C GLY B 96 18.92 23.26 2.48
N THR B 97 18.05 23.00 3.45
CA THR B 97 17.19 21.82 3.46
C THR B 97 16.21 21.85 2.29
N LYS B 98 15.66 23.04 2.02
CA LYS B 98 14.74 23.24 0.89
C LYS B 98 15.43 23.13 -0.47
N ALA B 99 16.70 23.53 -0.51
CA ALA B 99 17.52 23.44 -1.72
C ALA B 99 17.79 21.99 -2.13
N TYR B 100 18.02 21.13 -1.14
CA TYR B 100 18.15 19.69 -1.39
C TYR B 100 16.82 19.11 -1.85
N TYR B 101 15.78 19.29 -1.05
CA TYR B 101 14.43 18.89 -1.39
C TYR B 101 13.41 19.68 -0.59
N ASP B 102 12.57 20.44 -1.30
CA ASP B 102 11.51 21.21 -0.67
C ASP B 102 10.31 20.30 -0.43
N ASP B 103 10.34 19.56 0.68
CA ASP B 103 9.27 18.65 1.05
C ASP B 103 7.99 19.42 1.36
N PRO B 104 6.89 19.10 0.65
CA PRO B 104 5.61 19.78 0.86
C PRO B 104 4.94 19.48 2.19
N ASN B 105 5.32 18.36 2.82
CA ASN B 105 4.76 17.94 4.10
C ASN B 105 5.29 18.73 5.30
N GLY B 106 6.50 19.26 5.15
CA GLY B 106 7.17 20.02 6.20
C GLY B 106 8.66 20.17 5.91
N THR B 107 9.34 20.93 6.76
CA THR B 107 10.76 21.21 6.54
C THR B 107 11.65 20.64 7.65
N ALA B 108 11.44 21.10 8.88
CA ALA B 108 12.25 20.68 10.01
C ALA B 108 11.40 20.38 11.24
N LEU B 109 11.92 19.53 12.12
CA LEU B 109 11.28 19.27 13.41
C LEU B 109 11.78 20.30 14.43
N THR B 110 10.88 20.76 15.30
CA THR B 110 11.23 21.74 16.33
C THR B 110 11.88 21.02 17.51
N GLN B 111 12.47 21.81 18.41
CA GLN B 111 13.06 21.26 19.64
C GLN B 111 11.97 20.68 20.53
N ALA B 112 10.79 21.29 20.50
CA ALA B 112 9.65 20.82 21.29
C ALA B 112 9.16 19.45 20.83
N GLU B 113 9.10 19.27 19.51
CA GLU B 113 8.64 18.01 18.93
C GLU B 113 9.58 16.84 19.26
N VAL B 114 10.89 17.06 19.09
CA VAL B 114 11.89 16.02 19.37
C VAL B 114 11.95 15.66 20.86
N THR B 115 11.89 16.68 21.73
CA THR B 115 11.82 16.47 23.19
C THR B 115 10.65 15.53 23.54
N GLU B 116 9.48 15.84 23.01
CA GLU B 116 8.27 15.05 23.23
C GLU B 116 8.41 13.61 22.73
N LEU B 117 9.10 13.45 21.60
CA LEU B 117 9.34 12.11 21.05
C LEU B 117 10.27 11.30 21.93
N ILE B 118 11.32 11.94 22.45
CA ILE B 118 12.26 11.29 23.37
C ILE B 118 11.57 10.87 24.67
N GLU B 119 10.64 11.70 25.14
CA GLU B 119 9.87 11.40 26.35
C GLU B 119 8.83 10.33 26.09
N TYR B 120 8.10 10.47 24.98
CA TYR B 120 7.09 9.51 24.55
C TYR B 120 7.66 8.12 24.32
N ALA B 121 8.85 8.06 23.71
CA ALA B 121 9.51 6.80 23.46
C ALA B 121 9.97 6.19 24.78
N LYS B 122 10.48 7.03 25.68
CA LYS B 122 10.92 6.60 27.01
C LYS B 122 9.79 5.98 27.81
N SER B 123 8.60 6.58 27.72
CA SER B 123 7.41 6.10 28.42
C SER B 123 7.04 4.67 28.03
N LYS B 124 7.57 4.22 26.90
CA LYS B 124 7.32 2.89 26.39
C LYS B 124 8.60 2.05 26.28
N ASP B 125 9.59 2.39 27.12
CA ASP B 125 10.91 1.73 27.12
C ASP B 125 11.54 1.63 25.72
N ILE B 126 11.55 2.75 25.01
CA ILE B 126 12.18 2.86 23.71
C ILE B 126 13.17 4.03 23.72
N GLY B 127 14.43 3.73 23.41
CA GLY B 127 15.45 4.76 23.30
C GLY B 127 15.47 5.40 21.92
N LEU B 128 16.00 6.62 21.84
CA LEU B 128 16.20 7.28 20.55
C LEU B 128 17.70 7.35 20.24
N ILE B 129 18.05 7.01 19.01
CA ILE B 129 19.43 7.15 18.54
C ILE B 129 19.48 8.19 17.42
N PRO B 130 19.78 9.46 17.78
CA PRO B 130 19.84 10.54 16.78
C PRO B 130 21.04 10.44 15.86
N ALA B 131 20.91 10.98 14.65
CA ALA B 131 21.99 10.98 13.68
C ALA B 131 22.06 12.29 12.90
N ILE B 132 23.23 12.92 12.95
CA ILE B 132 23.53 14.12 12.17
C ILE B 132 24.78 13.82 11.35
N ASN B 133 24.62 13.78 10.03
CA ASN B 133 25.71 13.34 9.17
C ASN B 133 26.69 14.44 8.78
N SER B 134 27.96 14.02 8.64
CA SER B 134 29.08 14.82 8.18
C SER B 134 30.29 13.88 8.12
N PRO B 135 31.29 14.16 7.26
CA PRO B 135 31.35 15.29 6.33
C PRO B 135 30.65 15.00 4.99
N GLY B 136 30.09 13.80 4.85
CA GLY B 136 29.23 13.49 3.72
C GLY B 136 27.79 13.76 4.07
N HIS B 137 26.89 13.50 3.12
CA HIS B 137 25.44 13.62 3.33
C HIS B 137 25.04 14.90 4.08
N MET B 138 25.60 16.03 3.66
CA MET B 138 25.34 17.31 4.31
C MET B 138 25.03 18.41 3.29
N ASP B 139 24.18 18.07 2.32
CA ASP B 139 23.75 19.00 1.27
C ASP B 139 23.22 20.30 1.86
N ALA B 140 22.41 20.18 2.91
CA ALA B 140 21.76 21.32 3.53
C ALA B 140 22.75 22.27 4.19
N MET B 141 23.72 21.71 4.91
CA MET B 141 24.69 22.49 5.67
C MET B 141 25.62 23.31 4.78
N LEU B 142 26.05 22.71 3.67
CA LEU B 142 26.95 23.38 2.72
C LEU B 142 26.30 24.66 2.19
N VAL B 143 25.05 24.55 1.76
CA VAL B 143 24.27 25.69 1.30
C VAL B 143 24.07 26.70 2.44
N ALA B 144 23.72 26.19 3.62
CA ALA B 144 23.53 27.03 4.80
C ALA B 144 24.78 27.87 5.13
N MET B 145 25.95 27.25 5.02
CA MET B 145 27.22 27.94 5.25
C MET B 145 27.49 29.00 4.18
N GLU B 146 27.16 28.69 2.93
CA GLU B 146 27.23 29.67 1.84
C GLU B 146 26.35 30.88 2.13
N LYS B 147 25.14 30.61 2.62
CA LYS B 147 24.17 31.66 2.97
C LYS B 147 24.60 32.43 4.23
N LEU B 148 25.49 31.82 5.02
CA LEU B 148 26.03 32.45 6.23
C LEU B 148 27.35 33.15 5.98
N GLY B 149 27.82 33.11 4.73
CA GLY B 149 29.02 33.83 4.33
C GLY B 149 30.30 33.01 4.32
N ILE B 150 30.16 31.69 4.45
CA ILE B 150 31.28 30.77 4.34
C ILE B 150 31.41 30.29 2.88
N LYS B 151 32.37 30.86 2.17
CA LYS B 151 32.59 30.56 0.76
C LYS B 151 33.31 29.22 0.58
N ASN B 152 32.89 28.49 -0.46
CA ASN B 152 33.52 27.22 -0.86
C ASN B 152 33.67 26.17 0.25
N PRO B 153 32.55 25.77 0.87
CA PRO B 153 32.65 24.71 1.87
C PRO B 153 32.71 23.30 1.25
N GLN B 154 32.46 23.21 -0.05
CA GLN B 154 32.33 21.93 -0.73
C GLN B 154 33.68 21.29 -1.08
N ALA B 155 33.73 19.96 -0.97
CA ALA B 155 34.86 19.18 -1.47
C ALA B 155 34.90 19.28 -2.99
N HIS B 156 36.10 19.20 -3.55
CA HIS B 156 36.31 19.43 -4.96
C HIS B 156 37.17 18.32 -5.56
N PHE B 157 36.59 17.56 -6.49
CA PHE B 157 37.30 16.46 -7.12
C PHE B 157 37.12 16.43 -8.64
N ASP B 158 36.32 15.49 -9.15
CA ASP B 158 35.99 15.45 -10.57
C ASP B 158 35.00 16.55 -10.91
N LYS B 159 34.27 16.98 -9.88
CA LYS B 159 33.42 18.17 -9.93
C LYS B 159 33.25 18.71 -8.51
N VAL B 160 32.60 19.85 -8.38
CA VAL B 160 32.31 20.42 -7.06
C VAL B 160 31.17 19.64 -6.44
N SER B 161 31.43 19.05 -5.28
CA SER B 161 30.44 18.22 -4.57
C SER B 161 29.29 19.06 -4.06
N LYS B 162 28.09 18.49 -4.11
CA LYS B 162 26.91 19.13 -3.54
C LYS B 162 26.51 18.46 -2.22
N THR B 163 27.30 17.47 -1.80
CA THR B 163 26.95 16.66 -0.63
C THR B 163 28.00 16.68 0.48
N THR B 164 29.23 17.06 0.14
CA THR B 164 30.39 16.81 0.99
C THR B 164 31.25 18.03 1.31
N MET B 165 31.73 18.10 2.55
CA MET B 165 32.56 19.21 3.03
C MET B 165 34.04 19.07 2.67
N ASP B 166 34.64 20.17 2.24
CA ASP B 166 36.08 20.29 2.05
C ASP B 166 36.78 20.24 3.41
N LEU B 167 37.53 19.17 3.65
CA LEU B 167 38.21 18.96 4.94
C LEU B 167 39.36 19.94 5.16
N LYS B 168 39.87 20.50 4.06
CA LYS B 168 41.00 21.41 4.10
C LYS B 168 40.58 22.86 4.39
N ASN B 169 39.28 23.14 4.25
CA ASN B 169 38.70 24.44 4.57
C ASN B 169 38.35 24.54 6.05
N GLU B 170 39.15 25.29 6.81
CA GLU B 170 38.94 25.45 8.25
C GLU B 170 37.65 26.16 8.62
N GLU B 171 37.32 27.23 7.90
CA GLU B 171 36.12 28.03 8.19
C GLU B 171 34.87 27.15 8.23
N ALA B 172 34.73 26.27 7.25
CA ALA B 172 33.60 25.35 7.17
C ALA B 172 33.64 24.30 8.27
N MET B 173 34.84 23.84 8.60
CA MET B 173 35.03 22.79 9.61
C MET B 173 34.72 23.28 11.02
N ASN B 174 35.17 24.48 11.34
CA ASN B 174 34.93 25.10 12.65
C ASN B 174 33.45 25.34 12.92
N PHE B 175 32.71 25.69 11.87
CA PHE B 175 31.27 25.90 11.97
C PHE B 175 30.54 24.59 12.26
N VAL B 176 30.76 23.60 11.39
CA VAL B 176 30.07 22.30 11.47
C VAL B 176 30.36 21.55 12.78
N LYS B 177 31.57 21.69 13.30
CA LYS B 177 31.94 21.10 14.58
C LYS B 177 31.21 21.77 15.75
N ALA B 178 31.09 23.10 15.68
CA ALA B 178 30.30 23.84 16.66
C ALA B 178 28.81 23.53 16.54
N LEU B 179 28.34 23.39 15.30
CA LEU B 179 26.94 23.06 15.03
C LEU B 179 26.56 21.68 15.58
N ILE B 180 27.38 20.68 15.26
CA ILE B 180 27.18 19.32 15.77
C ILE B 180 27.34 19.27 17.29
N GLY B 181 28.21 20.14 17.82
CA GLY B 181 28.33 20.32 19.26
C GLY B 181 27.03 20.77 19.89
N LYS B 182 26.39 21.75 19.27
CA LYS B 182 25.09 22.27 19.73
C LYS B 182 24.01 21.20 19.74
N TYR B 183 24.01 20.33 18.73
CA TYR B 183 23.09 19.20 18.67
C TYR B 183 23.41 18.18 19.76
N MET B 184 24.69 17.91 19.96
CA MET B 184 25.14 17.00 21.02
C MET B 184 24.77 17.53 22.41
N ASP B 185 24.91 18.84 22.60
CA ASP B 185 24.52 19.52 23.84
C ASP B 185 23.08 19.23 24.23
N PHE B 186 22.19 19.22 23.23
CA PHE B 186 20.76 18.96 23.44
C PHE B 186 20.47 17.51 23.81
N PHE B 187 21.02 16.58 23.04
CA PHE B 187 20.78 15.16 23.25
C PHE B 187 21.48 14.59 24.48
N ALA B 188 22.53 15.28 24.94
CA ALA B 188 23.24 14.90 26.17
C ALA B 188 22.26 14.77 27.31
N GLY B 189 22.33 13.64 28.02
CA GLY B 189 21.42 13.36 29.13
C GLY B 189 20.00 12.98 28.73
N LYS B 190 19.72 12.98 27.43
CA LYS B 190 18.42 12.59 26.90
C LYS B 190 18.49 11.26 26.15
N THR B 191 19.63 11.02 25.49
CA THR B 191 19.88 9.78 24.75
C THR B 191 21.25 9.19 25.11
N LYS B 192 21.39 7.88 24.94
CA LYS B 192 22.64 7.18 25.23
C LYS B 192 23.65 7.31 24.10
N ILE B 193 23.16 7.17 22.86
CA ILE B 193 24.02 7.06 21.68
C ILE B 193 23.86 8.27 20.77
N PHE B 194 24.95 8.65 20.09
CA PHE B 194 24.92 9.68 19.07
C PHE B 194 25.67 9.21 17.83
N ASN B 195 25.01 9.25 16.68
CA ASN B 195 25.59 8.82 15.42
C ASN B 195 25.99 10.00 14.53
N PHE B 196 27.30 10.21 14.39
CA PHE B 196 27.82 11.32 13.58
C PHE B 196 28.08 10.95 12.11
N GLY B 197 27.77 9.70 11.76
CA GLY B 197 27.69 9.27 10.36
C GLY B 197 28.99 8.92 9.68
N THR B 198 29.54 9.89 8.95
CA THR B 198 30.81 9.78 8.21
C THR B 198 30.82 8.74 7.08
N ASP B 199 29.65 8.42 6.53
CA ASP B 199 29.60 7.46 5.43
C ASP B 199 29.68 8.13 4.06
N GLN B 200 30.24 7.39 3.10
CA GLN B 200 30.26 7.78 1.67
C GLN B 200 30.76 9.20 1.39
N TYR B 201 32.02 9.45 1.73
CA TYR B 201 32.64 10.76 1.53
C TYR B 201 32.72 11.12 0.05
N ALA B 202 32.05 12.22 -0.31
CA ALA B 202 32.08 12.78 -1.67
C ALA B 202 31.81 11.76 -2.78
N ASN B 203 30.76 10.96 -2.58
CA ASN B 203 30.36 9.98 -3.57
C ASN B 203 29.97 10.59 -4.91
N ASP B 204 29.39 11.79 -4.87
CA ASP B 204 28.92 12.46 -6.08
C ASP B 204 30.04 13.08 -6.91
N ALA B 205 31.16 13.40 -6.26
CA ALA B 205 32.28 14.08 -6.91
C ALA B 205 33.42 13.14 -7.31
N THR B 206 33.31 11.88 -6.92
CA THR B 206 34.40 10.91 -7.12
C THR B 206 33.94 9.62 -7.80
N SER B 207 32.69 9.61 -8.29
CA SER B 207 32.04 8.39 -8.79
C SER B 207 32.01 7.29 -7.74
N ALA B 208 31.58 7.66 -6.53
CA ALA B 208 31.51 6.76 -5.37
C ALA B 208 32.81 6.02 -5.06
N GLN B 209 33.90 6.78 -4.97
CA GLN B 209 35.23 6.23 -4.63
C GLN B 209 35.97 7.17 -3.69
N GLY B 210 35.21 7.85 -2.83
CA GLY B 210 35.73 8.95 -2.01
C GLY B 210 36.92 8.63 -1.13
N TRP B 211 36.96 7.42 -0.59
CA TRP B 211 38.05 7.00 0.28
C TRP B 211 39.36 6.81 -0.49
N TYR B 212 39.24 6.26 -1.70
CA TYR B 212 40.39 6.12 -2.61
C TYR B 212 40.98 7.50 -2.90
N TYR B 213 40.11 8.46 -3.20
CA TYR B 213 40.49 9.84 -3.48
C TYR B 213 41.16 10.51 -2.28
N LEU B 214 40.63 10.27 -1.07
CA LEU B 214 41.22 10.79 0.15
C LEU B 214 42.64 10.29 0.36
N LYS B 215 42.86 9.00 0.09
CA LYS B 215 44.19 8.39 0.18
C LYS B 215 45.12 9.04 -0.86
N TRP B 216 44.60 9.18 -2.08
CA TRP B 216 45.34 9.74 -3.21
C TRP B 216 45.86 11.16 -2.94
N TYR B 217 45.02 11.99 -2.33
CA TYR B 217 45.38 13.37 -2.04
C TYR B 217 45.88 13.54 -0.61
N GLN B 218 46.16 12.42 0.04
CA GLN B 218 46.67 12.40 1.42
C GLN B 218 45.79 13.26 2.35
N LEU B 219 44.48 12.96 2.33
CA LEU B 219 43.50 13.66 3.15
C LEU B 219 42.74 12.70 4.06
N TYR B 220 43.09 11.41 3.95
CA TYR B 220 42.48 10.37 4.79
C TYR B 220 42.86 10.54 6.27
N GLY B 221 44.07 11.04 6.51
CA GLY B 221 44.51 11.37 7.87
C GLY B 221 43.69 12.49 8.48
N LYS B 222 43.29 13.44 7.66
CA LYS B 222 42.44 14.54 8.09
C LYS B 222 41.00 14.09 8.34
N PHE B 223 40.56 13.10 7.58
CA PHE B 223 39.24 12.51 7.81
C PHE B 223 39.19 11.81 9.16
N ALA B 224 40.24 11.06 9.48
CA ALA B 224 40.38 10.38 10.76
C ALA B 224 40.42 11.40 11.89
N GLU B 225 41.19 12.47 11.67
CA GLU B 225 41.31 13.59 12.59
C GLU B 225 39.94 14.19 12.90
N TYR B 226 39.10 14.33 11.87
CA TYR B 226 37.75 14.87 12.02
C TYR B 226 36.79 13.88 12.67
N ALA B 227 36.94 12.60 12.32
CA ALA B 227 36.15 11.53 12.93
C ALA B 227 36.45 11.39 14.42
N ASN B 228 37.74 11.40 14.76
CA ASN B 228 38.19 11.31 16.14
C ASN B 228 37.70 12.46 17.02
N THR B 229 37.75 13.69 16.49
CA THR B 229 37.26 14.87 17.19
C THR B 229 35.80 14.69 17.57
N LEU B 230 34.97 14.37 16.58
CA LEU B 230 33.55 14.14 16.78
C LEU B 230 33.25 13.05 17.81
N ALA B 231 34.08 12.00 17.80
CA ALA B 231 33.97 10.92 18.78
C ALA B 231 34.29 11.44 20.19
N ALA B 232 35.38 12.20 20.29
CA ALA B 232 35.77 12.81 21.56
C ALA B 232 34.71 13.80 22.05
N MET B 233 34.06 14.47 21.10
CA MET B 233 33.00 15.44 21.40
C MET B 233 31.78 14.78 22.03
N ALA B 234 31.44 13.59 21.53
CA ALA B 234 30.33 12.81 22.06
C ALA B 234 30.66 12.30 23.46
N LYS B 235 31.84 11.68 23.59
CA LYS B 235 32.29 11.10 24.85
C LYS B 235 32.29 12.09 26.01
N GLU B 236 32.76 13.31 25.77
CA GLU B 236 32.86 14.30 26.85
C GLU B 236 31.50 14.88 27.28
N ARG B 237 30.52 14.80 26.39
CA ARG B 237 29.15 15.22 26.70
C ARG B 237 28.29 14.03 27.13
N GLY B 238 28.95 12.93 27.51
CA GLY B 238 28.27 11.74 27.98
C GLY B 238 27.40 11.08 26.92
N LEU B 239 27.94 10.98 25.71
CA LEU B 239 27.25 10.31 24.61
C LEU B 239 28.13 9.21 24.05
N GLN B 240 27.52 8.06 23.81
CA GLN B 240 28.19 6.94 23.16
C GLN B 240 28.32 7.28 21.68
N PRO B 241 29.56 7.46 21.20
CA PRO B 241 29.70 7.81 19.79
C PRO B 241 29.37 6.63 18.88
N MET B 242 28.78 6.92 17.73
CA MET B 242 28.39 5.91 16.76
C MET B 242 28.64 6.47 15.36
N ALA B 243 29.13 5.62 14.46
CA ALA B 243 29.35 6.00 13.08
C ALA B 243 29.22 4.78 12.18
N PHE B 244 29.00 5.02 10.88
CA PHE B 244 29.01 3.93 9.91
C PHE B 244 30.45 3.46 9.65
N ASN B 245 30.58 2.25 9.14
CA ASN B 245 31.88 1.60 8.99
C ASN B 245 32.75 2.15 7.87
N ASP B 246 32.09 2.71 6.85
CA ASP B 246 32.74 3.13 5.59
C ASP B 246 34.14 3.72 5.74
N GLY B 247 34.27 4.74 6.59
CA GLY B 247 35.51 5.50 6.70
C GLY B 247 36.60 4.91 7.56
N PHE B 248 36.22 3.95 8.41
CA PHE B 248 37.14 3.39 9.40
C PHE B 248 38.05 2.32 8.80
N TYR B 249 39.35 2.53 8.95
CA TYR B 249 40.39 1.59 8.51
C TYR B 249 40.14 1.05 7.10
N TYR B 250 40.02 1.96 6.14
CA TYR B 250 39.76 1.60 4.74
C TYR B 250 40.82 0.63 4.19
N GLU B 251 40.33 -0.44 3.57
CA GLU B 251 41.15 -1.48 2.93
C GLU B 251 42.08 -2.24 3.90
N ASP B 252 41.63 -2.35 5.15
CA ASP B 252 42.33 -3.10 6.21
C ASP B 252 43.74 -2.59 6.52
N LYS B 253 43.93 -1.28 6.39
CA LYS B 253 45.23 -0.65 6.66
C LYS B 253 45.17 0.07 8.00
N ASP B 254 46.29 0.10 8.71
CA ASP B 254 46.36 0.76 10.03
C ASP B 254 47.41 1.86 10.12
N ASP B 255 47.77 2.45 8.98
CA ASP B 255 48.73 3.55 8.96
C ASP B 255 48.13 4.84 9.50
N VAL B 256 46.79 4.90 9.52
CA VAL B 256 46.03 6.03 10.07
C VAL B 256 45.10 5.54 11.19
N GLN B 257 45.18 6.19 12.35
CA GLN B 257 44.53 5.72 13.58
C GLN B 257 43.13 6.28 13.77
N PHE B 258 42.24 5.46 14.34
CA PHE B 258 40.87 5.85 14.65
C PHE B 258 40.49 5.58 16.10
N ASP B 259 39.59 6.40 16.63
CA ASP B 259 39.08 6.30 18.00
C ASP B 259 38.45 4.93 18.23
N LYS B 260 38.86 4.26 19.32
CA LYS B 260 38.49 2.87 19.55
C LYS B 260 37.15 2.66 20.25
N ASP B 261 36.56 3.76 20.74
CA ASP B 261 35.32 3.70 21.50
C ASP B 261 34.07 3.92 20.64
N VAL B 262 34.27 4.06 19.33
CA VAL B 262 33.18 4.30 18.40
C VAL B 262 32.41 3.00 18.15
N LEU B 263 31.10 3.06 18.32
CA LEU B 263 30.21 1.94 18.01
C LEU B 263 29.99 1.88 16.51
N ILE B 264 30.44 0.80 15.88
CA ILE B 264 30.44 0.70 14.43
C ILE B 264 29.15 0.12 13.87
N SER B 265 28.31 1.00 13.34
CA SER B 265 27.12 0.60 12.59
C SER B 265 27.58 0.01 11.26
N TYR B 266 27.62 -1.32 11.18
CA TYR B 266 28.15 -1.99 10.00
C TYR B 266 27.04 -2.40 9.04
N TRP B 267 27.14 -1.92 7.80
CA TRP B 267 26.09 -2.13 6.81
C TRP B 267 26.55 -2.85 5.54
N SER B 268 27.84 -2.76 5.23
CA SER B 268 28.41 -3.34 4.01
C SER B 268 29.93 -3.27 4.00
N LYS B 269 30.57 -4.23 3.32
CA LYS B 269 32.01 -4.21 3.09
C LYS B 269 32.33 -3.48 1.80
N GLY B 270 31.28 -3.00 1.14
CA GLY B 270 31.42 -2.25 -0.10
C GLY B 270 31.28 -3.12 -1.33
N TRP B 271 31.97 -2.71 -2.39
CA TRP B 271 31.92 -3.37 -3.68
C TRP B 271 33.23 -3.06 -4.41
N TRP B 272 33.31 -3.44 -5.68
CA TRP B 272 34.52 -3.22 -6.48
C TRP B 272 34.90 -1.73 -6.53
N GLY B 273 36.12 -1.42 -6.06
CA GLY B 273 36.61 -0.05 -6.02
C GLY B 273 36.22 0.72 -4.77
N TYR B 274 35.30 0.16 -3.99
CA TYR B 274 34.88 0.72 -2.71
C TYR B 274 35.26 -0.30 -1.63
N ASN B 275 36.56 -0.36 -1.35
CA ASN B 275 37.15 -1.46 -0.58
C ASN B 275 37.16 -1.21 0.92
N LEU B 276 35.96 -1.24 1.52
CA LEU B 276 35.81 -1.01 2.95
C LEU B 276 36.41 -2.14 3.76
N ALA B 277 36.82 -1.83 4.99
CA ALA B 277 37.35 -2.81 5.92
C ALA B 277 36.33 -3.91 6.22
N SER B 278 36.82 -5.14 6.35
CA SER B 278 35.98 -6.27 6.72
C SER B 278 35.53 -6.15 8.17
N PRO B 279 34.41 -6.78 8.53
CA PRO B 279 34.00 -6.79 9.94
C PRO B 279 35.03 -7.53 10.80
N GLN B 280 35.68 -8.54 10.22
CA GLN B 280 36.72 -9.30 10.91
C GLN B 280 37.92 -8.44 11.28
N TYR B 281 38.25 -7.49 10.42
CA TYR B 281 39.38 -6.58 10.66
C TYR B 281 39.07 -5.55 11.74
N LEU B 282 37.89 -4.93 11.68
CA LEU B 282 37.48 -3.96 12.70
C LEU B 282 37.28 -4.60 14.07
N ALA B 283 36.80 -5.84 14.09
CA ALA B 283 36.68 -6.61 15.33
C ALA B 283 38.06 -6.87 15.95
N SER B 284 39.06 -7.09 15.11
CA SER B 284 40.45 -7.28 15.55
C SER B 284 41.03 -6.01 16.17
N LYS B 285 40.50 -4.87 15.74
CA LYS B 285 40.94 -3.57 16.28
C LYS B 285 40.23 -3.19 17.58
N GLY B 286 39.15 -3.92 17.89
CA GLY B 286 38.45 -3.77 19.17
C GLY B 286 37.02 -3.27 19.07
N TYR B 287 36.56 -2.99 17.85
CA TYR B 287 35.24 -2.41 17.65
C TYR B 287 34.11 -3.41 17.92
N LYS B 288 33.05 -2.89 18.52
CA LYS B 288 31.79 -3.60 18.65
C LYS B 288 30.82 -3.07 17.60
N PHE B 289 29.96 -3.94 17.10
CA PHE B 289 29.05 -3.58 16.02
C PHE B 289 27.60 -3.44 16.43
N LEU B 290 26.93 -2.46 15.83
CA LEU B 290 25.49 -2.51 15.66
C LEU B 290 25.26 -3.08 14.26
N ASN B 291 24.74 -4.30 14.20
CA ASN B 291 24.53 -5.00 12.92
C ASN B 291 23.47 -4.34 12.05
N THR B 292 23.91 -3.46 11.15
CA THR B 292 23.02 -2.73 10.26
C THR B 292 23.03 -3.34 8.85
N ASN B 293 22.88 -4.66 8.78
CA ASN B 293 22.98 -5.38 7.52
C ASN B 293 22.12 -4.79 6.40
N GLY B 294 22.75 -4.55 5.25
CA GLY B 294 22.11 -3.93 4.08
C GLY B 294 20.99 -4.75 3.46
N ASP B 295 20.97 -6.04 3.76
CA ASP B 295 19.90 -6.94 3.32
C ASP B 295 18.52 -6.50 3.78
N TRP B 296 18.48 -5.89 4.97
CA TRP B 296 17.23 -5.46 5.61
C TRP B 296 16.78 -4.06 5.16
N TYR B 297 17.52 -3.47 4.22
CA TYR B 297 17.26 -2.11 3.73
C TYR B 297 15.99 -2.00 2.89
N TYR B 298 15.23 -0.93 3.13
CA TYR B 298 14.12 -0.57 2.25
C TYR B 298 14.12 0.92 1.94
N ILE B 299 14.25 1.23 0.65
CA ILE B 299 14.12 2.60 0.15
C ILE B 299 12.67 2.81 -0.26
N LEU B 300 12.07 3.89 0.22
CA LEU B 300 10.66 4.20 -0.06
C LEU B 300 10.42 4.32 -1.57
N GLY B 301 9.39 3.62 -2.05
CA GLY B 301 9.00 3.66 -3.47
C GLY B 301 9.76 2.70 -4.37
N GLN B 302 10.73 2.00 -3.82
CA GLN B 302 11.58 1.07 -4.56
C GLN B 302 10.78 -0.15 -5.01
N LYS B 303 10.80 -0.42 -6.30
CA LYS B 303 10.09 -1.55 -6.90
C LYS B 303 11.09 -2.62 -7.36
N PRO B 304 10.62 -3.87 -7.58
CA PRO B 304 11.52 -4.98 -7.89
C PRO B 304 12.38 -4.77 -9.14
N GLU B 305 11.84 -4.09 -10.15
CA GLU B 305 12.56 -3.82 -11.41
C GLU B 305 13.77 -2.92 -11.18
N ASP B 306 13.62 -1.97 -10.26
CA ASP B 306 14.69 -1.03 -9.88
C ASP B 306 15.87 -1.79 -9.27
N GLY B 307 15.59 -2.86 -8.55
CA GLY B 307 16.61 -3.66 -7.87
C GLY B 307 17.00 -3.09 -6.52
N GLY B 308 17.93 -3.74 -5.84
CA GLY B 308 18.41 -3.30 -4.53
C GLY B 308 17.42 -3.51 -3.42
N GLY B 309 17.30 -2.51 -2.53
CA GLY B 309 16.46 -2.63 -1.34
C GLY B 309 14.99 -2.35 -1.57
N PHE B 310 14.32 -3.24 -2.30
CA PHE B 310 12.85 -3.14 -2.44
C PHE B 310 12.15 -4.00 -1.38
N LEU B 311 10.90 -3.66 -1.10
CA LEU B 311 10.18 -4.21 0.05
C LEU B 311 10.25 -5.74 0.19
N LYS B 312 9.86 -6.46 -0.85
CA LYS B 312 9.75 -7.91 -0.77
C LYS B 312 11.08 -8.58 -0.41
N LYS B 313 12.17 -8.07 -0.97
CA LYS B 313 13.51 -8.56 -0.66
C LYS B 313 13.86 -8.31 0.81
N ALA B 314 13.59 -7.10 1.28
CA ALA B 314 13.84 -6.71 2.67
C ALA B 314 13.08 -7.61 3.66
N ILE B 315 11.83 -7.91 3.34
CA ILE B 315 10.98 -8.83 4.12
C ILE B 315 11.51 -10.27 4.02
N GLU B 316 11.99 -10.64 2.84
CA GLU B 316 12.54 -11.97 2.58
C GLU B 316 13.89 -12.16 3.28
N ASN B 317 14.76 -11.16 3.19
CA ASN B 317 16.08 -11.19 3.83
C ASN B 317 16.00 -11.14 5.35
N THR B 318 14.87 -10.64 5.84
CA THR B 318 14.56 -10.66 7.28
C THR B 318 14.64 -12.08 7.84
N GLY B 319 14.23 -13.06 7.02
CA GLY B 319 14.30 -14.47 7.41
C GLY B 319 15.58 -15.15 6.94
N LYS B 320 16.03 -14.78 5.74
CA LYS B 320 17.22 -15.38 5.13
C LYS B 320 18.55 -14.93 5.74
N THR B 321 18.59 -13.69 6.24
CA THR B 321 19.79 -13.15 6.88
C THR B 321 19.64 -13.21 8.41
N PRO B 322 20.45 -14.04 9.09
CA PRO B 322 20.37 -14.19 10.55
C PRO B 322 20.60 -12.87 11.29
N PHE B 323 19.95 -12.75 12.46
CA PHE B 323 20.05 -11.56 13.32
C PHE B 323 21.49 -11.10 13.57
N ASN B 324 22.40 -12.06 13.77
CA ASN B 324 23.79 -11.76 14.09
C ASN B 324 24.73 -11.70 12.89
N GLN B 325 24.23 -12.01 11.70
CA GLN B 325 25.08 -12.01 10.52
C GLN B 325 25.45 -10.59 10.10
N LEU B 326 26.73 -10.27 10.20
CA LEU B 326 27.26 -9.00 9.70
C LEU B 326 27.49 -9.13 8.20
N ALA B 327 27.22 -8.05 7.47
CA ALA B 327 27.39 -8.04 6.02
C ALA B 327 28.75 -8.59 5.59
N SER B 328 28.74 -9.35 4.50
CA SER B 328 29.95 -9.97 3.91
C SER B 328 30.53 -11.11 4.74
N THR B 329 29.75 -11.64 5.67
CA THR B 329 30.18 -12.81 6.44
C THR B 329 29.08 -13.87 6.45
N LYS B 330 29.44 -15.09 6.87
CA LYS B 330 28.51 -16.22 6.90
C LYS B 330 28.38 -16.77 8.33
N TYR B 331 27.31 -16.35 9.01
CA TYR B 331 27.02 -16.74 10.40
C TYR B 331 26.50 -18.16 10.48
N PRO B 332 26.92 -18.95 11.49
CA PRO B 332 27.83 -18.61 12.58
C PRO B 332 29.30 -19.00 12.38
N GLU B 333 29.69 -19.35 11.14
CA GLU B 333 31.08 -19.68 10.84
C GLU B 333 31.99 -18.49 11.18
N VAL B 334 31.53 -17.28 10.86
CA VAL B 334 32.09 -16.06 11.41
C VAL B 334 31.14 -15.58 12.49
N ASP B 335 31.64 -15.51 13.73
CA ASP B 335 30.83 -15.09 14.87
C ASP B 335 31.50 -13.91 15.56
N LEU B 336 31.00 -12.71 15.27
CA LEU B 336 31.56 -11.48 15.81
C LEU B 336 30.61 -10.79 16.80
N PRO B 337 31.17 -10.12 17.82
CA PRO B 337 30.33 -9.51 18.85
C PRO B 337 29.55 -8.31 18.35
N THR B 338 28.23 -8.42 18.41
CA THR B 338 27.34 -7.31 18.10
C THR B 338 26.56 -6.94 19.35
N VAL B 339 26.24 -5.66 19.49
CA VAL B 339 25.39 -5.21 20.60
C VAL B 339 23.91 -5.38 20.24
N GLY B 340 23.67 -5.78 18.98
CA GLY B 340 22.32 -5.92 18.45
C GLY B 340 22.29 -5.60 16.97
N SER B 341 21.08 -5.45 16.43
CA SER B 341 20.90 -5.24 14.99
C SER B 341 19.95 -4.08 14.69
N MET B 342 20.12 -3.49 13.51
CA MET B 342 19.29 -2.38 13.07
C MET B 342 18.65 -2.62 11.70
N LEU B 343 17.33 -2.45 11.63
CA LEU B 343 16.58 -2.52 10.37
C LEU B 343 16.36 -1.10 9.85
N SER B 344 16.83 -0.82 8.64
CA SER B 344 16.90 0.56 8.15
C SER B 344 15.92 0.90 7.03
N ILE B 345 15.27 2.05 7.19
CA ILE B 345 14.34 2.59 6.20
C ILE B 345 14.92 3.88 5.64
N TRP B 346 15.18 3.91 4.34
CA TRP B 346 15.83 5.04 3.70
C TRP B 346 14.87 5.77 2.76
N ALA B 347 15.20 7.01 2.42
CA ALA B 347 14.38 7.83 1.54
C ALA B 347 15.20 8.48 0.42
N ASP B 348 16.00 7.67 -0.29
CA ASP B 348 16.92 8.12 -1.35
C ASP B 348 16.26 9.07 -2.35
N ARG B 349 15.03 8.76 -2.72
CA ARG B 349 14.19 9.67 -3.49
C ARG B 349 13.09 10.14 -2.55
N PRO B 350 13.35 11.25 -1.84
CA PRO B 350 12.48 11.68 -0.74
C PRO B 350 11.06 12.08 -1.17
N SER B 351 10.85 12.27 -2.47
CA SER B 351 9.53 12.63 -2.99
C SER B 351 8.57 11.44 -3.02
N ALA B 352 9.12 10.23 -2.93
CA ALA B 352 8.31 9.01 -2.89
C ALA B 352 7.44 8.98 -1.64
N GLU B 353 6.24 8.42 -1.80
CA GLU B 353 5.25 8.40 -0.71
C GLU B 353 5.66 7.45 0.41
N TYR B 354 5.64 7.96 1.64
CA TYR B 354 5.87 7.13 2.82
C TYR B 354 4.60 6.36 3.17
N LYS B 355 4.67 5.04 3.03
CA LYS B 355 3.55 4.15 3.35
C LYS B 355 3.80 3.43 4.66
N GLU B 356 3.10 3.91 5.69
CA GLU B 356 3.22 3.43 7.06
C GLU B 356 3.08 1.90 7.20
N GLU B 357 2.23 1.31 6.36
CA GLU B 357 1.94 -0.12 6.40
C GLU B 357 3.12 -0.97 5.93
N GLU B 358 3.89 -0.42 5.00
CA GLU B 358 5.06 -1.12 4.46
C GLU B 358 6.13 -1.27 5.53
N ILE B 359 6.44 -0.16 6.19
CA ILE B 359 7.42 -0.12 7.27
C ILE B 359 7.00 -1.06 8.39
N PHE B 360 5.71 -1.04 8.73
CA PHE B 360 5.18 -1.89 9.80
C PHE B 360 5.26 -3.38 9.49
N GLU B 361 4.94 -3.74 8.24
CA GLU B 361 5.02 -5.13 7.78
C GLU B 361 6.47 -5.63 7.80
N LEU B 362 7.40 -4.77 7.39
CA LEU B 362 8.83 -5.09 7.40
C LEU B 362 9.34 -5.21 8.83
N MET B 363 8.91 -4.28 9.68
CA MET B 363 9.25 -4.29 11.11
C MET B 363 8.71 -5.54 11.78
N THR B 364 7.48 -5.92 11.44
CA THR B 364 6.82 -7.10 11.99
C THR B 364 7.56 -8.39 11.61
N ALA B 365 7.89 -8.51 10.33
CA ALA B 365 8.62 -9.66 9.80
C ALA B 365 9.92 -9.88 10.56
N PHE B 366 10.67 -8.80 10.78
CA PHE B 366 11.95 -8.82 11.49
C PHE B 366 11.82 -9.36 12.92
N ALA B 367 10.74 -8.97 13.59
CA ALA B 367 10.44 -9.45 14.94
C ALA B 367 9.94 -10.89 14.91
N ASP B 368 9.12 -11.21 13.90
CA ASP B 368 8.53 -12.55 13.75
C ASP B 368 9.59 -13.64 13.48
N HIS B 369 10.62 -13.29 12.74
CA HIS B 369 11.73 -14.23 12.48
C HIS B 369 12.74 -14.28 13.62
N ASN B 370 12.59 -13.42 14.61
CA ASN B 370 13.53 -13.33 15.73
C ASN B 370 12.87 -13.17 17.09
N LYS B 371 11.78 -13.90 17.31
CA LYS B 371 10.98 -13.80 18.54
C LYS B 371 11.79 -13.95 19.84
N ASP B 372 12.88 -14.70 19.75
CA ASP B 372 13.78 -14.93 20.90
C ASP B 372 14.54 -13.66 21.29
N TYR B 373 14.75 -12.76 20.32
CA TYR B 373 15.47 -11.52 20.56
C TYR B 373 14.56 -10.34 20.93
N PHE B 374 13.33 -10.35 20.43
CA PHE B 374 12.38 -9.26 20.65
C PHE B 374 11.50 -9.44 21.89
N ARG B 375 11.17 -8.34 22.56
CA ARG B 375 10.27 -8.35 23.71
C ARG B 375 8.82 -8.61 23.30
N ALA B 376 8.01 -9.04 24.27
CA ALA B 376 6.57 -9.14 24.07
C ALA B 376 5.92 -7.75 24.11
N ASN B 377 4.62 -7.70 23.81
CA ASN B 377 3.89 -6.44 23.80
C ASN B 377 3.42 -6.06 25.20
N TYR B 378 4.04 -5.03 25.77
CA TYR B 378 3.77 -4.60 27.14
C TYR B 378 2.85 -3.39 27.25
N ASN B 379 2.16 -3.06 26.17
CA ASN B 379 1.21 -1.95 26.14
C ASN B 379 -0.05 -2.19 26.96
N ALA B 380 -0.65 -3.37 26.78
CA ALA B 380 -1.85 -3.75 27.53
C ALA B 380 -1.58 -3.80 29.03
N LEU B 381 -0.37 -4.21 29.41
CA LEU B 381 0.07 -4.22 30.80
C LEU B 381 0.13 -2.79 31.35
N ARG B 382 0.70 -1.87 30.58
CA ARG B 382 0.81 -0.47 30.99
C ARG B 382 -0.55 0.22 31.04
N GLU B 383 -1.47 -0.20 30.17
CA GLU B 383 -2.85 0.28 30.15
C GLU B 383 -3.59 -0.12 31.43
N GLU B 384 -3.33 -1.35 31.88
CA GLU B 384 -3.98 -1.89 33.08
C GLU B 384 -3.30 -1.38 34.36
N LEU B 385 -2.00 -1.13 34.29
CA LEU B 385 -1.25 -0.60 35.43
C LEU B 385 -1.58 0.87 35.72
N ALA B 386 -1.99 1.59 34.69
CA ALA B 386 -2.42 2.99 34.84
C ALA B 386 -3.81 3.07 35.48
N LYS B 387 -4.56 1.98 35.43
CA LYS B 387 -5.89 1.88 36.03
C LYS B 387 -5.86 1.74 37.55
N ILE B 388 -4.65 1.75 38.12
CA ILE B 388 -4.44 1.59 39.56
C ILE B 388 -5.14 2.65 40.39
N SER B 396 -12.27 -4.24 52.16
CA SER B 396 -11.43 -3.47 51.23
C SER B 396 -10.08 -4.15 50.99
N LYS B 397 -9.47 -4.67 52.06
CA LYS B 397 -8.12 -5.22 52.01
C LYS B 397 -8.02 -6.57 51.29
N GLU B 398 -9.13 -7.30 51.22
CA GLU B 398 -9.17 -8.60 50.55
C GLU B 398 -9.08 -8.46 49.03
N SER B 399 -9.54 -7.32 48.52
CA SER B 399 -9.34 -6.94 47.12
C SER B 399 -7.94 -6.35 46.93
N LEU B 400 -7.37 -5.84 48.02
CA LEU B 400 -6.01 -5.28 48.02
C LEU B 400 -4.95 -6.34 48.32
N GLU B 401 -5.39 -7.59 48.46
CA GLU B 401 -4.48 -8.73 48.59
C GLU B 401 -4.49 -9.57 47.30
N ALA B 402 -5.63 -9.58 46.63
CA ALA B 402 -5.76 -10.23 45.32
C ALA B 402 -4.99 -9.46 44.26
N LEU B 403 -5.04 -8.13 44.34
CA LEU B 403 -4.31 -7.24 43.43
C LEU B 403 -2.82 -7.15 43.78
N ASP B 404 -2.48 -7.50 45.02
CA ASP B 404 -1.09 -7.52 45.47
C ASP B 404 -0.44 -8.87 45.18
N ALA B 405 -1.24 -9.82 44.70
CA ALA B 405 -0.76 -11.16 44.34
C ALA B 405 -0.46 -11.27 42.85
N ALA B 406 -1.29 -10.62 42.03
CA ALA B 406 -1.13 -10.62 40.58
C ALA B 406 -0.05 -9.66 40.12
N LYS B 407 0.13 -8.56 40.85
CA LYS B 407 1.18 -7.58 40.56
C LYS B 407 2.56 -8.14 40.92
N THR B 408 2.57 -9.19 41.73
CA THR B 408 3.79 -9.91 42.07
C THR B 408 4.20 -10.85 40.92
N ALA B 409 3.20 -11.54 40.36
CA ALA B 409 3.43 -12.57 39.34
C ALA B 409 3.60 -12.01 37.92
N LEU B 410 3.61 -10.69 37.80
CA LEU B 410 3.86 -10.03 36.52
C LEU B 410 5.32 -10.22 36.11
N ASN B 411 5.50 -10.66 34.87
CA ASN B 411 6.84 -10.90 34.32
C ASN B 411 7.16 -9.86 33.24
N TYR B 412 8.20 -9.06 33.49
CA TYR B 412 8.62 -8.01 32.58
C TYR B 412 9.73 -8.47 31.62
N ASN B 413 10.03 -9.77 31.65
CA ASN B 413 11.15 -10.33 30.90
C ASN B 413 10.75 -11.30 29.78
N LEU B 414 9.50 -11.21 29.33
CA LEU B 414 9.02 -12.10 28.29
C LEU B 414 9.42 -11.64 26.89
N ASN B 415 9.94 -12.59 26.10
CA ASN B 415 10.19 -12.36 24.69
C ASN B 415 8.92 -12.57 23.85
N ARG B 416 9.02 -12.34 22.54
CA ARG B 416 7.85 -12.37 21.65
C ARG B 416 7.16 -13.74 21.56
N ASN B 417 7.91 -14.82 21.79
CA ASN B 417 7.36 -16.18 21.83
C ASN B 417 6.35 -16.40 22.96
N LYS B 418 6.39 -15.53 23.95
CA LYS B 418 5.59 -15.70 25.17
C LYS B 418 4.52 -14.61 25.33
N GLN B 419 3.87 -14.26 24.23
CA GLN B 419 2.81 -13.25 24.26
C GLN B 419 1.55 -13.74 24.98
N ALA B 420 1.14 -14.97 24.69
CA ALA B 420 0.00 -15.60 25.35
C ALA B 420 0.23 -15.74 26.85
N GLU B 421 1.46 -16.13 27.21
CA GLU B 421 1.88 -16.23 28.61
C GLU B 421 1.77 -14.89 29.33
N LEU B 422 2.10 -13.81 28.64
CA LEU B 422 1.97 -12.46 29.18
C LEU B 422 0.52 -12.01 29.26
N ASP B 423 -0.28 -12.34 28.24
CA ASP B 423 -1.69 -11.97 28.19
C ASP B 423 -2.48 -12.53 29.37
N THR B 424 -2.19 -13.78 29.71
CA THR B 424 -2.77 -14.45 30.88
C THR B 424 -2.42 -13.72 32.18
N LEU B 425 -1.20 -13.19 32.25
CA LEU B 425 -0.75 -12.44 33.43
C LEU B 425 -1.45 -11.09 33.56
N VAL B 426 -1.68 -10.43 32.42
CA VAL B 426 -2.45 -9.18 32.37
C VAL B 426 -3.92 -9.45 32.68
N ALA B 427 -4.44 -10.56 32.15
CA ALA B 427 -5.81 -11.01 32.37
C ALA B 427 -6.09 -11.31 33.84
N ASN B 428 -5.08 -11.81 34.54
CA ASN B 428 -5.19 -12.08 35.97
C ASN B 428 -5.17 -10.79 36.78
N LEU B 429 -4.47 -9.78 36.27
CA LEU B 429 -4.41 -8.47 36.91
C LEU B 429 -5.72 -7.70 36.81
N LYS B 430 -6.39 -7.80 35.66
CA LYS B 430 -7.69 -7.13 35.46
C LYS B 430 -8.78 -7.70 36.37
N ALA B 431 -8.76 -9.02 36.54
CA ALA B 431 -9.68 -9.71 37.46
C ALA B 431 -9.33 -9.41 38.91
N ALA B 432 -8.04 -9.25 39.19
CA ALA B 432 -7.55 -8.92 40.52
C ALA B 432 -7.84 -7.47 40.90
N LEU B 433 -7.92 -6.59 39.90
CA LEU B 433 -8.20 -5.17 40.13
C LEU B 433 -9.65 -4.94 40.57
N GLN B 434 -10.51 -5.93 40.34
CA GLN B 434 -11.92 -5.86 40.71
C GLN B 434 -12.33 -7.09 41.53
N GLY C 18 38.06 11.35 -15.84
CA GLY C 18 39.11 11.18 -16.88
C GLY C 18 40.49 11.54 -16.37
N SER C 19 40.60 11.68 -15.06
CA SER C 19 41.84 12.09 -14.39
C SER C 19 42.95 11.04 -14.50
N HIS C 20 44.09 11.37 -13.91
CA HIS C 20 45.30 10.55 -14.01
C HIS C 20 45.23 9.22 -13.20
N MET C 21 44.10 8.97 -12.56
CA MET C 21 43.95 7.83 -11.65
C MET C 21 43.54 6.52 -12.32
N GLU C 22 42.77 6.62 -13.40
CA GLU C 22 42.13 5.47 -14.03
C GLU C 22 43.06 4.29 -14.31
N LYS C 23 44.20 4.57 -14.94
CA LYS C 23 45.16 3.54 -15.34
C LYS C 23 45.89 2.88 -14.16
N LEU C 24 46.15 3.65 -13.10
CA LEU C 24 46.81 3.14 -11.89
C LEU C 24 45.86 2.35 -11.00
N ALA C 25 44.56 2.64 -11.11
CA ALA C 25 43.52 1.99 -10.31
C ALA C 25 43.26 0.55 -10.73
N LYS C 26 43.69 0.20 -11.95
CA LYS C 26 43.48 -1.14 -12.50
C LYS C 26 44.39 -2.18 -11.87
N ASN C 27 44.04 -3.45 -12.04
CA ASN C 27 44.84 -4.56 -11.53
C ASN C 27 45.92 -5.00 -12.51
N LYS C 28 47.15 -5.11 -12.00
CA LYS C 28 48.27 -5.64 -12.77
C LYS C 28 48.72 -6.90 -12.07
N VAL C 29 48.44 -8.06 -12.66
CA VAL C 29 48.57 -9.34 -11.96
C VAL C 29 49.58 -10.28 -12.60
N ILE C 30 50.41 -10.90 -11.76
CA ILE C 30 51.23 -12.04 -12.16
C ILE C 30 50.62 -13.33 -11.61
N SER C 31 50.43 -14.30 -12.50
CA SER C 31 49.83 -15.58 -12.10
C SER C 31 50.86 -16.69 -12.02
N ILE C 32 50.86 -17.41 -10.90
CA ILE C 32 51.78 -18.53 -10.70
C ILE C 32 51.01 -19.83 -10.51
N ASP C 33 51.25 -20.79 -11.41
CA ASP C 33 50.66 -22.11 -11.32
C ASP C 33 51.41 -22.91 -10.26
N ALA C 34 50.98 -22.78 -9.01
CA ALA C 34 51.56 -23.53 -7.90
C ALA C 34 50.66 -24.69 -7.50
N GLY C 35 49.85 -25.14 -8.45
CA GLY C 35 48.98 -26.30 -8.26
C GLY C 35 49.63 -27.53 -8.86
N ARG C 36 50.13 -27.39 -10.08
CA ARG C 36 50.82 -28.47 -10.77
C ARG C 36 52.21 -28.69 -10.18
N LYS C 37 52.88 -27.58 -9.87
CA LYS C 37 54.27 -27.59 -9.40
C LYS C 37 54.37 -26.93 -8.02
N TYR C 38 55.32 -27.40 -7.22
CA TYR C 38 55.54 -26.85 -5.89
C TYR C 38 56.43 -25.61 -5.92
N PHE C 39 56.06 -24.62 -5.12
CA PHE C 39 56.86 -23.41 -4.93
C PHE C 39 57.05 -23.18 -3.43
N THR C 40 58.25 -22.81 -3.02
CA THR C 40 58.53 -22.54 -1.61
C THR C 40 58.04 -21.15 -1.23
N LEU C 41 57.89 -20.92 0.08
CA LEU C 41 57.50 -19.62 0.62
C LEU C 41 58.46 -18.51 0.17
N ASN C 42 59.77 -18.79 0.21
CA ASN C 42 60.79 -17.83 -0.23
C ASN C 42 60.71 -17.51 -1.73
N GLN C 43 60.48 -18.53 -2.55
CA GLN C 43 60.31 -18.34 -3.99
C GLN C 43 59.14 -17.40 -4.27
N LEU C 44 58.01 -17.66 -3.60
CA LEU C 44 56.82 -16.85 -3.79
C LEU C 44 56.95 -15.46 -3.19
N LYS C 45 57.66 -15.38 -2.06
CA LYS C 45 58.00 -14.09 -1.45
C LYS C 45 58.82 -13.24 -2.42
N ARG C 46 59.72 -13.88 -3.15
CA ARG C 46 60.56 -13.19 -4.12
C ARG C 46 59.77 -12.77 -5.36
N ILE C 47 58.72 -13.52 -5.68
CA ILE C 47 57.79 -13.12 -6.75
C ILE C 47 57.04 -11.87 -6.33
N VAL C 48 56.55 -11.85 -5.08
CA VAL C 48 55.92 -10.67 -4.48
C VAL C 48 56.87 -9.47 -4.47
N ASP C 49 58.12 -9.71 -4.08
CA ASP C 49 59.18 -8.70 -4.14
C ASP C 49 59.23 -8.04 -5.51
N LYS C 50 59.47 -8.86 -6.54
CA LYS C 50 59.60 -8.39 -7.91
C LYS C 50 58.32 -7.74 -8.42
N ALA C 51 57.18 -8.31 -8.04
CA ALA C 51 55.87 -7.74 -8.39
C ALA C 51 55.69 -6.33 -7.81
N SER C 52 55.93 -6.19 -6.51
CA SER C 52 55.87 -4.90 -5.82
C SER C 52 56.83 -3.90 -6.45
N GLU C 53 58.05 -4.37 -6.72
CA GLU C 53 59.13 -3.58 -7.30
C GLU C 53 58.76 -3.05 -8.69
N LEU C 54 58.13 -3.89 -9.51
CA LEU C 54 57.80 -3.53 -10.89
C LEU C 54 56.48 -2.75 -11.03
N GLY C 55 55.71 -2.69 -9.94
CA GLY C 55 54.47 -1.92 -9.94
C GLY C 55 53.20 -2.72 -10.09
N TYR C 56 53.31 -4.04 -9.94
CA TYR C 56 52.14 -4.93 -9.96
C TYR C 56 51.25 -4.66 -8.74
N SER C 57 50.02 -5.14 -8.79
CA SER C 57 49.06 -4.91 -7.74
C SER C 57 48.71 -6.20 -7.01
N ASP C 58 48.66 -7.29 -7.76
CA ASP C 58 48.28 -8.59 -7.21
C ASP C 58 49.17 -9.72 -7.70
N VAL C 59 49.23 -10.80 -6.91
CA VAL C 59 49.85 -12.05 -7.32
C VAL C 59 48.76 -13.10 -7.32
N HIS C 60 48.45 -13.64 -8.50
CA HIS C 60 47.49 -14.72 -8.60
C HIS C 60 48.22 -16.03 -8.33
N LEU C 61 47.80 -16.72 -7.28
CA LEU C 61 48.45 -17.94 -6.86
C LEU C 61 47.50 -19.13 -6.93
N LEU C 62 47.65 -19.95 -7.96
CA LEU C 62 46.89 -21.19 -8.06
C LEU C 62 47.46 -22.19 -7.06
N LEU C 63 46.61 -22.65 -6.14
CA LEU C 63 47.01 -23.59 -5.12
C LEU C 63 46.40 -24.96 -5.39
N GLY C 64 45.25 -24.95 -6.05
CA GLY C 64 44.61 -26.16 -6.53
C GLY C 64 44.46 -26.08 -8.02
N ASN C 65 45.36 -26.76 -8.74
CA ASN C 65 45.35 -26.81 -10.19
C ASN C 65 46.04 -28.10 -10.60
N ASP C 66 45.23 -29.12 -10.89
CA ASP C 66 45.69 -30.52 -11.00
C ASP C 66 46.04 -31.06 -9.62
N GLY C 67 47.26 -30.78 -9.16
CA GLY C 67 47.65 -31.10 -7.78
C GLY C 67 47.06 -30.07 -6.82
N LEU C 68 46.88 -30.48 -5.57
CA LEU C 68 46.39 -29.58 -4.53
C LEU C 68 47.50 -29.33 -3.50
N ARG C 69 48.13 -28.17 -3.60
CA ARG C 69 49.37 -27.90 -2.88
C ARG C 69 49.21 -26.90 -1.73
N PHE C 70 48.14 -27.07 -0.97
CA PHE C 70 47.87 -26.23 0.20
C PHE C 70 47.00 -27.00 1.20
N LEU C 71 47.51 -27.13 2.42
CA LEU C 71 46.80 -27.80 3.49
C LEU C 71 46.57 -26.85 4.66
N LEU C 72 45.30 -26.71 5.06
CA LEU C 72 44.96 -25.94 6.25
C LEU C 72 45.36 -26.73 7.49
N ASP C 73 45.42 -26.06 8.64
CA ASP C 73 45.74 -26.74 9.90
C ASP C 73 44.62 -27.70 10.30
N ASP C 74 43.38 -27.27 10.17
CA ASP C 74 42.23 -28.14 10.36
C ASP C 74 41.59 -28.45 9.00
N MET C 75 41.66 -29.71 8.60
CA MET C 75 41.12 -30.15 7.32
C MET C 75 39.88 -31.04 7.48
N THR C 76 39.20 -30.87 8.61
CA THR C 76 37.98 -31.62 8.88
C THR C 76 36.89 -31.20 7.89
N ILE C 77 36.30 -32.19 7.21
CA ILE C 77 35.23 -31.93 6.26
C ILE C 77 33.97 -32.71 6.66
N THR C 78 32.81 -32.06 6.51
CA THR C 78 31.53 -32.65 6.83
C THR C 78 30.59 -32.63 5.63
N ALA C 79 30.29 -33.82 5.10
CA ALA C 79 29.44 -33.98 3.93
C ALA C 79 28.92 -35.40 3.80
N ASN C 80 27.71 -35.53 3.27
CA ASN C 80 27.05 -36.83 3.07
C ASN C 80 26.60 -37.49 4.37
N GLY C 81 26.32 -36.67 5.38
CA GLY C 81 25.85 -37.16 6.68
C GLY C 81 26.96 -37.65 7.58
N LYS C 82 28.20 -37.58 7.11
CA LYS C 82 29.36 -37.99 7.90
C LYS C 82 30.50 -36.98 7.83
N THR C 83 31.49 -37.16 8.71
CA THR C 83 32.68 -36.31 8.72
C THR C 83 33.92 -37.12 8.33
N TYR C 84 34.90 -36.43 7.75
CA TYR C 84 36.18 -37.01 7.42
C TYR C 84 37.23 -36.31 8.27
N ALA C 85 37.90 -37.09 9.11
CA ALA C 85 38.89 -36.57 10.06
C ALA C 85 40.00 -35.79 9.38
N SER C 86 40.48 -34.76 10.07
CA SER C 86 41.53 -33.86 9.55
C SER C 86 42.77 -34.61 9.08
N ASP C 87 43.25 -35.56 9.90
CA ASP C 87 44.41 -36.38 9.56
C ASP C 87 44.18 -37.18 8.28
N ASP C 88 43.00 -37.80 8.21
CA ASP C 88 42.62 -38.63 7.06
C ASP C 88 42.51 -37.84 5.75
N VAL C 89 42.01 -36.61 5.84
CA VAL C 89 41.88 -35.71 4.69
C VAL C 89 43.25 -35.26 4.18
N LYS C 90 44.10 -34.80 5.10
CA LYS C 90 45.47 -34.39 4.79
C LYS C 90 46.26 -35.51 4.10
N LYS C 91 46.22 -36.70 4.70
CA LYS C 91 46.86 -37.90 4.15
C LYS C 91 46.38 -38.20 2.73
N ALA C 92 45.06 -38.10 2.54
CA ALA C 92 44.43 -38.36 1.23
C ALA C 92 44.89 -37.37 0.14
N ILE C 93 44.98 -36.08 0.51
CA ILE C 93 45.38 -35.02 -0.42
C ILE C 93 46.85 -35.14 -0.80
N ILE C 94 47.70 -35.34 0.21
CA ILE C 94 49.13 -35.57 -0.01
C ILE C 94 49.33 -36.71 -1.01
N GLU C 95 48.57 -37.79 -0.82
CA GLU C 95 48.61 -38.93 -1.73
C GLU C 95 48.13 -38.55 -3.13
N GLY C 96 47.03 -37.80 -3.19
CA GLY C 96 46.47 -37.34 -4.46
C GLY C 96 47.38 -36.44 -5.26
N THR C 97 48.00 -35.47 -4.58
CA THR C 97 48.94 -34.55 -5.21
C THR C 97 50.19 -35.30 -5.70
N LYS C 98 50.66 -36.25 -4.89
CA LYS C 98 51.82 -37.07 -5.25
C LYS C 98 51.50 -38.04 -6.39
N ALA C 99 50.25 -38.52 -6.43
CA ALA C 99 49.77 -39.37 -7.51
C ALA C 99 49.88 -38.64 -8.85
N TYR C 100 49.46 -37.39 -8.86
CA TYR C 100 49.56 -36.54 -10.05
C TYR C 100 51.03 -36.27 -10.39
N TYR C 101 51.78 -35.76 -9.42
CA TYR C 101 53.20 -35.48 -9.60
C TYR C 101 53.89 -35.34 -8.25
N ASP C 102 54.74 -36.32 -7.93
CA ASP C 102 55.51 -36.31 -6.69
C ASP C 102 56.69 -35.35 -6.83
N ASP C 103 56.46 -34.09 -6.50
CA ASP C 103 57.49 -33.05 -6.60
C ASP C 103 58.57 -33.24 -5.54
N PRO C 104 59.84 -33.42 -5.98
CA PRO C 104 60.97 -33.58 -5.05
C PRO C 104 61.25 -32.34 -4.20
N ASN C 105 60.80 -31.18 -4.65
CA ASN C 105 61.00 -29.91 -3.92
C ASN C 105 60.07 -29.77 -2.72
N GLY C 106 58.89 -30.39 -2.81
CA GLY C 106 57.88 -30.31 -1.76
C GLY C 106 56.51 -30.77 -2.25
N THR C 107 55.55 -30.86 -1.34
CA THR C 107 54.21 -31.33 -1.71
C THR C 107 53.17 -30.21 -1.62
N ALA C 108 53.05 -29.59 -0.45
CA ALA C 108 52.02 -28.59 -0.20
C ALA C 108 52.49 -27.49 0.74
N LEU C 109 51.99 -26.28 0.52
CA LEU C 109 52.22 -25.16 1.44
C LEU C 109 51.32 -25.30 2.65
N THR C 110 51.80 -24.89 3.81
CA THR C 110 51.02 -24.94 5.06
C THR C 110 50.20 -23.65 5.24
N GLN C 111 49.29 -23.67 6.22
CA GLN C 111 48.49 -22.49 6.56
C GLN C 111 49.35 -21.32 7.00
N ALA C 112 50.35 -21.62 7.83
CA ALA C 112 51.29 -20.61 8.35
C ALA C 112 52.10 -19.96 7.23
N GLU C 113 52.52 -20.78 6.26
CA GLU C 113 53.27 -20.30 5.10
C GLU C 113 52.43 -19.39 4.20
N VAL C 114 51.18 -19.78 3.94
CA VAL C 114 50.27 -18.97 3.12
C VAL C 114 49.84 -17.70 3.87
N THR C 115 49.63 -17.81 5.18
CA THR C 115 49.31 -16.64 6.01
C THR C 115 50.43 -15.60 5.98
N GLU C 116 51.68 -16.04 6.18
CA GLU C 116 52.83 -15.13 6.11
C GLU C 116 52.92 -14.45 4.74
N LEU C 117 52.63 -15.21 3.69
CA LEU C 117 52.70 -14.67 2.32
C LEU C 117 51.70 -13.54 2.10
N ILE C 118 50.44 -13.72 2.52
CA ILE C 118 49.43 -12.66 2.36
C ILE C 118 49.72 -11.41 3.22
N GLU C 119 50.35 -11.61 4.38
CA GLU C 119 50.76 -10.49 5.22
C GLU C 119 52.03 -9.81 4.68
N TYR C 120 52.94 -10.61 4.15
CA TYR C 120 54.15 -10.09 3.51
C TYR C 120 53.78 -9.29 2.27
N ALA C 121 52.87 -9.84 1.47
CA ALA C 121 52.38 -9.19 0.27
C ALA C 121 51.69 -7.87 0.60
N LYS C 122 50.89 -7.88 1.66
CA LYS C 122 50.18 -6.69 2.14
C LYS C 122 51.12 -5.54 2.49
N SER C 123 52.24 -5.87 3.13
CA SER C 123 53.26 -4.89 3.53
C SER C 123 53.82 -4.11 2.34
N LYS C 124 53.77 -4.72 1.16
CA LYS C 124 54.30 -4.12 -0.05
C LYS C 124 53.20 -3.69 -1.03
N ASP C 125 52.00 -3.47 -0.48
CA ASP C 125 50.81 -3.08 -1.26
C ASP C 125 50.46 -4.07 -2.37
N ILE C 126 50.74 -5.35 -2.12
CA ILE C 126 50.43 -6.43 -3.07
C ILE C 126 49.29 -7.31 -2.55
N GLY C 127 48.26 -7.48 -3.37
CA GLY C 127 47.15 -8.37 -3.05
C GLY C 127 47.43 -9.77 -3.52
N LEU C 128 46.85 -10.76 -2.84
CA LEU C 128 46.93 -12.14 -3.29
C LEU C 128 45.55 -12.63 -3.74
N ILE C 129 45.52 -13.37 -4.84
CA ILE C 129 44.28 -13.96 -5.33
C ILE C 129 44.47 -15.47 -5.48
N PRO C 130 43.92 -16.25 -4.52
CA PRO C 130 44.05 -17.70 -4.56
C PRO C 130 43.12 -18.35 -5.59
N ALA C 131 43.56 -19.48 -6.12
CA ALA C 131 42.76 -20.27 -7.05
C ALA C 131 42.71 -21.72 -6.58
N ILE C 132 41.50 -22.22 -6.34
CA ILE C 132 41.27 -23.64 -6.04
C ILE C 132 40.34 -24.18 -7.13
N ASN C 133 40.92 -24.89 -8.10
CA ASN C 133 40.19 -25.29 -9.30
C ASN C 133 39.22 -26.44 -9.07
N SER C 134 38.15 -26.44 -9.88
CA SER C 134 37.11 -27.47 -9.92
C SER C 134 36.04 -26.99 -10.91
N PRO C 135 35.29 -27.91 -11.55
CA PRO C 135 35.33 -29.37 -11.45
C PRO C 135 36.39 -30.01 -12.35
N GLY C 136 37.12 -29.19 -13.11
CA GLY C 136 38.27 -29.66 -13.87
C GLY C 136 39.55 -29.49 -13.05
N HIS C 137 40.68 -29.81 -13.67
CA HIS C 137 42.01 -29.63 -13.06
C HIS C 137 42.03 -29.98 -11.56
N MET C 138 41.61 -31.19 -11.24
CA MET C 138 41.53 -31.65 -9.85
C MET C 138 41.94 -33.12 -9.71
N ASP C 139 43.03 -33.50 -10.37
CA ASP C 139 43.59 -34.86 -10.29
C ASP C 139 43.75 -35.30 -8.84
N ALA C 140 44.33 -34.42 -8.02
CA ALA C 140 44.62 -34.69 -6.62
C ALA C 140 43.37 -34.93 -5.80
N MET C 141 42.35 -34.10 -6.04
CA MET C 141 41.08 -34.18 -5.31
C MET C 141 40.31 -35.47 -5.59
N LEU C 142 40.40 -35.96 -6.82
CA LEU C 142 39.72 -37.19 -7.23
C LEU C 142 40.34 -38.42 -6.58
N VAL C 143 41.68 -38.46 -6.52
CA VAL C 143 42.40 -39.53 -5.86
C VAL C 143 42.20 -39.43 -4.34
N ALA C 144 42.25 -38.20 -3.82
CA ALA C 144 42.03 -37.95 -2.39
C ALA C 144 40.74 -38.58 -1.88
N MET C 145 39.62 -38.29 -2.54
CA MET C 145 38.35 -38.87 -2.10
C MET C 145 38.15 -40.36 -2.45
N GLU C 146 39.03 -40.90 -3.29
CA GLU C 146 39.09 -42.35 -3.47
C GLU C 146 39.71 -43.00 -2.23
N LYS C 147 40.86 -42.51 -1.82
CA LYS C 147 41.54 -42.97 -0.60
C LYS C 147 40.73 -42.65 0.66
N LEU C 148 39.55 -42.07 0.45
CA LEU C 148 38.73 -41.53 1.54
C LEU C 148 37.35 -42.18 1.58
N GLY C 149 37.10 -43.11 0.65
CA GLY C 149 35.87 -43.90 0.66
C GLY C 149 34.83 -43.55 -0.39
N ILE C 150 35.02 -42.42 -1.07
CA ILE C 150 34.09 -42.00 -2.11
C ILE C 150 34.46 -42.65 -3.46
N LYS C 151 33.66 -43.64 -3.84
CA LYS C 151 33.90 -44.43 -5.05
C LYS C 151 33.54 -43.67 -6.32
N ASN C 152 34.37 -43.85 -7.35
CA ASN C 152 34.18 -43.28 -8.70
C ASN C 152 33.79 -41.79 -8.75
N PRO C 153 34.70 -40.90 -8.29
CA PRO C 153 34.41 -39.47 -8.35
C PRO C 153 34.61 -38.87 -9.74
N GLN C 154 35.34 -39.58 -10.60
CA GLN C 154 35.71 -39.08 -11.91
C GLN C 154 34.57 -39.08 -12.92
N ALA C 155 34.57 -38.08 -13.79
CA ALA C 155 33.67 -38.04 -14.94
C ALA C 155 34.05 -39.13 -15.93
N HIS C 156 33.09 -39.56 -16.73
CA HIS C 156 33.27 -40.70 -17.62
C HIS C 156 32.68 -40.38 -19.00
N PHE C 157 33.54 -40.31 -20.01
CA PHE C 157 33.09 -40.06 -21.39
C PHE C 157 33.70 -41.05 -22.40
N ASP C 158 34.64 -40.61 -23.22
CA ASP C 158 35.38 -41.51 -24.14
C ASP C 158 36.28 -42.46 -23.36
N LYS C 159 36.61 -42.05 -22.14
CA LYS C 159 37.35 -42.84 -21.17
C LYS C 159 37.02 -42.26 -19.80
N VAL C 160 37.34 -43.00 -18.74
CA VAL C 160 37.21 -42.44 -17.40
C VAL C 160 38.26 -41.35 -17.24
N SER C 161 37.81 -40.16 -16.82
CA SER C 161 38.70 -39.02 -16.64
C SER C 161 39.64 -39.20 -15.46
N LYS C 162 40.69 -38.41 -15.43
CA LYS C 162 41.64 -38.40 -14.32
C LYS C 162 41.74 -37.00 -13.72
N THR C 163 41.07 -36.04 -14.35
CA THR C 163 41.21 -34.62 -14.00
C THR C 163 39.89 -33.96 -13.60
N THR C 164 38.78 -34.59 -13.93
CA THR C 164 37.46 -33.94 -13.85
C THR C 164 36.45 -34.76 -13.04
N MET C 165 35.73 -34.07 -12.16
CA MET C 165 34.69 -34.67 -11.33
C MET C 165 33.39 -34.95 -12.10
N ASP C 166 32.75 -36.07 -11.75
CA ASP C 166 31.44 -36.42 -12.26
C ASP C 166 30.36 -35.54 -11.60
N LEU C 167 29.60 -34.84 -12.43
CA LEU C 167 28.57 -33.93 -11.93
C LEU C 167 27.35 -34.66 -11.39
N LYS C 168 27.22 -35.94 -11.73
CA LYS C 168 26.11 -36.79 -11.27
C LYS C 168 26.39 -37.42 -9.91
N ASN C 169 27.67 -37.54 -9.56
CA ASN C 169 28.06 -38.12 -8.27
C ASN C 169 27.91 -37.12 -7.13
N GLU C 170 26.82 -37.25 -6.38
CA GLU C 170 26.50 -36.32 -5.30
C GLU C 170 27.46 -36.44 -4.12
N GLU C 171 27.91 -37.66 -3.84
CA GLU C 171 28.87 -37.91 -2.75
C GLU C 171 30.15 -37.10 -2.96
N ALA C 172 30.62 -37.04 -4.21
CA ALA C 172 31.82 -36.30 -4.57
C ALA C 172 31.57 -34.80 -4.60
N MET C 173 30.44 -34.41 -5.18
CA MET C 173 30.04 -33.00 -5.29
C MET C 173 29.97 -32.34 -3.92
N ASN C 174 29.29 -32.99 -2.98
CA ASN C 174 29.16 -32.49 -1.61
C ASN C 174 30.50 -32.33 -0.90
N PHE C 175 31.42 -33.26 -1.12
CA PHE C 175 32.75 -33.19 -0.52
C PHE C 175 33.57 -32.04 -1.08
N VAL C 176 33.58 -31.89 -2.40
CA VAL C 176 34.35 -30.84 -3.06
C VAL C 176 33.84 -29.45 -2.66
N LYS C 177 32.51 -29.30 -2.62
CA LYS C 177 31.89 -28.06 -2.16
C LYS C 177 32.34 -27.72 -0.74
N ALA C 178 32.26 -28.69 0.16
CA ALA C 178 32.67 -28.50 1.55
C ALA C 178 34.18 -28.27 1.67
N LEU C 179 34.94 -28.86 0.74
CA LEU C 179 36.39 -28.66 0.69
C LEU C 179 36.72 -27.23 0.28
N ILE C 180 36.15 -26.79 -0.85
CA ILE C 180 36.35 -25.42 -1.35
C ILE C 180 35.83 -24.39 -0.35
N GLY C 181 34.69 -24.69 0.27
CA GLY C 181 34.13 -23.84 1.32
C GLY C 181 35.07 -23.64 2.50
N LYS C 182 35.76 -24.71 2.88
CA LYS C 182 36.70 -24.66 4.00
C LYS C 182 37.93 -23.82 3.65
N TYR C 183 38.38 -23.91 2.39
CA TYR C 183 39.44 -23.04 1.87
C TYR C 183 38.96 -21.59 1.86
N MET C 184 37.75 -21.38 1.34
CA MET C 184 37.13 -20.06 1.28
C MET C 184 37.00 -19.43 2.68
N ASP C 185 36.73 -20.27 3.67
CA ASP C 185 36.66 -19.82 5.06
C ASP C 185 37.98 -19.24 5.54
N PHE C 186 39.08 -19.82 5.09
CA PHE C 186 40.40 -19.30 5.42
C PHE C 186 40.69 -17.96 4.74
N PHE C 187 40.40 -17.88 3.44
CA PHE C 187 40.71 -16.68 2.66
C PHE C 187 39.76 -15.49 2.90
N ALA C 188 38.62 -15.75 3.53
CA ALA C 188 37.65 -14.70 3.85
C ALA C 188 38.26 -13.68 4.80
N GLY C 189 38.20 -12.41 4.41
CA GLY C 189 38.79 -11.33 5.19
C GLY C 189 40.30 -11.26 5.12
N LYS C 190 40.92 -12.15 4.37
CA LYS C 190 42.37 -12.10 4.14
C LYS C 190 42.66 -11.69 2.69
N THR C 191 41.92 -12.27 1.75
CA THR C 191 42.00 -11.89 0.34
C THR C 191 40.68 -11.27 -0.12
N LYS C 192 40.74 -10.48 -1.20
CA LYS C 192 39.55 -9.85 -1.78
C LYS C 192 38.80 -10.82 -2.69
N ILE C 193 39.55 -11.44 -3.62
CA ILE C 193 38.99 -12.27 -4.68
C ILE C 193 39.28 -13.76 -4.44
N PHE C 194 38.45 -14.63 -5.00
CA PHE C 194 38.68 -16.07 -4.96
C PHE C 194 38.36 -16.69 -6.31
N ASN C 195 39.34 -17.33 -6.92
CA ASN C 195 39.18 -17.97 -8.23
C ASN C 195 38.87 -19.46 -8.11
N PHE C 196 37.66 -19.85 -8.51
CA PHE C 196 37.28 -21.27 -8.48
C PHE C 196 37.44 -21.99 -9.82
N GLY C 197 37.91 -21.26 -10.83
CA GLY C 197 38.30 -21.84 -12.11
C GLY C 197 37.18 -22.21 -13.07
N THR C 198 36.82 -23.49 -13.04
CA THR C 198 35.82 -24.11 -13.95
C THR C 198 36.26 -24.21 -15.42
N ASP C 199 37.56 -24.11 -15.66
CA ASP C 199 38.09 -24.19 -17.02
C ASP C 199 38.26 -25.62 -17.51
N GLN C 200 38.05 -25.82 -18.82
CA GLN C 200 38.36 -27.07 -19.52
C GLN C 200 37.81 -28.34 -18.85
N TYR C 201 36.51 -28.53 -18.97
CA TYR C 201 35.84 -29.71 -18.42
C TYR C 201 36.23 -30.95 -19.20
N ALA C 202 36.68 -31.98 -18.47
CA ALA C 202 37.01 -33.30 -19.02
C ALA C 202 37.75 -33.28 -20.37
N ASN C 203 38.80 -32.45 -20.45
CA ASN C 203 39.60 -32.37 -21.68
C ASN C 203 40.32 -33.67 -22.01
N ASP C 204 40.72 -34.42 -20.99
CA ASP C 204 41.39 -35.71 -21.17
C ASP C 204 40.44 -36.81 -21.63
N ALA C 205 39.15 -36.64 -21.34
CA ALA C 205 38.14 -37.67 -21.60
C ALA C 205 37.26 -37.38 -22.80
N THR C 206 37.44 -36.21 -23.42
CA THR C 206 36.58 -35.78 -24.53
C THR C 206 37.34 -35.20 -25.72
N SER C 207 38.64 -35.48 -25.80
CA SER C 207 39.53 -34.88 -26.82
C SER C 207 39.42 -33.35 -26.81
N ALA C 208 39.41 -32.76 -25.61
CA ALA C 208 39.28 -31.31 -25.41
C ALA C 208 38.00 -30.70 -25.96
N GLN C 209 36.90 -31.45 -25.86
CA GLN C 209 35.59 -30.99 -26.34
C GLN C 209 34.55 -31.10 -25.21
N GLY C 210 34.98 -30.77 -24.00
CA GLY C 210 34.18 -30.99 -22.79
C GLY C 210 32.82 -30.34 -22.74
N TRP C 211 32.69 -29.15 -23.32
CA TRP C 211 31.44 -28.41 -23.28
C TRP C 211 30.44 -28.95 -24.30
N TYR C 212 30.95 -29.44 -25.43
CA TYR C 212 30.14 -30.12 -26.42
C TYR C 212 29.58 -31.43 -25.90
N TYR C 213 30.36 -32.12 -25.06
CA TYR C 213 29.94 -33.37 -24.43
C TYR C 213 28.91 -33.15 -23.34
N LEU C 214 29.03 -32.04 -22.62
CA LEU C 214 28.08 -31.69 -21.56
C LEU C 214 26.71 -31.37 -22.14
N LYS C 215 26.70 -30.59 -23.22
CA LYS C 215 25.47 -30.27 -23.95
C LYS C 215 24.83 -31.55 -24.50
N TRP C 216 25.67 -32.42 -25.05
CA TRP C 216 25.24 -33.70 -25.62
C TRP C 216 24.50 -34.57 -24.59
N TYR C 217 25.06 -34.65 -23.38
CA TYR C 217 24.45 -35.47 -22.33
C TYR C 217 23.55 -34.66 -21.38
N GLN C 218 23.26 -33.42 -21.79
CA GLN C 218 22.38 -32.51 -21.02
C GLN C 218 22.85 -32.30 -19.58
N LEU C 219 24.16 -32.11 -19.42
CA LEU C 219 24.77 -31.91 -18.11
C LEU C 219 25.33 -30.49 -17.97
N TYR C 220 25.16 -29.69 -19.02
CA TYR C 220 25.61 -28.30 -19.03
C TYR C 220 24.81 -27.49 -18.01
N GLY C 221 23.51 -27.75 -17.93
CA GLY C 221 22.66 -27.18 -16.89
C GLY C 221 23.17 -27.51 -15.50
N LYS C 222 23.66 -28.74 -15.33
CA LYS C 222 24.21 -29.19 -14.05
C LYS C 222 25.56 -28.55 -13.71
N PHE C 223 26.35 -28.24 -14.74
CA PHE C 223 27.60 -27.51 -14.56
C PHE C 223 27.34 -26.08 -14.09
N ALA C 224 26.27 -25.48 -14.62
CA ALA C 224 25.88 -24.12 -14.27
C ALA C 224 25.52 -24.00 -12.79
N GLU C 225 24.67 -24.89 -12.30
CA GLU C 225 24.27 -24.85 -10.89
C GLU C 225 25.42 -25.18 -9.92
N TYR C 226 26.45 -25.86 -10.42
CA TYR C 226 27.67 -26.06 -9.65
C TYR C 226 28.51 -24.78 -9.58
N ALA C 227 28.70 -24.12 -10.72
CA ALA C 227 29.42 -22.85 -10.77
C ALA C 227 28.69 -21.74 -10.00
N ASN C 228 27.37 -21.69 -10.13
CA ASN C 228 26.55 -20.71 -9.43
C ASN C 228 26.60 -20.87 -7.91
N THR C 229 26.73 -22.11 -7.45
CA THR C 229 26.84 -22.43 -6.02
C THR C 229 28.17 -21.91 -5.47
N LEU C 230 29.26 -22.22 -6.17
CA LEU C 230 30.60 -21.76 -5.81
C LEU C 230 30.74 -20.24 -5.86
N ALA C 231 29.96 -19.61 -6.74
CA ALA C 231 29.91 -18.15 -6.82
C ALA C 231 29.11 -17.56 -5.65
N ALA C 232 28.05 -18.26 -5.25
CA ALA C 232 27.25 -17.88 -4.09
C ALA C 232 28.04 -18.08 -2.80
N MET C 233 28.78 -19.18 -2.73
CA MET C 233 29.63 -19.49 -1.58
C MET C 233 30.68 -18.42 -1.32
N ALA C 234 31.26 -17.90 -2.40
CA ALA C 234 32.23 -16.82 -2.31
C ALA C 234 31.59 -15.54 -1.78
N LYS C 235 30.49 -15.12 -2.42
CA LYS C 235 29.82 -13.87 -2.06
C LYS C 235 29.33 -13.83 -0.62
N GLU C 236 28.79 -14.95 -0.13
CA GLU C 236 28.28 -15.01 1.24
C GLU C 236 29.40 -14.92 2.27
N ARG C 237 30.61 -15.33 1.87
CA ARG C 237 31.80 -15.24 2.73
C ARG C 237 32.55 -13.92 2.49
N GLY C 238 31.93 -13.02 1.74
CA GLY C 238 32.52 -11.72 1.44
C GLY C 238 33.74 -11.83 0.56
N LEU C 239 33.66 -12.69 -0.45
CA LEU C 239 34.72 -12.82 -1.44
C LEU C 239 34.17 -12.59 -2.83
N GLN C 240 34.88 -11.78 -3.62
CA GLN C 240 34.56 -11.55 -5.02
C GLN C 240 34.87 -12.83 -5.79
N PRO C 241 33.84 -13.44 -6.41
CA PRO C 241 34.12 -14.67 -7.17
C PRO C 241 34.85 -14.42 -8.48
N MET C 242 35.81 -15.29 -8.77
CA MET C 242 36.49 -15.30 -10.06
C MET C 242 36.42 -16.70 -10.66
N ALA C 243 36.31 -16.74 -11.98
CA ALA C 243 36.32 -17.98 -12.73
C ALA C 243 36.86 -17.72 -14.13
N PHE C 244 37.33 -18.77 -14.79
CA PHE C 244 37.76 -18.65 -16.18
C PHE C 244 36.53 -18.65 -17.11
N ASN C 245 36.72 -18.13 -18.32
CA ASN C 245 35.61 -17.89 -19.25
C ASN C 245 34.97 -19.14 -19.87
N ASP C 246 35.73 -20.22 -19.97
CA ASP C 246 35.36 -21.41 -20.74
C ASP C 246 33.88 -21.83 -20.60
N GLY C 247 33.45 -22.04 -19.36
CA GLY C 247 32.13 -22.59 -19.09
C GLY C 247 30.95 -21.63 -19.19
N PHE C 248 31.23 -20.33 -19.12
CA PHE C 248 30.18 -19.33 -19.12
C PHE C 248 29.63 -19.07 -20.52
N TYR C 249 28.33 -19.34 -20.67
CA TYR C 249 27.56 -19.08 -21.90
C TYR C 249 28.18 -19.62 -23.20
N TYR C 250 28.51 -20.90 -23.17
CA TYR C 250 29.17 -21.59 -24.28
C TYR C 250 28.40 -21.44 -25.61
N GLU C 251 29.12 -21.03 -26.65
CA GLU C 251 28.59 -20.83 -28.01
C GLU C 251 27.61 -19.64 -28.12
N ASP C 252 27.65 -18.75 -27.12
CA ASP C 252 26.80 -17.55 -27.05
C ASP C 252 25.32 -17.87 -26.88
N LYS C 253 25.02 -19.04 -26.32
CA LYS C 253 23.65 -19.44 -26.02
C LYS C 253 23.35 -19.15 -24.55
N ASP C 254 22.18 -18.57 -24.29
CA ASP C 254 21.76 -18.27 -22.91
C ASP C 254 20.57 -19.13 -22.48
N ASP C 255 20.48 -20.33 -23.05
CA ASP C 255 19.45 -21.29 -22.67
C ASP C 255 19.68 -21.79 -21.25
N VAL C 256 20.92 -21.70 -20.79
CA VAL C 256 21.30 -22.01 -19.41
C VAL C 256 21.97 -20.78 -18.81
N GLN C 257 21.45 -20.32 -17.68
CA GLN C 257 21.90 -19.05 -17.07
C GLN C 257 23.05 -19.20 -16.07
N PHE C 258 23.81 -18.13 -15.91
CA PHE C 258 24.95 -18.10 -14.98
C PHE C 258 24.93 -16.84 -14.10
N ASP C 259 25.59 -16.93 -12.94
CA ASP C 259 25.71 -15.81 -12.00
C ASP C 259 26.49 -14.65 -12.63
N LYS C 260 25.90 -13.46 -12.57
CA LYS C 260 26.46 -12.28 -13.22
C LYS C 260 27.55 -11.59 -12.40
N ASP C 261 27.55 -11.82 -11.09
CA ASP C 261 28.49 -11.17 -10.18
C ASP C 261 29.93 -11.69 -10.27
N VAL C 262 30.16 -12.72 -11.08
CA VAL C 262 31.49 -13.34 -11.20
C VAL C 262 32.41 -12.49 -12.07
N LEU C 263 33.64 -12.28 -11.62
CA LEU C 263 34.68 -11.67 -12.42
C LEU C 263 35.28 -12.72 -13.36
N ILE C 264 35.20 -12.45 -14.66
CA ILE C 264 35.70 -13.39 -15.66
C ILE C 264 37.19 -13.19 -15.90
N SER C 265 37.96 -14.25 -15.70
CA SER C 265 39.34 -14.29 -16.12
C SER C 265 39.36 -14.81 -17.56
N TYR C 266 39.45 -13.89 -18.53
CA TYR C 266 39.35 -14.24 -19.95
C TYR C 266 40.71 -14.45 -20.63
N TRP C 267 40.92 -15.66 -21.15
CA TRP C 267 42.22 -16.05 -21.71
C TRP C 267 42.21 -16.41 -23.20
N SER C 268 41.08 -16.93 -23.67
CA SER C 268 40.91 -17.36 -25.07
C SER C 268 39.44 -17.58 -25.39
N LYS C 269 39.09 -17.46 -26.68
CA LYS C 269 37.75 -17.82 -27.15
C LYS C 269 37.74 -19.26 -27.65
N GLY C 270 38.89 -19.94 -27.52
CA GLY C 270 39.03 -21.31 -27.97
C GLY C 270 39.57 -21.43 -29.38
N TRP C 271 39.28 -22.56 -30.01
CA TRP C 271 39.77 -22.91 -31.33
C TRP C 271 38.64 -23.63 -32.06
N TRP C 272 38.98 -24.43 -33.06
CA TRP C 272 37.95 -25.22 -33.74
C TRP C 272 37.46 -26.36 -32.85
N GLY C 273 36.15 -26.39 -32.62
CA GLY C 273 35.50 -27.43 -31.81
C GLY C 273 35.40 -27.10 -30.34
N TYR C 274 35.95 -25.95 -29.96
CA TYR C 274 35.95 -25.49 -28.58
C TYR C 274 35.41 -24.07 -28.60
N ASN C 275 34.10 -23.97 -28.83
CA ASN C 275 33.45 -22.72 -29.20
C ASN C 275 32.96 -21.91 -28.00
N LEU C 276 33.92 -21.28 -27.35
CA LEU C 276 33.67 -20.49 -26.15
C LEU C 276 32.96 -19.18 -26.49
N ALA C 277 32.30 -18.61 -25.47
CA ALA C 277 31.60 -17.34 -25.63
C ALA C 277 32.58 -16.22 -25.92
N SER C 278 32.20 -15.34 -26.86
CA SER C 278 33.02 -14.19 -27.22
C SER C 278 33.10 -13.21 -26.06
N PRO C 279 34.19 -12.43 -25.99
CA PRO C 279 34.26 -11.38 -24.97
C PRO C 279 33.13 -10.37 -25.17
N GLN C 280 32.74 -10.17 -26.42
CA GLN C 280 31.58 -9.33 -26.75
C GLN C 280 30.27 -9.86 -26.13
N TYR C 281 30.09 -11.18 -26.16
CA TYR C 281 28.86 -11.76 -25.63
C TYR C 281 28.77 -11.65 -24.11
N LEU C 282 29.85 -12.01 -23.40
CA LEU C 282 29.88 -11.92 -21.95
C LEU C 282 29.70 -10.47 -21.45
N ALA C 283 30.32 -9.53 -22.15
CA ALA C 283 30.13 -8.11 -21.87
C ALA C 283 28.65 -7.70 -22.01
N SER C 284 27.97 -8.26 -23.01
CA SER C 284 26.56 -7.98 -23.23
C SER C 284 25.68 -8.52 -22.10
N LYS C 285 26.23 -9.50 -21.36
CA LYS C 285 25.55 -10.05 -20.19
C LYS C 285 25.92 -9.32 -18.90
N GLY C 286 26.65 -8.21 -19.03
CA GLY C 286 27.01 -7.37 -17.88
C GLY C 286 28.29 -7.75 -17.15
N TYR C 287 29.04 -8.71 -17.68
CA TYR C 287 30.27 -9.18 -17.03
C TYR C 287 31.42 -8.19 -17.09
N LYS C 288 32.33 -8.32 -16.12
N LYS C 288 32.31 -8.31 -16.10
CA LYS C 288 33.58 -7.57 -16.13
CA LYS C 288 33.59 -7.60 -16.09
C LYS C 288 34.77 -8.53 -16.17
C LYS C 288 34.67 -8.63 -16.42
N PHE C 289 35.81 -8.16 -16.90
CA PHE C 289 36.94 -9.05 -17.15
C PHE C 289 38.20 -8.66 -16.41
N LEU C 290 38.89 -9.66 -15.88
CA LEU C 290 40.33 -9.55 -15.63
C LEU C 290 40.98 -10.07 -16.90
N ASN C 291 41.56 -9.17 -17.69
CA ASN C 291 42.18 -9.51 -18.97
C ASN C 291 43.38 -10.44 -18.78
N THR C 292 43.15 -11.73 -19.02
CA THR C 292 44.17 -12.75 -18.83
C THR C 292 44.58 -13.32 -20.20
N ASN C 293 44.87 -12.41 -21.13
CA ASN C 293 45.14 -12.78 -22.53
C ASN C 293 46.17 -13.89 -22.69
N GLY C 294 45.75 -14.99 -23.32
CA GLY C 294 46.60 -16.15 -23.55
C GLY C 294 47.93 -15.81 -24.21
N ASP C 295 47.96 -14.71 -24.96
CA ASP C 295 49.15 -14.26 -25.67
C ASP C 295 50.39 -14.16 -24.77
N TRP C 296 50.15 -13.79 -23.51
CA TRP C 296 51.23 -13.53 -22.55
C TRP C 296 51.67 -14.78 -21.77
N TYR C 297 51.07 -15.93 -22.10
CA TYR C 297 51.33 -17.19 -21.41
C TYR C 297 52.78 -17.66 -21.53
N TYR C 298 53.34 -18.11 -20.40
CA TYR C 298 54.60 -18.84 -20.44
C TYR C 298 54.51 -20.16 -19.69
N ILE C 299 54.76 -21.24 -20.42
CA ILE C 299 54.84 -22.59 -19.84
C ILE C 299 56.30 -22.87 -19.54
N LEU C 300 56.58 -23.32 -18.31
CA LEU C 300 57.95 -23.56 -17.87
C LEU C 300 58.65 -24.60 -18.74
N GLY C 301 59.85 -24.27 -19.20
CA GLY C 301 60.65 -25.16 -20.04
C GLY C 301 60.19 -25.25 -21.48
N GLN C 302 59.22 -24.41 -21.85
CA GLN C 302 58.69 -24.39 -23.22
C GLN C 302 59.71 -23.74 -24.16
N LYS C 303 60.12 -24.50 -25.15
CA LYS C 303 61.12 -24.07 -26.13
C LYS C 303 60.44 -23.65 -27.44
N PRO C 304 61.08 -22.73 -28.20
CA PRO C 304 60.50 -22.23 -29.46
C PRO C 304 60.03 -23.34 -30.42
N GLU C 305 60.77 -24.45 -30.45
CA GLU C 305 60.46 -25.60 -31.31
C GLU C 305 59.09 -26.22 -30.99
N ASP C 306 58.74 -26.21 -29.71
CA ASP C 306 57.49 -26.78 -29.22
C ASP C 306 56.26 -25.99 -29.66
N GLY C 307 56.48 -24.72 -30.02
CA GLY C 307 55.38 -23.81 -30.37
C GLY C 307 54.59 -23.38 -29.14
N GLY C 308 53.48 -22.69 -29.37
CA GLY C 308 52.65 -22.20 -28.27
C GLY C 308 53.34 -21.15 -27.43
N GLY C 309 53.07 -21.16 -26.13
CA GLY C 309 53.56 -20.11 -25.22
C GLY C 309 54.95 -20.30 -24.65
N PHE C 310 55.96 -20.07 -25.50
CA PHE C 310 57.36 -20.09 -25.05
C PHE C 310 57.83 -18.67 -24.70
N LEU C 311 58.88 -18.59 -23.88
CA LEU C 311 59.33 -17.32 -23.28
C LEU C 311 59.58 -16.20 -24.29
N LYS C 312 60.23 -16.53 -25.39
CA LYS C 312 60.54 -15.59 -26.47
C LYS C 312 59.26 -14.97 -27.05
N LYS C 313 58.24 -15.80 -27.25
CA LYS C 313 56.95 -15.33 -27.77
C LYS C 313 56.21 -14.45 -26.76
N ALA C 314 56.19 -14.87 -25.50
CA ALA C 314 55.48 -14.16 -24.44
C ALA C 314 56.07 -12.76 -24.19
N ILE C 315 57.40 -12.66 -24.22
CA ILE C 315 58.10 -11.37 -24.08
C ILE C 315 57.79 -10.48 -25.30
N GLU C 316 57.75 -11.09 -26.48
CA GLU C 316 57.39 -10.39 -27.70
C GLU C 316 55.95 -9.89 -27.64
N ASN C 317 55.01 -10.80 -27.39
CA ASN C 317 53.58 -10.48 -27.28
C ASN C 317 53.24 -9.51 -26.14
N THR C 318 54.18 -9.34 -25.21
CA THR C 318 53.99 -8.42 -24.08
C THR C 318 53.97 -6.95 -24.55
N GLY C 319 54.58 -6.70 -25.70
CA GLY C 319 54.52 -5.39 -26.37
C GLY C 319 53.47 -5.39 -27.47
N LYS C 320 53.52 -6.42 -28.32
CA LYS C 320 52.60 -6.58 -29.45
C LYS C 320 51.11 -6.55 -29.09
N THR C 321 50.75 -7.18 -27.97
CA THR C 321 49.36 -7.23 -27.50
C THR C 321 49.07 -6.15 -26.46
N PRO C 322 48.20 -5.17 -26.80
CA PRO C 322 47.87 -4.04 -25.91
C PRO C 322 47.31 -4.48 -24.56
N PHE C 323 47.57 -3.67 -23.53
CA PHE C 323 47.16 -3.95 -22.15
C PHE C 323 45.66 -4.25 -22.00
N ASN C 324 44.83 -3.54 -22.76
CA ASN C 324 43.38 -3.69 -22.67
C ASN C 324 42.78 -4.69 -23.67
N GLN C 325 43.63 -5.27 -24.51
CA GLN C 325 43.14 -6.18 -25.56
C GLN C 325 42.79 -7.57 -25.02
N LEU C 326 41.54 -7.96 -25.25
CA LEU C 326 41.07 -9.30 -24.90
C LEU C 326 41.26 -10.25 -26.06
N ALA C 327 41.57 -11.52 -25.75
CA ALA C 327 41.77 -12.55 -26.76
C ALA C 327 40.60 -12.62 -27.73
N SER C 328 40.92 -12.81 -29.01
CA SER C 328 39.96 -12.86 -30.13
C SER C 328 39.35 -11.49 -30.49
N THR C 329 39.91 -10.41 -29.95
CA THR C 329 39.45 -9.05 -30.27
C THR C 329 40.61 -8.14 -30.64
N LYS C 330 40.30 -7.11 -31.44
CA LYS C 330 41.29 -6.12 -31.85
C LYS C 330 41.04 -4.79 -31.13
N TYR C 331 41.99 -4.41 -30.27
CA TYR C 331 41.92 -3.14 -29.54
C TYR C 331 42.59 -2.05 -30.39
N PRO C 332 42.01 -0.83 -30.43
CA PRO C 332 40.82 -0.37 -29.71
C PRO C 332 39.48 -0.49 -30.45
N GLU C 333 39.47 -1.13 -31.62
CA GLU C 333 38.23 -1.34 -32.38
C GLU C 333 37.17 -1.99 -31.51
N VAL C 334 37.58 -2.99 -30.71
CA VAL C 334 36.74 -3.54 -29.66
C VAL C 334 37.36 -3.13 -28.33
N ASP C 335 36.60 -2.33 -27.58
CA ASP C 335 37.04 -1.79 -26.31
C ASP C 335 36.04 -2.23 -25.25
N LEU C 336 36.44 -3.22 -24.45
CA LEU C 336 35.54 -3.81 -23.45
C LEU C 336 35.93 -3.54 -22.01
N PRO C 337 34.93 -3.33 -21.13
CA PRO C 337 35.15 -3.00 -19.72
C PRO C 337 35.99 -4.03 -18.99
N THR C 338 37.20 -3.64 -18.61
CA THR C 338 38.10 -4.51 -17.87
C THR C 338 38.57 -3.83 -16.59
N VAL C 339 38.93 -4.64 -15.60
CA VAL C 339 39.43 -4.14 -14.32
C VAL C 339 40.95 -4.19 -14.28
N GLY C 340 41.54 -4.77 -15.33
CA GLY C 340 42.99 -4.91 -15.40
C GLY C 340 43.44 -6.14 -16.16
N SER C 341 44.73 -6.46 -16.04
CA SER C 341 45.34 -7.54 -16.81
C SER C 341 46.22 -8.48 -15.98
N MET C 342 46.24 -9.75 -16.39
CA MET C 342 47.00 -10.80 -15.70
C MET C 342 47.95 -11.51 -16.65
N LEU C 343 49.26 -11.45 -16.35
CA LEU C 343 50.26 -12.23 -17.04
C LEU C 343 50.43 -13.56 -16.31
N SER C 344 50.37 -14.67 -17.06
CA SER C 344 50.26 -15.98 -16.44
C SER C 344 51.45 -16.90 -16.70
N ILE C 345 51.95 -17.50 -15.63
CA ILE C 345 53.03 -18.49 -15.71
C ILE C 345 52.44 -19.85 -15.37
N TRP C 346 52.56 -20.78 -16.31
CA TRP C 346 51.97 -22.11 -16.16
C TRP C 346 53.03 -23.19 -16.07
N ALA C 347 52.65 -24.32 -15.46
CA ALA C 347 53.58 -25.43 -15.24
C ALA C 347 53.00 -26.77 -15.73
N ASP C 348 52.58 -26.80 -16.99
CA ASP C 348 51.99 -27.99 -17.62
C ASP C 348 52.85 -29.23 -17.48
N ARG C 349 54.16 -29.05 -17.62
CA ARG C 349 55.15 -30.05 -17.30
C ARG C 349 55.83 -29.59 -16.01
N PRO C 350 55.33 -30.06 -14.86
CA PRO C 350 55.80 -29.57 -13.56
C PRO C 350 57.21 -30.04 -13.19
N SER C 351 57.74 -31.02 -13.92
CA SER C 351 59.11 -31.48 -13.73
C SER C 351 60.13 -30.50 -14.31
N ALA C 352 59.68 -29.67 -15.25
CA ALA C 352 60.52 -28.64 -15.86
C ALA C 352 61.02 -27.65 -14.81
N GLU C 353 62.25 -27.18 -14.98
CA GLU C 353 62.90 -26.32 -13.99
C GLU C 353 62.30 -24.92 -13.97
N TYR C 354 61.88 -24.49 -12.78
CA TYR C 354 61.45 -23.11 -12.57
C TYR C 354 62.68 -22.22 -12.46
N LYS C 355 62.88 -21.37 -13.47
CA LYS C 355 63.99 -20.42 -13.47
C LYS C 355 63.45 -19.04 -13.14
N GLU C 356 63.83 -18.56 -11.95
CA GLU C 356 63.33 -17.31 -11.38
C GLU C 356 63.43 -16.12 -12.33
N GLU C 357 64.60 -15.95 -12.93
CA GLU C 357 64.90 -14.75 -13.72
C GLU C 357 64.24 -14.76 -15.09
N GLU C 358 63.75 -15.91 -15.52
CA GLU C 358 62.93 -16.02 -16.74
C GLU C 358 61.60 -15.31 -16.51
N ILE C 359 60.94 -15.65 -15.41
CA ILE C 359 59.67 -15.08 -15.00
C ILE C 359 59.83 -13.57 -14.78
N PHE C 360 60.91 -13.20 -14.09
CA PHE C 360 61.25 -11.80 -13.82
C PHE C 360 61.39 -10.99 -15.10
N GLU C 361 62.10 -11.52 -16.09
CA GLU C 361 62.31 -10.85 -17.37
C GLU C 361 60.99 -10.56 -18.08
N LEU C 362 60.08 -11.54 -18.02
CA LEU C 362 58.76 -11.41 -18.63
C LEU C 362 57.89 -10.44 -17.83
N MET C 363 57.99 -10.50 -16.51
CA MET C 363 57.29 -9.57 -15.62
C MET C 363 57.76 -8.14 -15.88
N THR C 364 59.08 -7.98 -16.01
CA THR C 364 59.71 -6.69 -16.32
C THR C 364 59.19 -6.13 -17.64
N ALA C 365 59.22 -6.97 -18.68
CA ALA C 365 58.83 -6.55 -20.03
C ALA C 365 57.37 -6.09 -20.09
N PHE C 366 56.49 -6.84 -19.44
CA PHE C 366 55.07 -6.50 -19.37
C PHE C 366 54.85 -5.13 -18.72
N ALA C 367 55.62 -4.85 -17.67
CA ALA C 367 55.59 -3.55 -16.98
C ALA C 367 56.23 -2.43 -17.81
N ASP C 368 57.37 -2.73 -18.44
CA ASP C 368 58.11 -1.76 -19.24
C ASP C 368 57.32 -1.25 -20.45
N HIS C 369 56.49 -2.11 -21.04
CA HIS C 369 55.64 -1.72 -22.16
C HIS C 369 54.39 -0.98 -21.72
N ASN C 370 54.11 -0.99 -20.41
CA ASN C 370 52.89 -0.37 -19.87
C ASN C 370 53.14 0.50 -18.64
N LYS C 371 54.22 1.27 -18.67
CA LYS C 371 54.68 2.06 -17.52
C LYS C 371 53.63 3.00 -16.93
N ASP C 372 52.64 3.36 -17.73
CA ASP C 372 51.54 4.24 -17.31
C ASP C 372 50.47 3.51 -16.48
N TYR C 373 50.48 2.18 -16.54
CA TYR C 373 49.55 1.35 -15.78
C TYR C 373 50.14 0.87 -14.46
N PHE C 374 51.45 0.64 -14.46
CA PHE C 374 52.17 0.09 -13.31
C PHE C 374 52.65 1.19 -12.37
N ARG C 375 52.71 0.88 -11.08
CA ARG C 375 53.27 1.80 -10.08
C ARG C 375 54.79 1.90 -10.21
N ALA C 376 55.36 2.92 -9.57
CA ALA C 376 56.81 3.03 -9.45
C ALA C 376 57.29 2.12 -8.31
N ASN C 377 58.61 2.02 -8.14
CA ASN C 377 59.19 1.21 -7.07
C ASN C 377 59.20 1.94 -5.73
N TYR C 378 58.36 1.48 -4.80
CA TYR C 378 58.24 2.10 -3.48
C TYR C 378 58.94 1.32 -2.36
N ASN C 379 59.88 0.45 -2.74
CA ASN C 379 60.64 -0.34 -1.75
C ASN C 379 61.73 0.42 -1.03
N ALA C 380 62.38 1.35 -1.75
CA ALA C 380 63.41 2.22 -1.16
C ALA C 380 62.79 3.22 -0.18
N LEU C 381 61.58 3.67 -0.51
CA LEU C 381 60.82 4.58 0.35
C LEU C 381 60.41 3.91 1.66
N ARG C 382 59.98 2.65 1.58
CA ARG C 382 59.58 1.89 2.77
C ARG C 382 60.74 1.59 3.70
N GLU C 383 61.91 1.31 3.12
CA GLU C 383 63.15 1.13 3.89
C GLU C 383 63.57 2.43 4.56
N GLU C 384 63.30 3.55 3.88
CA GLU C 384 63.66 4.87 4.38
C GLU C 384 62.73 5.34 5.50
N LEU C 385 61.45 5.04 5.38
CA LEU C 385 60.45 5.43 6.37
C LEU C 385 60.59 4.68 7.70
N ALA C 386 61.21 3.50 7.64
CA ALA C 386 61.47 2.69 8.83
C ALA C 386 62.85 3.01 9.44
N LYS C 387 63.31 4.25 9.22
CA LYS C 387 64.59 4.71 9.77
C LYS C 387 64.41 5.89 10.73
N ILE C 388 63.15 6.20 11.06
CA ILE C 388 62.84 7.29 12.00
C ILE C 388 63.18 6.92 13.44
N SER C 396 66.26 19.64 17.90
CA SER C 396 66.36 20.71 16.92
C SER C 396 65.00 21.04 16.31
N LYS C 397 64.92 22.16 15.60
CA LYS C 397 63.75 22.48 14.78
C LYS C 397 64.13 22.65 13.31
N GLU C 398 65.37 23.08 13.06
CA GLU C 398 65.90 23.22 11.70
C GLU C 398 66.18 21.86 11.06
N SER C 399 66.47 20.87 11.90
CA SER C 399 66.66 19.49 11.45
C SER C 399 65.44 18.63 11.75
N LEU C 400 64.46 19.22 12.45
CA LEU C 400 63.25 18.50 12.88
C LEU C 400 61.99 18.89 12.12
N GLU C 401 62.05 19.98 11.35
CA GLU C 401 60.92 20.42 10.53
C GLU C 401 61.16 20.13 9.05
N ALA C 402 62.43 20.02 8.66
CA ALA C 402 62.82 19.65 7.31
C ALA C 402 62.51 18.18 7.02
N LEU C 403 62.46 17.37 8.07
CA LEU C 403 62.05 15.97 7.99
C LEU C 403 60.55 15.84 7.78
N ASP C 404 59.79 16.81 8.27
CA ASP C 404 58.34 16.88 8.04
C ASP C 404 58.01 17.52 6.69
N ALA C 405 58.93 18.33 6.19
CA ALA C 405 58.77 19.02 4.90
C ALA C 405 58.86 18.05 3.71
N ALA C 406 59.85 17.16 3.76
CA ALA C 406 60.07 16.16 2.72
C ALA C 406 59.04 15.03 2.80
N LYS C 407 58.55 14.78 4.02
CA LYS C 407 57.51 13.77 4.27
C LYS C 407 56.20 14.17 3.61
N THR C 408 55.93 15.47 3.56
CA THR C 408 54.73 16.02 2.92
C THR C 408 54.89 16.00 1.41
N ALA C 409 56.13 16.18 0.94
CA ALA C 409 56.44 16.21 -0.48
C ALA C 409 56.46 14.82 -1.12
N LEU C 410 56.33 13.77 -0.30
CA LEU C 410 56.28 12.39 -0.78
C LEU C 410 55.03 12.14 -1.64
N ASN C 411 55.23 11.45 -2.75
CA ASN C 411 54.14 11.13 -3.69
C ASN C 411 53.99 9.62 -3.88
N TYR C 412 52.85 9.10 -3.41
CA TYR C 412 52.56 7.66 -3.49
C TYR C 412 51.82 7.28 -4.77
N ASN C 413 51.54 8.28 -5.60
CA ASN C 413 50.73 8.11 -6.82
C ASN C 413 51.55 8.03 -8.11
N LEU C 414 52.87 7.85 -8.00
CA LEU C 414 53.73 7.80 -9.20
C LEU C 414 53.69 6.46 -9.92
N ASN C 415 53.57 6.52 -11.25
CA ASN C 415 53.66 5.33 -12.09
C ASN C 415 55.11 5.04 -12.50
N ARG C 416 55.31 3.96 -13.26
CA ARG C 416 56.64 3.50 -13.64
C ARG C 416 57.41 4.45 -14.58
N ASN C 417 56.70 5.39 -15.19
CA ASN C 417 57.31 6.43 -16.02
C ASN C 417 58.03 7.49 -15.19
N LYS C 418 57.73 7.54 -13.89
CA LYS C 418 58.22 8.57 -13.00
C LYS C 418 59.11 8.03 -11.88
N GLN C 419 60.01 7.12 -12.22
CA GLN C 419 60.89 6.51 -11.22
C GLN C 419 61.92 7.50 -10.70
N ALA C 420 62.54 8.25 -11.62
CA ALA C 420 63.52 9.28 -11.27
C ALA C 420 62.91 10.34 -10.34
N GLU C 421 61.67 10.72 -10.63
CA GLU C 421 60.92 11.68 -9.81
C GLU C 421 60.79 11.22 -8.37
N LEU C 422 60.45 9.95 -8.17
CA LEU C 422 60.32 9.35 -6.85
C LEU C 422 61.68 9.17 -6.17
N ASP C 423 62.71 8.84 -6.96
CA ASP C 423 64.06 8.66 -6.45
C ASP C 423 64.61 9.94 -5.81
N THR C 424 64.28 11.07 -6.44
CA THR C 424 64.66 12.40 -5.93
C THR C 424 63.95 12.72 -4.61
N LEU C 425 62.66 12.39 -4.53
CA LEU C 425 61.88 12.63 -3.32
C LEU C 425 62.38 11.80 -2.15
N VAL C 426 62.75 10.55 -2.43
CA VAL C 426 63.32 9.66 -1.43
C VAL C 426 64.74 10.10 -1.07
N ALA C 427 65.47 10.62 -2.06
CA ALA C 427 66.84 11.10 -1.87
C ALA C 427 66.92 12.21 -0.81
N ASN C 428 66.16 13.28 -1.00
CA ASN C 428 66.15 14.38 -0.02
C ASN C 428 65.26 14.14 1.21
N LEU C 429 64.65 12.95 1.28
CA LEU C 429 64.05 12.48 2.52
C LEU C 429 65.13 11.89 3.42
N LYS C 430 66.19 11.34 2.81
CA LYS C 430 67.36 10.88 3.54
C LYS C 430 68.20 12.08 3.99
N ALA C 431 68.30 13.08 3.11
CA ALA C 431 68.99 14.33 3.44
C ALA C 431 68.28 15.10 4.56
N ALA C 432 66.95 15.01 4.59
CA ALA C 432 66.16 15.63 5.65
C ALA C 432 66.32 14.88 6.97
N LEU C 433 66.49 13.57 6.89
CA LEU C 433 66.61 12.72 8.07
C LEU C 433 67.98 12.87 8.75
N GLN C 434 69.02 13.05 7.93
CA GLN C 434 70.41 13.16 8.42
C GLN C 434 70.72 14.55 8.96
N GLY D 18 -32.79 33.97 12.47
CA GLY D 18 -31.62 33.48 11.68
C GLY D 18 -30.46 34.45 11.68
N SER D 19 -29.33 34.00 12.24
CA SER D 19 -28.12 34.81 12.31
C SER D 19 -26.86 33.95 12.55
N HIS D 20 -26.10 34.31 13.57
CA HIS D 20 -24.81 33.71 13.90
C HIS D 20 -24.91 32.42 14.74
N MET D 21 -26.08 32.19 15.35
CA MET D 21 -26.30 31.06 16.24
C MET D 21 -26.68 29.76 15.52
N GLU D 22 -27.32 29.90 14.37
CA GLU D 22 -27.95 28.81 13.64
C GLU D 22 -27.03 27.61 13.34
N LYS D 23 -25.89 27.88 12.71
CA LYS D 23 -24.96 26.82 12.28
C LYS D 23 -24.30 26.11 13.46
N LEU D 24 -24.01 26.85 14.53
CA LEU D 24 -23.40 26.27 15.73
C LEU D 24 -24.39 25.44 16.54
N ALA D 25 -25.65 25.85 16.53
CA ALA D 25 -26.71 25.19 17.31
C ALA D 25 -26.97 23.77 16.83
N LYS D 26 -26.66 23.51 15.56
CA LYS D 26 -26.87 22.20 14.97
C LYS D 26 -25.90 21.15 15.53
N ASN D 27 -26.29 19.88 15.43
CA ASN D 27 -25.50 18.78 15.95
C ASN D 27 -24.33 18.39 15.03
N LYS D 28 -23.16 18.22 15.63
CA LYS D 28 -22.00 17.65 14.95
C LYS D 28 -21.62 16.41 15.72
N VAL D 29 -21.94 15.24 15.15
CA VAL D 29 -21.85 13.99 15.87
C VAL D 29 -20.83 13.02 15.24
N ILE D 30 -19.99 12.43 16.09
CA ILE D 30 -19.13 11.32 15.68
C ILE D 30 -19.72 10.02 16.20
N SER D 31 -19.94 9.08 15.28
CA SER D 31 -20.48 7.76 15.63
C SER D 31 -19.40 6.70 15.70
N ILE D 32 -19.37 5.96 16.81
CA ILE D 32 -18.44 4.85 16.98
C ILE D 32 -19.23 3.56 17.17
N ASP D 33 -18.98 2.58 16.30
CA ASP D 33 -19.59 1.26 16.38
C ASP D 33 -18.87 0.43 17.44
N ALA D 34 -19.24 0.63 18.70
CA ALA D 34 -18.65 -0.09 19.82
C ALA D 34 -19.46 -1.32 20.19
N GLY D 35 -20.36 -1.71 19.29
CA GLY D 35 -21.21 -2.88 19.49
C GLY D 35 -20.61 -4.12 18.87
N ARG D 36 -20.18 -4.01 17.62
CA ARG D 36 -19.51 -5.09 16.91
C ARG D 36 -18.12 -5.34 17.50
N LYS D 37 -17.40 -4.26 17.78
CA LYS D 37 -16.01 -4.31 18.22
C LYS D 37 -15.85 -3.63 19.57
N TYR D 38 -14.97 -4.17 20.42
CA TYR D 38 -14.72 -3.62 21.74
C TYR D 38 -13.86 -2.35 21.67
N PHE D 39 -14.22 -1.37 22.49
CA PHE D 39 -13.43 -0.14 22.63
C PHE D 39 -13.18 0.12 24.11
N THR D 40 -11.92 0.37 24.47
CA THR D 40 -11.56 0.65 25.86
C THR D 40 -12.06 2.04 26.25
N LEU D 41 -12.32 2.24 27.54
CA LEU D 41 -12.78 3.53 28.05
C LEU D 41 -11.86 4.68 27.61
N ASN D 42 -10.55 4.45 27.71
CA ASN D 42 -9.55 5.44 27.28
C ASN D 42 -9.60 5.73 25.79
N GLN D 43 -9.88 4.70 24.99
CA GLN D 43 -10.03 4.87 23.55
C GLN D 43 -11.21 5.78 23.21
N LEU D 44 -12.30 5.63 23.98
CA LEU D 44 -13.48 6.45 23.80
C LEU D 44 -13.29 7.85 24.39
N LYS D 45 -12.60 7.92 25.52
CA LYS D 45 -12.20 9.19 26.12
C LYS D 45 -11.32 10.02 25.18
N ARG D 46 -10.45 9.35 24.45
CA ARG D 46 -9.59 10.01 23.47
C ARG D 46 -10.36 10.44 22.23
N ILE D 47 -11.40 9.69 21.88
CA ILE D 47 -12.32 10.09 20.81
C ILE D 47 -13.12 11.33 21.26
N VAL D 48 -13.49 11.37 22.53
CA VAL D 48 -14.15 12.56 23.12
C VAL D 48 -13.25 13.80 23.09
N ASP D 49 -11.95 13.58 23.35
CA ASP D 49 -10.95 14.65 23.29
C ASP D 49 -10.87 15.29 21.91
N LYS D 50 -10.72 14.44 20.89
CA LYS D 50 -10.65 14.90 19.50
C LYS D 50 -11.96 15.57 19.09
N ALA D 51 -13.08 14.96 19.50
CA ALA D 51 -14.40 15.51 19.20
C ALA D 51 -14.58 16.91 19.77
N SER D 52 -14.16 17.11 21.02
CA SER D 52 -14.24 18.42 21.66
C SER D 52 -13.28 19.43 21.02
N GLU D 53 -12.09 18.96 20.67
CA GLU D 53 -11.06 19.78 20.02
C GLU D 53 -11.50 20.27 18.62
N LEU D 54 -12.10 19.38 17.85
CA LEU D 54 -12.49 19.69 16.47
C LEU D 54 -13.80 20.48 16.36
N GLY D 55 -14.52 20.60 17.47
CA GLY D 55 -15.76 21.37 17.51
C GLY D 55 -17.03 20.57 17.27
N TYR D 56 -16.96 19.26 17.54
CA TYR D 56 -18.12 18.40 17.50
C TYR D 56 -19.01 18.69 18.70
N SER D 57 -20.21 18.10 18.71
CA SER D 57 -21.15 18.29 19.78
C SER D 57 -21.45 17.01 20.56
N ASP D 58 -21.45 15.88 19.88
CA ASP D 58 -21.86 14.61 20.49
C ASP D 58 -21.03 13.42 20.08
N VAL D 59 -21.00 12.41 20.94
CA VAL D 59 -20.47 11.10 20.57
C VAL D 59 -21.64 10.12 20.54
N HIS D 60 -21.88 9.56 19.36
CA HIS D 60 -22.89 8.52 19.16
C HIS D 60 -22.20 7.18 19.36
N LEU D 61 -22.56 6.50 20.45
CA LEU D 61 -21.91 5.25 20.82
C LEU D 61 -22.85 4.06 20.72
N LEU D 62 -22.65 3.24 19.69
CA LEU D 62 -23.40 2.00 19.52
C LEU D 62 -22.85 0.97 20.49
N LEU D 63 -23.62 0.66 21.52
CA LEU D 63 -23.21 -0.34 22.52
C LEU D 63 -23.81 -1.71 22.19
N GLY D 64 -25.01 -1.68 21.63
CA GLY D 64 -25.67 -2.89 21.15
C GLY D 64 -25.82 -2.84 19.64
N ASN D 65 -24.82 -3.37 18.94
CA ASN D 65 -24.84 -3.46 17.49
C ASN D 65 -24.16 -4.76 17.07
N ASP D 66 -24.97 -5.76 16.71
CA ASP D 66 -24.52 -7.16 16.54
C ASP D 66 -24.11 -7.78 17.88
N GLY D 67 -23.00 -7.32 18.44
CA GLY D 67 -22.62 -7.67 19.81
C GLY D 67 -23.32 -6.73 20.78
N LEU D 68 -23.39 -7.14 22.04
CA LEU D 68 -23.91 -6.28 23.11
C LEU D 68 -22.80 -6.04 24.13
N ARG D 69 -22.20 -4.85 24.06
CA ARG D 69 -20.97 -4.56 24.78
C ARG D 69 -21.12 -3.51 25.88
N PHE D 70 -22.15 -3.67 26.71
CA PHE D 70 -22.39 -2.81 27.87
C PHE D 70 -23.24 -3.54 28.89
N LEU D 71 -22.72 -3.67 30.10
CA LEU D 71 -23.44 -4.36 31.18
C LEU D 71 -23.71 -3.44 32.35
N LEU D 72 -24.98 -3.41 32.78
CA LEU D 72 -25.37 -2.71 33.99
C LEU D 72 -24.95 -3.52 35.21
N ASP D 73 -24.77 -2.84 36.34
CA ASP D 73 -24.44 -3.48 37.61
C ASP D 73 -25.54 -4.44 38.06
N ASP D 74 -26.79 -4.10 37.72
CA ASP D 74 -27.94 -4.95 38.00
C ASP D 74 -28.71 -5.25 36.72
N MET D 75 -28.64 -6.49 36.26
CA MET D 75 -29.25 -6.90 35.00
C MET D 75 -30.46 -7.81 35.19
N THR D 76 -31.13 -7.66 36.35
CA THR D 76 -32.34 -8.43 36.62
C THR D 76 -33.45 -7.98 35.68
N ILE D 77 -34.03 -8.95 34.97
CA ILE D 77 -35.08 -8.69 33.99
C ILE D 77 -36.39 -9.34 34.43
N THR D 78 -37.49 -8.62 34.23
CA THR D 78 -38.83 -9.11 34.56
C THR D 78 -39.71 -9.10 33.31
N ALA D 79 -40.00 -10.30 32.81
CA ALA D 79 -40.85 -10.47 31.64
C ALA D 79 -41.44 -11.88 31.61
N ASN D 80 -42.58 -12.03 30.95
CA ASN D 80 -43.25 -13.32 30.78
C ASN D 80 -43.76 -13.93 32.11
N GLY D 81 -43.87 -13.10 33.14
CA GLY D 81 -44.37 -13.54 34.44
C GLY D 81 -43.35 -14.28 35.28
N LYS D 82 -42.07 -14.08 34.96
CA LYS D 82 -40.96 -14.67 35.71
C LYS D 82 -39.76 -13.72 35.70
N THR D 83 -38.81 -13.95 36.60
CA THR D 83 -37.61 -13.10 36.67
C THR D 83 -36.32 -13.85 36.32
N TYR D 84 -35.46 -13.16 35.57
CA TYR D 84 -34.15 -13.69 35.18
C TYR D 84 -33.09 -13.01 36.05
N ALA D 85 -32.34 -13.82 36.80
CA ALA D 85 -31.33 -13.32 37.73
C ALA D 85 -30.25 -12.49 37.06
N SER D 86 -29.74 -11.50 37.77
CA SER D 86 -28.72 -10.58 37.24
C SER D 86 -27.51 -11.31 36.67
N ASP D 87 -26.95 -12.26 37.42
CA ASP D 87 -25.77 -13.00 37.00
C ASP D 87 -26.01 -13.89 35.77
N ASP D 88 -27.20 -14.51 35.71
CA ASP D 88 -27.58 -15.34 34.58
C ASP D 88 -27.66 -14.54 33.28
N VAL D 89 -28.20 -13.32 33.38
CA VAL D 89 -28.34 -12.43 32.23
C VAL D 89 -26.96 -11.95 31.74
N LYS D 90 -26.09 -11.57 32.68
CA LYS D 90 -24.72 -11.15 32.37
C LYS D 90 -23.92 -12.27 31.70
N LYS D 91 -24.02 -13.47 32.25
CA LYS D 91 -23.36 -14.66 31.71
C LYS D 91 -23.81 -14.91 30.28
N ALA D 92 -25.13 -14.89 30.10
CA ALA D 92 -25.76 -15.10 28.79
C ALA D 92 -25.33 -14.06 27.75
N ILE D 93 -25.35 -12.79 28.13
CA ILE D 93 -24.95 -11.70 27.23
C ILE D 93 -23.48 -11.79 26.83
N ILE D 94 -22.62 -12.12 27.80
CA ILE D 94 -21.19 -12.30 27.50
C ILE D 94 -20.99 -13.47 26.55
N GLU D 95 -21.72 -14.57 26.78
CA GLU D 95 -21.69 -15.73 25.90
C GLU D 95 -22.26 -15.43 24.51
N GLY D 96 -23.28 -14.58 24.48
CA GLY D 96 -23.88 -14.12 23.22
C GLY D 96 -22.96 -13.20 22.43
N THR D 97 -22.29 -12.29 23.14
CA THR D 97 -21.36 -11.36 22.51
C THR D 97 -20.08 -12.06 22.03
N LYS D 98 -19.61 -13.04 22.79
CA LYS D 98 -18.45 -13.84 22.39
C LYS D 98 -18.78 -14.80 21.24
N ALA D 99 -20.04 -15.23 21.16
CA ALA D 99 -20.53 -16.06 20.06
C ALA D 99 -20.51 -15.34 18.72
N TYR D 100 -20.78 -14.03 18.74
CA TYR D 100 -20.69 -13.20 17.54
C TYR D 100 -19.23 -12.91 17.18
N TYR D 101 -18.46 -12.48 18.17
CA TYR D 101 -17.02 -12.22 18.01
C TYR D 101 -16.32 -12.11 19.37
N ASP D 102 -15.42 -13.06 19.64
CA ASP D 102 -14.67 -13.06 20.89
C ASP D 102 -13.48 -12.11 20.78
N ASP D 103 -13.74 -10.82 20.97
CA ASP D 103 -12.73 -9.76 20.85
C ASP D 103 -11.64 -9.94 21.91
N PRO D 104 -10.37 -10.08 21.47
CA PRO D 104 -9.24 -10.26 22.39
C PRO D 104 -8.98 -9.08 23.31
N ASN D 105 -9.38 -7.89 22.88
CA ASN D 105 -9.16 -6.65 23.64
C ASN D 105 -10.14 -6.45 24.81
N GLY D 106 -11.26 -7.16 24.77
CA GLY D 106 -12.30 -7.05 25.80
C GLY D 106 -13.67 -7.47 25.31
N THR D 107 -14.63 -7.55 26.24
CA THR D 107 -15.98 -7.99 25.89
C THR D 107 -17.00 -6.84 25.98
N ALA D 108 -17.26 -6.36 27.19
CA ALA D 108 -18.29 -5.35 27.42
C ALA D 108 -17.82 -4.25 28.37
N LEU D 109 -18.38 -3.05 28.19
CA LEU D 109 -18.11 -1.95 29.11
C LEU D 109 -19.00 -2.06 30.34
N THR D 110 -18.47 -1.64 31.49
CA THR D 110 -19.21 -1.68 32.76
C THR D 110 -20.07 -0.44 32.93
N GLN D 111 -20.95 -0.46 33.95
CA GLN D 111 -21.75 0.71 34.31
C GLN D 111 -20.83 1.85 34.76
N ALA D 112 -19.79 1.50 35.51
CA ALA D 112 -18.83 2.48 36.03
C ALA D 112 -18.01 3.17 34.92
N GLU D 113 -17.72 2.43 33.86
CA GLU D 113 -16.96 2.97 32.72
C GLU D 113 -17.78 3.94 31.87
N VAL D 114 -19.02 3.55 31.55
CA VAL D 114 -19.91 4.38 30.74
C VAL D 114 -20.38 5.63 31.48
N THR D 115 -20.61 5.50 32.79
CA THR D 115 -20.92 6.63 33.67
C THR D 115 -19.81 7.67 33.62
N GLU D 116 -18.56 7.22 33.76
CA GLU D 116 -17.40 8.12 33.74
C GLU D 116 -17.19 8.74 32.37
N LEU D 117 -17.54 8.02 31.31
CA LEU D 117 -17.47 8.54 29.95
C LEU D 117 -18.48 9.67 29.73
N ILE D 118 -19.69 9.49 30.24
CA ILE D 118 -20.74 10.51 30.13
C ILE D 118 -20.35 11.78 30.89
N GLU D 119 -19.76 11.62 32.08
CA GLU D 119 -19.32 12.77 32.88
C GLU D 119 -18.06 13.45 32.31
N TYR D 120 -17.16 12.65 31.75
CA TYR D 120 -15.97 13.17 31.07
C TYR D 120 -16.33 13.95 29.82
N ALA D 121 -17.33 13.47 29.09
CA ALA D 121 -17.81 14.15 27.90
C ALA D 121 -18.56 15.44 28.24
N LYS D 122 -19.35 15.38 29.32
CA LYS D 122 -20.13 16.54 29.79
C LYS D 122 -19.25 17.72 30.21
N SER D 123 -18.07 17.42 30.76
CA SER D 123 -17.12 18.46 31.16
C SER D 123 -16.51 19.20 29.98
N LYS D 124 -16.61 18.61 28.79
CA LYS D 124 -16.11 19.20 27.56
C LYS D 124 -17.25 19.62 26.63
N ASP D 125 -18.43 19.81 27.21
CA ASP D 125 -19.65 20.20 26.49
C ASP D 125 -19.98 19.25 25.32
N ILE D 126 -19.75 17.95 25.56
CA ILE D 126 -20.04 16.91 24.58
C ILE D 126 -21.08 15.94 25.16
N GLY D 127 -22.17 15.76 24.41
CA GLY D 127 -23.21 14.81 24.83
C GLY D 127 -22.88 13.39 24.41
N LEU D 128 -23.70 12.43 24.86
CA LEU D 128 -23.57 11.05 24.41
C LEU D 128 -24.91 10.55 23.88
N ILE D 129 -24.87 9.97 22.69
CA ILE D 129 -26.05 9.33 22.11
C ILE D 129 -25.81 7.83 22.07
N PRO D 130 -26.33 7.09 23.07
CA PRO D 130 -26.20 5.64 23.11
C PRO D 130 -27.15 4.96 22.12
N ALA D 131 -26.77 3.76 21.67
CA ALA D 131 -27.60 2.98 20.78
C ALA D 131 -27.61 1.51 21.17
N ILE D 132 -28.80 0.94 21.30
CA ILE D 132 -28.97 -0.49 21.52
C ILE D 132 -29.92 -0.99 20.44
N ASN D 133 -29.38 -1.72 19.47
CA ASN D 133 -30.13 -2.09 18.27
C ASN D 133 -31.05 -3.29 18.43
N SER D 134 -32.19 -3.21 17.74
CA SER D 134 -33.21 -4.26 17.65
C SER D 134 -34.33 -3.75 16.72
N PRO D 135 -35.11 -4.65 16.09
CA PRO D 135 -35.06 -6.11 16.18
C PRO D 135 -33.97 -6.74 15.28
N GLY D 136 -33.23 -5.90 14.56
CA GLY D 136 -32.07 -6.34 13.80
C GLY D 136 -30.80 -6.18 14.61
N HIS D 137 -29.69 -6.59 14.00
CA HIS D 137 -28.35 -6.41 14.59
C HIS D 137 -28.26 -6.76 16.07
N MET D 138 -28.79 -7.92 16.44
CA MET D 138 -28.85 -8.35 17.83
C MET D 138 -28.40 -9.80 18.01
N ASP D 139 -27.28 -10.15 17.39
CA ASP D 139 -26.71 -11.49 17.45
C ASP D 139 -26.53 -11.95 18.89
N ALA D 140 -25.95 -11.08 19.71
CA ALA D 140 -25.65 -11.36 21.11
C ALA D 140 -26.91 -11.69 21.91
N MET D 141 -27.92 -10.84 21.80
CA MET D 141 -29.18 -10.99 22.53
C MET D 141 -29.90 -12.31 22.22
N LEU D 142 -29.98 -12.66 20.95
CA LEU D 142 -30.66 -13.89 20.52
C LEU D 142 -30.05 -15.13 21.17
N VAL D 143 -28.73 -15.20 21.15
CA VAL D 143 -27.99 -16.28 21.82
C VAL D 143 -28.12 -16.15 23.33
N ALA D 144 -28.10 -14.91 23.83
CA ALA D 144 -28.26 -14.65 25.26
C ALA D 144 -29.59 -15.20 25.80
N MET D 145 -30.69 -14.95 25.09
CA MET D 145 -31.98 -15.48 25.52
C MET D 145 -32.20 -16.97 25.16
N GLU D 146 -31.39 -17.49 24.24
CA GLU D 146 -31.29 -18.93 24.05
C GLU D 146 -30.63 -19.57 25.27
N LYS D 147 -29.56 -18.94 25.75
CA LYS D 147 -28.88 -19.38 26.98
C LYS D 147 -29.72 -19.13 28.24
N LEU D 148 -30.66 -18.19 28.16
CA LEU D 148 -31.55 -17.87 29.28
C LEU D 148 -32.79 -18.79 29.32
N GLY D 149 -32.99 -19.56 28.25
CA GLY D 149 -34.07 -20.52 28.19
C GLY D 149 -35.24 -20.16 27.29
N ILE D 150 -35.12 -19.03 26.59
CA ILE D 150 -36.13 -18.63 25.60
C ILE D 150 -35.80 -19.30 24.27
N LYS D 151 -36.72 -20.16 23.83
CA LYS D 151 -36.53 -21.03 22.68
C LYS D 151 -36.88 -20.34 21.38
N ASN D 152 -36.03 -20.50 20.37
CA ASN D 152 -36.23 -19.95 19.02
C ASN D 152 -36.60 -18.46 18.94
N PRO D 153 -35.71 -17.57 19.42
CA PRO D 153 -36.02 -16.13 19.34
C PRO D 153 -35.79 -15.54 17.96
N GLN D 154 -35.11 -16.29 17.08
CA GLN D 154 -34.70 -15.76 15.79
C GLN D 154 -35.82 -15.75 14.75
N ALA D 155 -35.76 -14.75 13.87
CA ALA D 155 -36.61 -14.69 12.69
C ALA D 155 -36.25 -15.82 11.74
N HIS D 156 -37.18 -16.18 10.86
CA HIS D 156 -37.04 -17.37 10.04
C HIS D 156 -37.63 -17.16 8.64
N PHE D 157 -36.78 -17.09 7.63
CA PHE D 157 -37.22 -16.88 6.26
C PHE D 157 -36.62 -17.90 5.29
N ASP D 158 -35.66 -17.47 4.47
CA ASP D 158 -34.96 -18.37 3.55
C ASP D 158 -33.97 -19.24 4.33
N LYS D 159 -33.58 -18.75 5.50
CA LYS D 159 -32.88 -19.53 6.53
C LYS D 159 -33.22 -18.94 7.89
N VAL D 160 -32.82 -19.63 8.96
CA VAL D 160 -33.01 -19.11 10.32
C VAL D 160 -32.00 -17.98 10.54
N SER D 161 -32.51 -16.81 10.92
CA SER D 161 -31.68 -15.64 11.14
C SER D 161 -30.73 -15.81 12.32
N LYS D 162 -29.58 -15.14 12.24
CA LYS D 162 -28.60 -15.12 13.32
C LYS D 162 -28.49 -13.72 13.89
N THR D 163 -29.15 -12.76 13.23
CA THR D 163 -29.02 -11.35 13.56
C THR D 163 -30.33 -10.68 14.00
N THR D 164 -31.45 -11.37 13.77
CA THR D 164 -32.77 -10.74 13.89
C THR D 164 -33.79 -11.52 14.71
N MET D 165 -34.61 -10.80 15.47
CA MET D 165 -35.64 -11.38 16.31
C MET D 165 -36.95 -11.66 15.56
N ASP D 166 -37.57 -12.78 15.92
CA ASP D 166 -38.91 -13.14 15.48
C ASP D 166 -39.94 -12.26 16.17
N LEU D 167 -40.68 -11.47 15.39
CA LEU D 167 -41.66 -10.53 15.95
C LEU D 167 -42.91 -11.21 16.49
N LYS D 168 -43.14 -12.44 16.06
CA LYS D 168 -44.27 -13.24 16.54
C LYS D 168 -43.97 -13.95 17.86
N ASN D 169 -42.69 -14.26 18.09
CA ASN D 169 -42.26 -14.88 19.36
C ASN D 169 -42.42 -13.90 20.51
N GLU D 170 -43.54 -14.01 21.22
CA GLU D 170 -43.89 -13.08 22.29
C GLU D 170 -42.91 -13.13 23.46
N GLU D 171 -42.45 -14.33 23.81
CA GLU D 171 -41.49 -14.53 24.90
C GLU D 171 -40.22 -13.70 24.67
N ALA D 172 -39.68 -13.77 23.45
CA ALA D 172 -38.50 -13.01 23.06
C ALA D 172 -38.79 -11.52 23.02
N MET D 173 -39.95 -11.16 22.45
CA MET D 173 -40.37 -9.76 22.35
C MET D 173 -40.50 -9.10 23.72
N ASN D 174 -41.08 -9.83 24.67
CA ASN D 174 -41.24 -9.34 26.04
C ASN D 174 -39.92 -9.16 26.78
N PHE D 175 -38.96 -10.04 26.51
CA PHE D 175 -37.65 -9.97 27.16
C PHE D 175 -36.84 -8.76 26.70
N VAL D 176 -36.72 -8.59 25.39
CA VAL D 176 -35.93 -7.51 24.79
C VAL D 176 -36.46 -6.12 25.13
N LYS D 177 -37.79 -5.99 25.22
CA LYS D 177 -38.42 -4.74 25.65
C LYS D 177 -38.02 -4.38 27.07
N ALA D 178 -38.01 -5.39 27.94
CA ALA D 178 -37.60 -5.20 29.34
C ALA D 178 -36.10 -4.91 29.45
N LEU D 179 -35.31 -5.55 28.59
CA LEU D 179 -33.87 -5.31 28.55
C LEU D 179 -33.55 -3.88 28.10
N ILE D 180 -34.17 -3.45 27.00
CA ILE D 180 -33.97 -2.09 26.49
C ILE D 180 -34.47 -1.07 27.51
N GLY D 181 -35.60 -1.37 28.15
CA GLY D 181 -36.12 -0.55 29.25
C GLY D 181 -35.09 -0.31 30.33
N LYS D 182 -34.44 -1.39 30.79
CA LYS D 182 -33.36 -1.29 31.77
C LYS D 182 -32.18 -0.44 31.31
N TYR D 183 -31.85 -0.52 30.04
CA TYR D 183 -30.82 0.35 29.46
C TYR D 183 -31.29 1.80 29.42
N MET D 184 -32.54 2.00 29.00
CA MET D 184 -33.16 3.33 28.99
C MET D 184 -33.24 3.94 30.40
N ASP D 185 -33.59 3.11 31.38
CA ASP D 185 -33.63 3.54 32.79
C ASP D 185 -32.29 4.14 33.22
N PHE D 186 -31.20 3.54 32.73
CA PHE D 186 -29.86 4.02 33.03
C PHE D 186 -29.57 5.38 32.39
N PHE D 187 -29.82 5.50 31.10
CA PHE D 187 -29.53 6.74 30.35
C PHE D 187 -30.52 7.87 30.65
N ALA D 188 -31.61 7.54 31.34
CA ALA D 188 -32.61 8.51 31.74
C ALA D 188 -32.02 9.53 32.71
N GLY D 189 -32.00 10.79 32.29
CA GLY D 189 -31.43 11.87 33.10
C GLY D 189 -29.95 12.10 32.89
N LYS D 190 -29.33 11.26 32.06
CA LYS D 190 -27.89 11.36 31.78
C LYS D 190 -27.61 11.80 30.33
N THR D 191 -28.51 11.39 29.42
CA THR D 191 -28.39 11.69 27.99
C THR D 191 -29.72 12.19 27.42
N LYS D 192 -29.65 13.05 26.40
CA LYS D 192 -30.83 13.64 25.78
C LYS D 192 -31.51 12.69 24.79
N ILE D 193 -30.70 11.94 24.05
CA ILE D 193 -31.18 11.11 22.95
C ILE D 193 -30.93 9.62 23.20
N PHE D 194 -31.85 8.78 22.75
CA PHE D 194 -31.68 7.33 22.77
C PHE D 194 -32.01 6.73 21.41
N ASN D 195 -31.06 5.98 20.86
CA ASN D 195 -31.20 5.39 19.53
C ASN D 195 -31.50 3.89 19.61
N PHE D 196 -32.71 3.49 19.23
CA PHE D 196 -33.12 2.08 19.28
C PHE D 196 -32.97 1.35 17.94
N GLY D 197 -32.44 2.07 16.94
CA GLY D 197 -32.00 1.46 15.68
C GLY D 197 -33.08 1.08 14.69
N THR D 198 -33.41 -0.21 14.66
CA THR D 198 -34.41 -0.83 13.76
C THR D 198 -33.96 -1.04 12.31
N ASP D 199 -32.70 -0.74 12.02
CA ASP D 199 -32.17 -0.87 10.66
C ASP D 199 -31.99 -2.31 10.19
N GLN D 200 -32.11 -2.52 8.88
CA GLN D 200 -31.79 -3.78 8.20
C GLN D 200 -32.38 -5.05 8.85
N TYR D 201 -33.70 -5.14 8.87
CA TYR D 201 -34.39 -6.28 9.46
C TYR D 201 -34.09 -7.57 8.70
N ALA D 202 -33.56 -8.56 9.43
CA ALA D 202 -33.28 -9.90 8.89
C ALA D 202 -32.64 -9.96 7.50
N ASN D 203 -31.62 -9.13 7.30
CA ASN D 203 -30.92 -9.10 6.01
C ASN D 203 -30.19 -10.41 5.68
N ASP D 204 -29.70 -11.09 6.72
CA ASP D 204 -28.99 -12.35 6.56
C ASP D 204 -29.88 -13.48 6.06
N ALA D 205 -31.18 -13.39 6.35
CA ALA D 205 -32.13 -14.46 6.03
C ALA D 205 -33.01 -14.14 4.82
N THR D 206 -32.86 -12.95 4.25
CA THR D 206 -33.74 -12.47 3.19
C THR D 206 -32.98 -11.91 1.98
N SER D 207 -31.64 -12.08 1.97
CA SER D 207 -30.77 -11.48 0.94
C SER D 207 -30.94 -9.97 0.88
N ALA D 208 -30.88 -9.32 2.05
CA ALA D 208 -31.06 -7.88 2.20
C ALA D 208 -32.35 -7.34 1.54
N GLN D 209 -33.47 -7.98 1.86
CA GLN D 209 -34.78 -7.58 1.36
C GLN D 209 -35.82 -7.75 2.48
N GLY D 210 -35.38 -7.49 3.71
CA GLY D 210 -36.16 -7.76 4.91
C GLY D 210 -37.51 -7.07 5.01
N TRP D 211 -37.57 -5.83 4.54
CA TRP D 211 -38.81 -5.05 4.59
C TRP D 211 -39.82 -5.60 3.60
N TYR D 212 -39.33 -6.00 2.43
CA TYR D 212 -40.15 -6.65 1.42
C TYR D 212 -40.79 -7.91 2.01
N TYR D 213 -39.98 -8.68 2.73
CA TYR D 213 -40.44 -9.93 3.37
C TYR D 213 -41.49 -9.68 4.45
N LEU D 214 -41.27 -8.63 5.26
CA LEU D 214 -42.24 -8.25 6.30
C LEU D 214 -43.58 -7.88 5.68
N LYS D 215 -43.54 -7.17 4.55
CA LYS D 215 -44.75 -6.80 3.81
C LYS D 215 -45.46 -8.05 3.26
N TRP D 216 -44.67 -8.98 2.74
CA TRP D 216 -45.16 -10.22 2.12
C TRP D 216 -45.91 -11.10 3.14
N TYR D 217 -45.34 -11.24 4.34
CA TYR D 217 -45.94 -12.07 5.38
C TYR D 217 -46.83 -11.26 6.34
N GLN D 218 -47.19 -10.06 5.91
CA GLN D 218 -48.05 -9.14 6.67
C GLN D 218 -47.56 -8.92 8.11
N LEU D 219 -46.25 -8.72 8.23
CA LEU D 219 -45.60 -8.54 9.52
C LEU D 219 -45.00 -7.13 9.68
N TYR D 220 -45.24 -6.28 8.69
CA TYR D 220 -44.77 -4.89 8.75
C TYR D 220 -45.54 -4.07 9.79
N GLY D 221 -46.80 -4.43 10.02
CA GLY D 221 -47.62 -3.81 11.05
C GLY D 221 -47.12 -4.10 12.47
N LYS D 222 -46.61 -5.31 12.67
CA LYS D 222 -46.04 -5.72 13.96
C LYS D 222 -44.68 -5.07 14.21
N PHE D 223 -43.91 -4.85 13.15
CA PHE D 223 -42.65 -4.12 13.26
C PHE D 223 -42.92 -2.69 13.70
N ALA D 224 -43.91 -2.06 13.07
CA ALA D 224 -44.33 -0.71 13.39
C ALA D 224 -44.75 -0.63 14.86
N GLU D 225 -45.55 -1.60 15.29
CA GLU D 225 -45.98 -1.72 16.67
C GLU D 225 -44.78 -1.72 17.63
N TYR D 226 -43.80 -2.56 17.33
CA TYR D 226 -42.56 -2.66 18.13
C TYR D 226 -41.74 -1.36 18.10
N ALA D 227 -41.69 -0.72 16.93
CA ALA D 227 -40.98 0.54 16.78
C ALA D 227 -41.66 1.66 17.58
N ASN D 228 -42.99 1.73 17.48
CA ASN D 228 -43.79 2.70 18.23
C ASN D 228 -43.71 2.49 19.74
N THR D 229 -43.62 1.23 20.16
CA THR D 229 -43.45 0.89 21.57
C THR D 229 -42.12 1.43 22.10
N LEU D 230 -41.03 1.11 21.41
CA LEU D 230 -39.70 1.59 21.79
C LEU D 230 -39.64 3.11 21.88
N ALA D 231 -40.29 3.77 20.92
CA ALA D 231 -40.38 5.23 20.91
C ALA D 231 -41.14 5.74 22.15
N ALA D 232 -42.25 5.09 22.46
CA ALA D 232 -43.04 5.42 23.64
C ALA D 232 -42.27 5.17 24.93
N MET D 233 -41.44 4.12 24.92
CA MET D 233 -40.59 3.78 26.06
C MET D 233 -39.54 4.86 26.30
N ALA D 234 -38.98 5.37 25.21
CA ALA D 234 -37.98 6.44 25.28
C ALA D 234 -38.61 7.74 25.76
N LYS D 235 -39.73 8.11 25.14
CA LYS D 235 -40.42 9.36 25.46
C LYS D 235 -40.81 9.49 26.93
N GLU D 236 -41.33 8.41 27.51
CA GLU D 236 -41.81 8.44 28.90
C GLU D 236 -40.68 8.42 29.93
N ARG D 237 -39.50 8.00 29.50
CA ARG D 237 -38.30 8.04 30.33
C ARG D 237 -37.43 9.25 29.98
N GLY D 238 -38.07 10.31 29.51
CA GLY D 238 -37.38 11.57 29.20
C GLY D 238 -36.30 11.51 28.14
N LEU D 239 -36.38 10.54 27.25
CA LEU D 239 -35.41 10.40 26.17
C LEU D 239 -36.04 10.75 24.83
N GLN D 240 -35.31 11.54 24.03
CA GLN D 240 -35.70 11.81 22.65
C GLN D 240 -35.39 10.56 21.83
N PRO D 241 -36.44 9.90 21.31
CA PRO D 241 -36.23 8.66 20.56
C PRO D 241 -35.54 8.91 19.22
N MET D 242 -34.57 8.06 18.90
CA MET D 242 -33.87 8.12 17.62
C MET D 242 -33.88 6.73 16.99
N ALA D 243 -33.92 6.70 15.66
CA ALA D 243 -33.86 5.45 14.92
C ALA D 243 -33.33 5.71 13.51
N PHE D 244 -32.78 4.67 12.90
CA PHE D 244 -32.38 4.74 11.51
C PHE D 244 -33.63 4.73 10.62
N ASN D 245 -33.48 5.19 9.38
CA ASN D 245 -34.63 5.41 8.50
C ASN D 245 -35.24 4.16 7.88
N ASP D 246 -34.41 3.13 7.70
CA ASP D 246 -34.76 1.90 6.97
C ASP D 246 -36.23 1.47 7.06
N GLY D 247 -36.73 1.33 8.29
CA GLY D 247 -38.03 0.72 8.52
C GLY D 247 -39.20 1.68 8.63
N PHE D 248 -38.98 2.95 8.31
CA PHE D 248 -40.01 3.95 8.45
C PHE D 248 -40.69 4.28 7.12
N TYR D 249 -41.99 4.01 7.05
CA TYR D 249 -42.82 4.25 5.87
C TYR D 249 -42.20 3.69 4.58
N TYR D 250 -41.77 2.44 4.64
CA TYR D 250 -41.11 1.76 3.52
C TYR D 250 -41.84 1.97 2.19
N GLU D 251 -41.10 2.46 1.21
CA GLU D 251 -41.57 2.66 -0.17
C GLU D 251 -42.65 3.74 -0.31
N ASP D 252 -42.56 4.76 0.54
CA ASP D 252 -43.44 5.93 0.50
C ASP D 252 -44.93 5.58 0.67
N LYS D 253 -45.20 4.43 1.30
CA LYS D 253 -46.57 4.01 1.59
C LYS D 253 -46.91 4.36 3.04
N ASP D 254 -48.20 4.61 3.31
CA ASP D 254 -48.63 5.00 4.65
C ASP D 254 -49.87 4.26 5.15
N ASP D 255 -50.04 3.02 4.73
CA ASP D 255 -51.10 2.17 5.28
C ASP D 255 -50.73 1.71 6.70
N VAL D 256 -49.42 1.73 6.99
CA VAL D 256 -48.90 1.43 8.33
C VAL D 256 -48.21 2.68 8.91
N GLN D 257 -48.81 3.22 9.98
CA GLN D 257 -48.36 4.49 10.58
C GLN D 257 -47.28 4.33 11.65
N PHE D 258 -46.37 5.30 11.70
CA PHE D 258 -45.26 5.28 12.65
C PHE D 258 -45.25 6.53 13.53
N ASP D 259 -44.69 6.38 14.74
CA ASP D 259 -44.52 7.46 15.71
C ASP D 259 -43.85 8.68 15.05
N LYS D 260 -44.49 9.83 15.17
CA LYS D 260 -44.04 11.04 14.46
C LYS D 260 -42.93 11.81 15.17
N ASP D 261 -42.68 11.48 16.44
CA ASP D 261 -41.68 12.16 17.25
C ASP D 261 -40.29 11.54 17.17
N VAL D 262 -40.14 10.51 16.34
CA VAL D 262 -38.86 9.81 16.22
C VAL D 262 -37.87 10.61 15.37
N LEU D 263 -36.68 10.84 15.91
CA LEU D 263 -35.60 11.52 15.19
C LEU D 263 -34.99 10.55 14.20
N ILE D 264 -35.14 10.83 12.91
CA ILE D 264 -34.73 9.90 11.87
C ILE D 264 -33.28 10.10 11.45
N SER D 265 -32.46 9.12 11.80
CA SER D 265 -31.07 9.06 11.38
C SER D 265 -31.02 8.59 9.93
N TYR D 266 -30.99 9.52 9.00
CA TYR D 266 -31.05 9.17 7.57
C TYR D 266 -29.66 8.92 7.00
N TRP D 267 -29.47 7.72 6.45
CA TRP D 267 -28.18 7.29 5.93
C TRP D 267 -28.18 6.85 4.46
N SER D 268 -29.36 6.46 3.97
CA SER D 268 -29.52 5.96 2.60
C SER D 268 -30.98 5.79 2.22
N LYS D 269 -31.28 5.93 0.93
CA LYS D 269 -32.60 5.62 0.37
C LYS D 269 -32.61 4.17 -0.12
N GLY D 270 -31.44 3.54 -0.08
CA GLY D 270 -31.32 2.15 -0.46
C GLY D 270 -30.81 1.93 -1.87
N TRP D 271 -31.16 0.76 -2.42
CA TRP D 271 -30.67 0.30 -3.71
C TRP D 271 -31.77 -0.59 -4.32
N TRP D 272 -31.49 -1.22 -5.46
CA TRP D 272 -32.48 -2.07 -6.12
C TRP D 272 -33.02 -3.16 -5.18
N GLY D 273 -34.35 -3.20 -5.05
CA GLY D 273 -35.01 -4.19 -4.18
C GLY D 273 -35.23 -3.72 -2.76
N TYR D 274 -34.32 -2.86 -2.28
CA TYR D 274 -34.36 -2.33 -0.92
C TYR D 274 -34.91 -0.90 -0.98
N ASN D 275 -36.21 -0.80 -1.22
CA ASN D 275 -36.87 0.49 -1.53
C ASN D 275 -37.24 1.31 -0.29
N LEU D 276 -36.24 1.91 0.34
CA LEU D 276 -36.49 2.75 1.51
C LEU D 276 -37.22 4.02 1.10
N ALA D 277 -37.93 4.62 2.05
CA ALA D 277 -38.61 5.88 1.82
C ALA D 277 -37.60 6.99 1.59
N SER D 278 -37.94 7.94 0.73
CA SER D 278 -37.09 9.10 0.47
C SER D 278 -37.07 10.05 1.67
N PRO D 279 -36.02 10.89 1.77
CA PRO D 279 -36.06 11.90 2.82
C PRO D 279 -37.13 12.97 2.57
N GLN D 280 -37.49 13.20 1.31
CA GLN D 280 -38.58 14.10 0.95
C GLN D 280 -39.92 13.63 1.52
N TYR D 281 -40.14 12.33 1.51
CA TYR D 281 -41.38 11.74 1.99
C TYR D 281 -41.52 11.84 3.51
N LEU D 282 -40.47 11.46 4.23
CA LEU D 282 -40.49 11.51 5.70
C LEU D 282 -40.63 12.95 6.23
N ALA D 283 -40.03 13.90 5.51
CA ALA D 283 -40.20 15.32 5.82
C ALA D 283 -41.67 15.74 5.70
N SER D 284 -42.33 15.24 4.65
CA SER D 284 -43.75 15.51 4.45
C SER D 284 -44.61 14.87 5.54
N LYS D 285 -44.04 13.86 6.21
CA LYS D 285 -44.70 13.22 7.35
C LYS D 285 -44.40 13.90 8.69
N GLY D 286 -43.50 14.88 8.68
CA GLY D 286 -43.19 15.68 9.87
C GLY D 286 -41.86 15.38 10.54
N TYR D 287 -41.15 14.36 10.06
CA TYR D 287 -39.89 13.93 10.66
C TYR D 287 -38.77 14.94 10.51
N LYS D 288 -37.96 15.05 11.55
CA LYS D 288 -36.71 15.80 11.51
C LYS D 288 -35.55 14.80 11.45
N PHE D 289 -34.52 15.14 10.69
CA PHE D 289 -33.43 14.22 10.46
C PHE D 289 -32.15 14.58 11.22
N LEU D 290 -31.42 13.55 11.62
CA LEU D 290 -29.99 13.67 11.85
C LEU D 290 -29.34 13.16 10.55
N ASN D 291 -28.62 14.04 9.88
CA ASN D 291 -27.99 13.71 8.60
C ASN D 291 -26.82 12.74 8.75
N THR D 292 -27.12 11.44 8.64
CA THR D 292 -26.12 10.38 8.77
C THR D 292 -25.71 9.86 7.38
N ASN D 293 -25.22 10.75 6.53
CA ASN D 293 -24.95 10.42 5.15
C ASN D 293 -23.94 9.27 5.00
N GLY D 294 -24.28 8.31 4.15
CA GLY D 294 -23.45 7.12 3.90
C GLY D 294 -22.13 7.40 3.18
N ASP D 295 -22.02 8.61 2.63
CA ASP D 295 -20.79 9.05 1.97
C ASP D 295 -19.66 9.27 2.97
N TRP D 296 -20.04 9.55 4.21
CA TRP D 296 -19.07 9.82 5.27
C TRP D 296 -18.70 8.55 6.04
N TYR D 297 -19.25 7.41 5.62
CA TYR D 297 -19.02 6.12 6.28
C TYR D 297 -17.59 5.61 6.14
N TYR D 298 -17.06 5.07 7.24
CA TYR D 298 -15.78 4.35 7.20
C TYR D 298 -15.85 3.05 7.98
N ILE D 299 -15.64 1.94 7.27
CA ILE D 299 -15.57 0.62 7.86
C ILE D 299 -14.10 0.31 8.18
N LEU D 300 -13.82 -0.01 9.43
CA LEU D 300 -12.45 -0.28 9.87
C LEU D 300 -11.77 -1.32 8.98
N GLY D 301 -10.61 -0.93 8.43
CA GLY D 301 -9.79 -1.83 7.61
C GLY D 301 -10.15 -1.86 6.13
N GLN D 302 -11.24 -1.18 5.77
CA GLN D 302 -11.72 -1.12 4.38
C GLN D 302 -10.69 -0.43 3.48
N LYS D 303 -10.35 -1.08 2.39
CA LYS D 303 -9.36 -0.58 1.43
C LYS D 303 -10.01 -0.24 0.11
N PRO D 304 -9.33 0.57 -0.74
CA PRO D 304 -9.88 1.01 -2.04
C PRO D 304 -10.36 -0.12 -2.96
N GLU D 305 -9.77 -1.31 -2.83
CA GLU D 305 -10.08 -2.45 -3.71
C GLU D 305 -11.48 -3.02 -3.47
N ASP D 306 -11.93 -2.99 -2.23
CA ASP D 306 -13.21 -3.57 -1.85
C ASP D 306 -14.39 -2.69 -2.21
N GLY D 307 -14.13 -1.39 -2.35
CA GLY D 307 -15.19 -0.40 -2.60
C GLY D 307 -15.94 -0.06 -1.33
N GLY D 308 -17.04 0.68 -1.48
CA GLY D 308 -17.84 1.10 -0.32
C GLY D 308 -17.09 2.13 0.50
N GLY D 309 -17.35 2.13 1.81
CA GLY D 309 -16.77 3.13 2.70
C GLY D 309 -15.34 2.86 3.12
N PHE D 310 -14.39 3.19 2.25
CA PHE D 310 -12.97 3.18 2.63
C PHE D 310 -12.48 4.59 2.95
N LEU D 311 -11.42 4.67 3.75
CA LEU D 311 -10.93 5.94 4.32
C LEU D 311 -10.80 7.06 3.29
N LYS D 312 -10.15 6.77 2.17
CA LYS D 312 -9.91 7.75 1.12
C LYS D 312 -11.22 8.34 0.58
N LYS D 313 -12.23 7.48 0.40
CA LYS D 313 -13.52 7.91 -0.14
C LYS D 313 -14.27 8.82 0.84
N ALA D 314 -14.28 8.44 2.11
CA ALA D 314 -14.96 9.19 3.15
C ALA D 314 -14.35 10.58 3.36
N ILE D 315 -13.02 10.66 3.27
CA ILE D 315 -12.30 11.94 3.35
C ILE D 315 -12.62 12.81 2.13
N GLU D 316 -12.65 12.18 0.96
CA GLU D 316 -13.05 12.83 -0.28
C GLU D 316 -14.50 13.33 -0.20
N ASN D 317 -15.41 12.46 0.22
CA ASN D 317 -16.83 12.79 0.34
C ASN D 317 -17.15 13.79 1.45
N THR D 318 -16.26 13.88 2.42
CA THR D 318 -16.34 14.88 3.49
C THR D 318 -16.39 16.31 2.93
N GLY D 319 -15.75 16.51 1.77
CA GLY D 319 -15.77 17.80 1.07
C GLY D 319 -16.71 17.81 -0.12
N LYS D 320 -16.94 16.64 -0.72
CA LYS D 320 -17.83 16.52 -1.88
C LYS D 320 -19.30 16.61 -1.49
N THR D 321 -19.69 15.87 -0.44
CA THR D 321 -21.04 15.91 0.07
C THR D 321 -21.17 17.05 1.10
N PRO D 322 -22.07 18.02 0.84
CA PRO D 322 -22.31 19.13 1.75
C PRO D 322 -22.85 18.67 3.11
N PHE D 323 -22.65 19.51 4.13
CA PHE D 323 -23.06 19.22 5.51
C PHE D 323 -24.56 18.92 5.62
N ASN D 324 -25.37 19.70 4.90
CA ASN D 324 -26.83 19.59 4.99
C ASN D 324 -27.45 18.63 3.98
N GLN D 325 -26.63 18.05 3.11
CA GLN D 325 -27.16 17.14 2.09
C GLN D 325 -27.53 15.79 2.69
N LEU D 326 -28.81 15.45 2.59
CA LEU D 326 -29.29 14.12 2.97
C LEU D 326 -29.08 13.16 1.81
N ALA D 327 -28.84 11.89 2.14
CA ALA D 327 -28.60 10.86 1.13
C ALA D 327 -29.70 10.80 0.08
N SER D 328 -29.30 10.61 -1.18
CA SER D 328 -30.19 10.55 -2.35
C SER D 328 -30.81 11.89 -2.77
N THR D 329 -30.31 13.00 -2.22
CA THR D 329 -30.77 14.33 -2.64
C THR D 329 -29.60 15.22 -3.02
N LYS D 330 -29.92 16.27 -3.80
CA LYS D 330 -28.94 17.26 -4.23
C LYS D 330 -29.19 18.58 -3.49
N TYR D 331 -28.19 19.04 -2.75
CA TYR D 331 -28.28 20.26 -1.95
C TYR D 331 -27.59 21.42 -2.68
N PRO D 332 -28.20 22.62 -2.65
CA PRO D 332 -29.42 23.02 -1.94
C PRO D 332 -30.74 22.89 -2.73
N GLU D 333 -30.71 22.20 -3.87
CA GLU D 333 -31.92 22.02 -4.69
C GLU D 333 -33.05 21.38 -3.86
N VAL D 334 -32.68 20.41 -3.03
CA VAL D 334 -33.57 19.88 -2.01
C VAL D 334 -33.03 20.30 -0.64
N ASP D 335 -33.82 21.11 0.06
CA ASP D 335 -33.44 21.64 1.36
C ASP D 335 -34.43 21.15 2.42
N LEU D 336 -33.97 20.23 3.27
CA LEU D 336 -34.82 19.64 4.30
C LEU D 336 -34.29 19.94 5.70
N PRO D 337 -35.18 19.96 6.72
CA PRO D 337 -34.75 20.29 8.07
C PRO D 337 -33.91 19.19 8.71
N THR D 338 -32.67 19.51 9.05
CA THR D 338 -31.82 18.62 9.82
C THR D 338 -31.48 19.27 11.15
N VAL D 339 -31.37 18.46 12.20
CA VAL D 339 -30.93 18.95 13.50
C VAL D 339 -29.39 19.03 13.56
N GLY D 340 -28.76 18.48 12.52
CA GLY D 340 -27.31 18.37 12.44
C GLY D 340 -26.89 17.12 11.67
N SER D 341 -25.58 16.89 11.62
CA SER D 341 -25.02 15.78 10.85
C SER D 341 -24.23 14.80 11.71
N MET D 342 -24.11 13.56 11.24
CA MET D 342 -23.34 12.53 11.92
C MET D 342 -22.38 11.80 10.96
N LEU D 343 -21.10 11.78 11.33
CA LEU D 343 -20.08 11.02 10.59
C LEU D 343 -19.84 9.68 11.28
N SER D 344 -19.96 8.59 10.54
CA SER D 344 -20.03 7.27 11.14
C SER D 344 -18.80 6.39 10.91
N ILE D 345 -18.38 5.71 11.97
CA ILE D 345 -17.31 4.73 11.92
C ILE D 345 -17.91 3.35 12.24
N TRP D 346 -17.74 2.40 11.34
CA TRP D 346 -18.32 1.07 11.50
C TRP D 346 -17.25 -0.01 11.58
N ALA D 347 -17.61 -1.14 12.19
CA ALA D 347 -16.68 -2.25 12.35
C ALA D 347 -17.27 -3.57 11.85
N ASP D 348 -17.74 -3.56 10.60
CA ASP D 348 -18.35 -4.74 9.97
C ASP D 348 -17.55 -6.01 10.21
N ARG D 349 -16.25 -5.95 9.90
CA ARG D 349 -15.30 -6.97 10.29
C ARG D 349 -14.60 -6.46 11.54
N PRO D 350 -15.05 -6.91 12.72
CA PRO D 350 -14.59 -6.35 13.98
C PRO D 350 -13.16 -6.75 14.36
N SER D 351 -12.63 -7.75 13.67
CA SER D 351 -11.26 -8.20 13.89
C SER D 351 -10.21 -7.26 13.27
N ALA D 352 -10.68 -6.35 12.41
CA ALA D 352 -9.80 -5.34 11.80
C ALA D 352 -9.24 -4.42 12.86
N GLU D 353 -8.00 -3.97 12.66
CA GLU D 353 -7.33 -3.12 13.64
C GLU D 353 -7.96 -1.72 13.68
N TYR D 354 -8.23 -1.24 14.89
CA TYR D 354 -8.67 0.12 15.08
C TYR D 354 -7.45 1.04 15.14
N LYS D 355 -7.29 1.85 14.11
CA LYS D 355 -6.23 2.84 14.04
C LYS D 355 -6.79 4.22 14.35
N GLU D 356 -6.43 4.72 15.54
CA GLU D 356 -6.93 5.99 16.05
C GLU D 356 -6.72 7.16 15.09
N GLU D 357 -5.65 7.09 14.31
CA GLU D 357 -5.21 8.19 13.45
C GLU D 357 -6.13 8.36 12.25
N GLU D 358 -6.62 7.25 11.71
CA GLU D 358 -7.55 7.26 10.57
C GLU D 358 -8.83 8.01 10.94
N ILE D 359 -9.39 7.66 12.09
CA ILE D 359 -10.64 8.24 12.58
C ILE D 359 -10.44 9.72 12.89
N PHE D 360 -9.36 10.04 13.60
CA PHE D 360 -9.00 11.41 13.93
C PHE D 360 -8.83 12.27 12.67
N GLU D 361 -8.28 11.68 11.61
CA GLU D 361 -8.06 12.37 10.35
C GLU D 361 -9.39 12.64 9.62
N LEU D 362 -10.25 11.63 9.59
CA LEU D 362 -11.58 11.77 8.98
C LEU D 362 -12.42 12.78 9.77
N MET D 363 -12.39 12.67 11.10
CA MET D 363 -13.05 13.62 11.99
C MET D 363 -12.59 15.06 11.72
N THR D 364 -11.29 15.25 11.54
CA THR D 364 -10.68 16.56 11.30
C THR D 364 -11.16 17.17 9.98
N ALA D 365 -11.16 16.36 8.92
CA ALA D 365 -11.56 16.81 7.59
C ALA D 365 -13.01 17.28 7.56
N PHE D 366 -13.88 16.57 8.29
CA PHE D 366 -15.29 16.93 8.38
C PHE D 366 -15.48 18.31 9.04
N ALA D 367 -14.66 18.57 10.06
CA ALA D 367 -14.66 19.86 10.75
C ALA D 367 -14.03 20.96 9.90
N ASP D 368 -12.98 20.61 9.14
CA ASP D 368 -12.25 21.57 8.31
C ASP D 368 -13.07 22.07 7.12
N HIS D 369 -13.82 21.17 6.47
CA HIS D 369 -14.69 21.56 5.36
C HIS D 369 -15.93 22.31 5.84
N ASN D 370 -16.16 22.31 7.16
CA ASN D 370 -17.34 22.91 7.75
C ASN D 370 -17.05 23.77 8.99
N LYS D 371 -16.02 24.60 8.90
CA LYS D 371 -15.56 25.45 10.00
C LYS D 371 -16.63 26.40 10.53
N ASP D 372 -17.61 26.72 9.69
CA ASP D 372 -18.74 27.57 10.06
C ASP D 372 -19.75 26.84 10.96
N TYR D 373 -19.73 25.51 10.92
CA TYR D 373 -20.63 24.68 11.73
C TYR D 373 -20.02 24.24 13.06
N PHE D 374 -18.72 23.95 13.05
CA PHE D 374 -18.04 23.41 14.22
C PHE D 374 -17.54 24.51 15.17
N ARG D 375 -17.54 24.23 16.47
CA ARG D 375 -16.98 25.16 17.46
C ARG D 375 -15.46 25.22 17.36
N ALA D 376 -14.88 26.22 18.00
CA ALA D 376 -13.44 26.32 18.12
C ALA D 376 -12.96 25.37 19.23
N ASN D 377 -11.64 25.21 19.34
CA ASN D 377 -11.05 24.39 20.40
C ASN D 377 -10.97 25.14 21.72
N TYR D 378 -11.83 24.74 22.66
CA TYR D 378 -11.94 25.42 23.96
C TYR D 378 -11.21 24.71 25.11
N ASN D 379 -10.27 23.82 24.78
CA ASN D 379 -9.51 23.09 25.79
C ASN D 379 -8.44 23.94 26.49
N ALA D 380 -7.74 24.77 25.72
CA ALA D 380 -6.74 25.68 26.26
C ALA D 380 -7.36 26.78 27.12
N LEU D 381 -8.62 27.11 26.85
CA LEU D 381 -9.37 28.08 27.65
C LEU D 381 -9.80 27.47 28.99
N ARG D 382 -10.08 26.17 28.99
CA ARG D 382 -10.44 25.46 30.22
C ARG D 382 -9.22 25.12 31.08
N GLU D 383 -8.02 25.25 30.49
CA GLU D 383 -6.77 25.04 31.22
C GLU D 383 -6.27 26.31 31.92
N GLU D 384 -6.67 27.47 31.41
CA GLU D 384 -6.33 28.74 32.03
C GLU D 384 -7.38 29.15 33.06
N LEU D 385 -8.60 28.66 32.86
CA LEU D 385 -9.71 28.88 33.80
C LEU D 385 -9.58 28.00 35.04
N ALA D 386 -8.85 26.89 34.91
CA ALA D 386 -8.60 25.98 36.02
C ALA D 386 -7.33 26.38 36.80
N LYS D 387 -6.66 27.41 36.32
CA LYS D 387 -5.44 27.93 36.95
C LYS D 387 -5.73 29.13 37.85
N ILE D 388 -6.90 29.76 37.66
CA ILE D 388 -7.30 30.93 38.45
C ILE D 388 -7.68 30.53 39.89
N PRO D 389 -7.23 31.32 40.89
CA PRO D 389 -7.57 31.08 42.30
C PRO D 389 -9.06 31.16 42.59
N SER D 396 -3.68 41.79 46.16
CA SER D 396 -3.48 42.76 45.09
C SER D 396 -4.81 43.11 44.42
N LYS D 397 -5.11 44.41 44.36
CA LYS D 397 -6.41 44.90 43.86
C LYS D 397 -6.42 45.18 42.37
N GLU D 398 -5.39 45.88 41.88
CA GLU D 398 -5.25 46.20 40.46
C GLU D 398 -4.88 44.98 39.59
N SER D 399 -4.45 43.90 40.24
CA SER D 399 -4.21 42.62 39.57
C SER D 399 -5.51 41.83 39.38
N LEU D 400 -6.50 42.16 40.21
CA LEU D 400 -7.84 41.56 40.11
C LEU D 400 -8.74 42.33 39.14
N GLU D 401 -8.26 43.49 38.69
CA GLU D 401 -8.97 44.31 37.71
C GLU D 401 -8.82 43.76 36.29
N ALA D 402 -7.59 43.37 35.94
CA ALA D 402 -7.29 42.82 34.61
C ALA D 402 -7.79 41.40 34.45
N LEU D 403 -7.66 40.59 35.51
CA LEU D 403 -8.12 39.20 35.51
C LEU D 403 -9.64 39.06 35.45
N ASP D 404 -10.34 40.18 35.72
CA ASP D 404 -11.79 40.24 35.61
C ASP D 404 -12.20 40.82 34.25
N ALA D 405 -11.40 41.73 33.73
CA ALA D 405 -11.67 42.39 32.45
C ALA D 405 -11.41 41.48 31.25
N ALA D 406 -10.39 40.64 31.35
CA ALA D 406 -10.04 39.68 30.29
C ALA D 406 -11.03 38.51 30.26
N LYS D 407 -11.57 38.16 31.42
CA LYS D 407 -12.56 37.09 31.55
C LYS D 407 -13.92 37.50 30.98
N THR D 408 -14.20 38.80 31.06
CA THR D 408 -15.42 39.38 30.51
C THR D 408 -15.33 39.47 28.98
N ALA D 409 -14.10 39.53 28.46
CA ALA D 409 -13.86 39.61 27.03
C ALA D 409 -13.82 38.23 26.34
N LEU D 410 -13.97 37.16 27.13
CA LEU D 410 -13.95 35.79 26.60
C LEU D 410 -15.21 35.47 25.80
N ASN D 411 -15.00 34.78 24.67
CA ASN D 411 -16.08 34.45 23.75
C ASN D 411 -16.26 32.94 23.64
N TYR D 412 -17.41 32.45 24.10
CA TYR D 412 -17.72 31.02 24.07
C TYR D 412 -18.52 30.61 22.81
N ASN D 413 -18.73 31.57 21.92
CA ASN D 413 -19.55 31.37 20.74
C ASN D 413 -18.75 31.36 19.43
N LEU D 414 -17.45 31.07 19.55
CA LEU D 414 -16.55 31.10 18.40
C LEU D 414 -16.50 29.77 17.66
N ASN D 415 -16.66 29.83 16.35
CA ASN D 415 -16.55 28.65 15.49
C ASN D 415 -15.09 28.36 15.12
N ARG D 416 -14.88 27.27 14.37
CA ARG D 416 -13.53 26.81 14.00
C ARG D 416 -12.74 27.82 13.16
N ASN D 417 -13.45 28.66 12.39
CA ASN D 417 -12.84 29.74 11.61
C ASN D 417 -12.17 30.83 12.45
N LYS D 418 -12.56 30.92 13.71
CA LYS D 418 -12.11 32.00 14.59
C LYS D 418 -11.24 31.50 15.76
N GLN D 419 -10.33 30.57 15.44
CA GLN D 419 -9.45 29.98 16.46
C GLN D 419 -8.35 30.95 16.91
N ALA D 420 -7.72 31.63 15.96
CA ALA D 420 -6.72 32.65 16.25
C ALA D 420 -7.31 33.76 17.11
N GLU D 421 -8.56 34.12 16.81
CA GLU D 421 -9.33 35.08 17.60
C GLU D 421 -9.48 34.61 19.05
N LEU D 422 -9.72 33.31 19.22
CA LEU D 422 -9.85 32.71 20.56
C LEU D 422 -8.50 32.61 21.27
N ASP D 423 -7.45 32.26 20.52
CA ASP D 423 -6.10 32.14 21.06
C ASP D 423 -5.62 33.45 21.68
N THR D 424 -5.93 34.56 21.02
CA THR D 424 -5.59 35.90 21.51
C THR D 424 -6.28 36.22 22.84
N LEU D 425 -7.55 35.85 22.95
CA LEU D 425 -8.33 36.06 24.16
C LEU D 425 -7.85 35.23 25.35
N VAL D 426 -7.25 34.07 25.05
CA VAL D 426 -6.62 33.24 26.07
C VAL D 426 -5.25 33.80 26.44
N ALA D 427 -4.55 34.35 25.45
CA ALA D 427 -3.25 35.01 25.65
C ALA D 427 -3.39 36.26 26.51
N ASN D 428 -4.50 36.98 26.33
CA ASN D 428 -4.81 38.15 27.15
C ASN D 428 -5.16 37.78 28.59
N LEU D 429 -5.75 36.60 28.75
CA LEU D 429 -6.08 36.07 30.08
C LEU D 429 -4.83 35.62 30.82
N LYS D 430 -3.88 35.04 30.09
CA LYS D 430 -2.59 34.61 30.65
C LYS D 430 -1.81 35.78 31.26
N ALA D 431 -1.80 36.90 30.54
CA ALA D 431 -1.16 38.14 31.01
C ALA D 431 -1.93 38.78 32.18
N ALA D 432 -3.18 38.38 32.36
CA ALA D 432 -4.02 38.88 33.45
C ALA D 432 -3.77 38.10 34.75
N LEU D 433 -3.40 36.82 34.61
CA LEU D 433 -3.11 35.96 35.76
C LEU D 433 -1.77 36.27 36.42
N GLN D 434 -0.95 37.07 35.75
CA GLN D 434 0.38 37.45 36.24
C GLN D 434 0.50 38.97 36.34
#